data_5QOL
# 
_entry.id   5QOL 
# 
_audit_conform.dict_name       mmcif_pdbx.dic 
_audit_conform.dict_version    5.387 
_audit_conform.dict_location   http://mmcif.pdb.org/dictionaries/ascii/mmcif_pdbx.dic 
# 
loop_
_database_2.database_id 
_database_2.database_code 
_database_2.pdbx_database_accession 
_database_2.pdbx_DOI 
PDB   5QOL         pdb_00005qol 10.2210/pdb5qol/pdb 
WWPDB D_1001402210 ?            ?                   
# 
loop_
_pdbx_audit_revision_history.ordinal 
_pdbx_audit_revision_history.data_content_type 
_pdbx_audit_revision_history.major_revision 
_pdbx_audit_revision_history.minor_revision 
_pdbx_audit_revision_history.revision_date 
1 'Structure model' 1 0 2019-05-08 
2 'Structure model' 1 1 2019-11-20 
3 'Structure model' 1 2 2024-03-06 
# 
_pdbx_audit_revision_details.ordinal             1 
_pdbx_audit_revision_details.revision_ordinal    1 
_pdbx_audit_revision_details.data_content_type   'Structure model' 
_pdbx_audit_revision_details.provider            repository 
_pdbx_audit_revision_details.type                'Initial release' 
_pdbx_audit_revision_details.description         ? 
_pdbx_audit_revision_details.details             ? 
# 
loop_
_pdbx_audit_revision_group.ordinal 
_pdbx_audit_revision_group.revision_ordinal 
_pdbx_audit_revision_group.data_content_type 
_pdbx_audit_revision_group.group 
1 2 'Structure model' 'Data collection'     
2 3 'Structure model' 'Data collection'     
3 3 'Structure model' 'Database references' 
# 
loop_
_pdbx_audit_revision_category.ordinal 
_pdbx_audit_revision_category.revision_ordinal 
_pdbx_audit_revision_category.data_content_type 
_pdbx_audit_revision_category.category 
1 2 'Structure model' diffrn_source  
2 3 'Structure model' chem_comp_atom 
3 3 'Structure model' chem_comp_bond 
4 3 'Structure model' database_2     
# 
loop_
_pdbx_audit_revision_item.ordinal 
_pdbx_audit_revision_item.revision_ordinal 
_pdbx_audit_revision_item.data_content_type 
_pdbx_audit_revision_item.item 
1 2 'Structure model' '_diffrn_source.pdbx_synchrotron_beamline' 
2 2 'Structure model' '_diffrn_source.type'                      
3 3 'Structure model' '_database_2.pdbx_DOI'                     
4 3 'Structure model' '_database_2.pdbx_database_accession'      
# 
_pdbx_database_status.entry_id                        5QOL 
_pdbx_database_status.status_code                     REL 
_pdbx_database_status.status_code_sf                  REL 
_pdbx_database_status.status_code_mr                  ? 
_pdbx_database_status.status_code_cs                  ? 
_pdbx_database_status.recvd_initial_deposition_date   2019-02-22 
_pdbx_database_status.deposit_site                    RCSB 
_pdbx_database_status.process_site                    RCSB 
_pdbx_database_status.SG_entry                        ? 
_pdbx_database_status.pdb_format_compatible           Y 
_pdbx_database_status.methods_development_category    ? 
_pdbx_database_status.status_code_nmr_data            ? 
# 
loop_
_audit_author.name 
_audit_author.pdbx_ordinal 
_audit_author.identifier_ORCID 
'Nelson, E.R.'      1  ? 
'Velupillai, S.'    2  ? 
'Talon, R.'         3  ? 
'Collins, P.M.'     4  ? 
'Krojer, T.'        5  ? 
'Wang, D.'          6  ? 
'Brandao-Neto, J.'  7  ? 
'Douangamath, A.'   8  ? 
'Burgess-Brown, N.' 9  ? 
'Arrowsmith, C.H.'  10 ? 
'Bountra, C.'       11 ? 
'Huber, K.'         12 ? 
'von Delft, F.'     13 ? 
# 
_citation.id                        primary 
_citation.title                     'PanDDA analysis group deposition' 
_citation.journal_abbrev            'To Be Published' 
_citation.journal_volume            ? 
_citation.page_first                ? 
_citation.page_last                 ? 
_citation.year                      ? 
_citation.journal_id_ASTM           ? 
_citation.country                   ? 
_citation.journal_id_ISSN           ? 
_citation.journal_id_CSD            0353 
_citation.book_publisher            ? 
_citation.pdbx_database_id_PubMed   ? 
_citation.pdbx_database_id_DOI      ? 
# 
loop_
_citation_author.citation_id 
_citation_author.name 
_citation_author.identifier_ORCID 
_citation_author.ordinal 
primary 'Nelson, E.R.'      ? 1  
primary 'Velupillai, S.'    ? 2  
primary 'Talon, R.'         ? 3  
primary 'Collins, P.M.'     ? 4  
primary 'Krojer, T.'        ? 5  
primary 'Wang, D.'          ? 6  
primary 'Brandao-Neto, J.'  ? 7  
primary 'Douangamath, A.'   ? 8  
primary 'Burgess-Brown, N.' ? 9  
primary 'Arrowsmith, C.H.'  ? 10 
primary 'Bountra, C.'       ? 11 
primary 'Huber, K.'         ? 12 
primary 'von Delft, F.'     ? 13 
# 
loop_
_entity.id 
_entity.type 
_entity.src_method 
_entity.pdbx_description 
_entity.formula_weight 
_entity.pdbx_number_of_molecules 
_entity.pdbx_ec 
_entity.pdbx_mutation 
_entity.pdbx_fragment 
_entity.details 
1 polymer     man 'DCP2 (NUDT20)'                                   19073.738 1  3.6.1.62 ? 'UNP residues 95-260' ? 
2 non-polymer syn 1,2-ETHANEDIOL                                    62.068    2  ?        ? ?                     ? 
3 non-polymer syn 'DIMETHYL SULFOXIDE'                              78.133    1  ?        ? ?                     ? 
4 non-polymer syn 'ACETATE ION'                                     59.044    2  ?        ? ?                     ? 
5 non-polymer syn '(azepan-1-yl)(2H-1,3-benzodioxol-5-yl)methanone' 247.290   1  ?        ? ?                     ? 
6 water       nat water                                             18.015    90 ?        ? ?                     ? 
# 
_entity_name_com.entity_id   1 
_entity_name_com.name        
'Nucleoside diphosphate-linked moiety X motif 20, Nudix motif 20, mRNA-decapping enzyme 2, hDpc, m7GpppN-mRNA hydrolase' 
# 
_entity_poly.entity_id                      1 
_entity_poly.type                           'polypeptide(L)' 
_entity_poly.nstd_linkage                   no 
_entity_poly.nstd_monomer                   no 
_entity_poly.pdbx_seq_one_letter_code       
;SMGVPTYGAIILDETLENVLLVQGYLAKSGWGFPKGKVNKEEAPHDCAAREVFEETGFDIKDYICKDDYIELRINDQLAR
LYIIPGIPKDTKFNPKTRREIRNIEWFSIEKLPCHRNDMTPKSKLGLAPNKFFMAIPFIRPLRDWLSRRFGDSSDSDNGF
SSTGSTP
;
_entity_poly.pdbx_seq_one_letter_code_can   
;SMGVPTYGAIILDETLENVLLVQGYLAKSGWGFPKGKVNKEEAPHDCAAREVFEETGFDIKDYICKDDYIELRINDQLAR
LYIIPGIPKDTKFNPKTRREIRNIEWFSIEKLPCHRNDMTPKSKLGLAPNKFFMAIPFIRPLRDWLSRRFGDSSDSDNGF
SSTGSTP
;
_entity_poly.pdbx_strand_id                 A 
_entity_poly.pdbx_target_identifier         ? 
# 
loop_
_pdbx_entity_nonpoly.entity_id 
_pdbx_entity_nonpoly.name 
_pdbx_entity_nonpoly.comp_id 
2 1,2-ETHANEDIOL                                    EDO 
3 'DIMETHYL SULFOXIDE'                              DMS 
4 'ACETATE ION'                                     ACT 
5 '(azepan-1-yl)(2H-1,3-benzodioxol-5-yl)methanone' JGP 
6 water                                             HOH 
# 
loop_
_entity_poly_seq.entity_id 
_entity_poly_seq.num 
_entity_poly_seq.mon_id 
_entity_poly_seq.hetero 
1 1   SER n 
1 2   MET n 
1 3   GLY n 
1 4   VAL n 
1 5   PRO n 
1 6   THR n 
1 7   TYR n 
1 8   GLY n 
1 9   ALA n 
1 10  ILE n 
1 11  ILE n 
1 12  LEU n 
1 13  ASP n 
1 14  GLU n 
1 15  THR n 
1 16  LEU n 
1 17  GLU n 
1 18  ASN n 
1 19  VAL n 
1 20  LEU n 
1 21  LEU n 
1 22  VAL n 
1 23  GLN n 
1 24  GLY n 
1 25  TYR n 
1 26  LEU n 
1 27  ALA n 
1 28  LYS n 
1 29  SER n 
1 30  GLY n 
1 31  TRP n 
1 32  GLY n 
1 33  PHE n 
1 34  PRO n 
1 35  LYS n 
1 36  GLY n 
1 37  LYS n 
1 38  VAL n 
1 39  ASN n 
1 40  LYS n 
1 41  GLU n 
1 42  GLU n 
1 43  ALA n 
1 44  PRO n 
1 45  HIS n 
1 46  ASP n 
1 47  CYS n 
1 48  ALA n 
1 49  ALA n 
1 50  ARG n 
1 51  GLU n 
1 52  VAL n 
1 53  PHE n 
1 54  GLU n 
1 55  GLU n 
1 56  THR n 
1 57  GLY n 
1 58  PHE n 
1 59  ASP n 
1 60  ILE n 
1 61  LYS n 
1 62  ASP n 
1 63  TYR n 
1 64  ILE n 
1 65  CYS n 
1 66  LYS n 
1 67  ASP n 
1 68  ASP n 
1 69  TYR n 
1 70  ILE n 
1 71  GLU n 
1 72  LEU n 
1 73  ARG n 
1 74  ILE n 
1 75  ASN n 
1 76  ASP n 
1 77  GLN n 
1 78  LEU n 
1 79  ALA n 
1 80  ARG n 
1 81  LEU n 
1 82  TYR n 
1 83  ILE n 
1 84  ILE n 
1 85  PRO n 
1 86  GLY n 
1 87  ILE n 
1 88  PRO n 
1 89  LYS n 
1 90  ASP n 
1 91  THR n 
1 92  LYS n 
1 93  PHE n 
1 94  ASN n 
1 95  PRO n 
1 96  LYS n 
1 97  THR n 
1 98  ARG n 
1 99  ARG n 
1 100 GLU n 
1 101 ILE n 
1 102 ARG n 
1 103 ASN n 
1 104 ILE n 
1 105 GLU n 
1 106 TRP n 
1 107 PHE n 
1 108 SER n 
1 109 ILE n 
1 110 GLU n 
1 111 LYS n 
1 112 LEU n 
1 113 PRO n 
1 114 CYS n 
1 115 HIS n 
1 116 ARG n 
1 117 ASN n 
1 118 ASP n 
1 119 MET n 
1 120 THR n 
1 121 PRO n 
1 122 LYS n 
1 123 SER n 
1 124 LYS n 
1 125 LEU n 
1 126 GLY n 
1 127 LEU n 
1 128 ALA n 
1 129 PRO n 
1 130 ASN n 
1 131 LYS n 
1 132 PHE n 
1 133 PHE n 
1 134 MET n 
1 135 ALA n 
1 136 ILE n 
1 137 PRO n 
1 138 PHE n 
1 139 ILE n 
1 140 ARG n 
1 141 PRO n 
1 142 LEU n 
1 143 ARG n 
1 144 ASP n 
1 145 TRP n 
1 146 LEU n 
1 147 SER n 
1 148 ARG n 
1 149 ARG n 
1 150 PHE n 
1 151 GLY n 
1 152 ASP n 
1 153 SER n 
1 154 SER n 
1 155 ASP n 
1 156 SER n 
1 157 ASP n 
1 158 ASN n 
1 159 GLY n 
1 160 PHE n 
1 161 SER n 
1 162 SER n 
1 163 THR n 
1 164 GLY n 
1 165 SER n 
1 166 THR n 
1 167 PRO n 
# 
_entity_src_gen.entity_id                          1 
_entity_src_gen.pdbx_src_id                        1 
_entity_src_gen.pdbx_alt_source_flag               sample 
_entity_src_gen.pdbx_seq_type                      'Biological sequence' 
_entity_src_gen.pdbx_beg_seq_num                   1 
_entity_src_gen.pdbx_end_seq_num                   167 
_entity_src_gen.gene_src_common_name               Human 
_entity_src_gen.gene_src_genus                     ? 
_entity_src_gen.pdbx_gene_src_gene                 'DCP2, NUDT20' 
_entity_src_gen.gene_src_species                   ? 
_entity_src_gen.gene_src_strain                    ? 
_entity_src_gen.gene_src_tissue                    ? 
_entity_src_gen.gene_src_tissue_fraction           ? 
_entity_src_gen.gene_src_details                   ? 
_entity_src_gen.pdbx_gene_src_fragment             ? 
_entity_src_gen.pdbx_gene_src_scientific_name      'Homo sapiens' 
_entity_src_gen.pdbx_gene_src_ncbi_taxonomy_id     9606 
_entity_src_gen.pdbx_gene_src_variant              ? 
_entity_src_gen.pdbx_gene_src_cell_line            ? 
_entity_src_gen.pdbx_gene_src_atcc                 ? 
_entity_src_gen.pdbx_gene_src_organ                ? 
_entity_src_gen.pdbx_gene_src_organelle            ? 
_entity_src_gen.pdbx_gene_src_cell                 ? 
_entity_src_gen.pdbx_gene_src_cellular_location    ? 
_entity_src_gen.host_org_common_name               ? 
_entity_src_gen.pdbx_host_org_scientific_name      'Escherichia coli' 
_entity_src_gen.pdbx_host_org_ncbi_taxonomy_id     562 
_entity_src_gen.host_org_genus                     ? 
_entity_src_gen.pdbx_host_org_gene                 ? 
_entity_src_gen.pdbx_host_org_organ                ? 
_entity_src_gen.host_org_species                   ? 
_entity_src_gen.pdbx_host_org_tissue               ? 
_entity_src_gen.pdbx_host_org_tissue_fraction      ? 
_entity_src_gen.pdbx_host_org_strain               ? 
_entity_src_gen.pdbx_host_org_variant              ? 
_entity_src_gen.pdbx_host_org_cell_line            ? 
_entity_src_gen.pdbx_host_org_atcc                 ? 
_entity_src_gen.pdbx_host_org_culture_collection   ? 
_entity_src_gen.pdbx_host_org_cell                 ? 
_entity_src_gen.pdbx_host_org_organelle            ? 
_entity_src_gen.pdbx_host_org_cellular_location    ? 
_entity_src_gen.pdbx_host_org_vector_type          ? 
_entity_src_gen.pdbx_host_org_vector               ? 
_entity_src_gen.host_org_details                   ? 
_entity_src_gen.expression_system_id               ? 
_entity_src_gen.plasmid_name                       ? 
_entity_src_gen.plasmid_details                    ? 
_entity_src_gen.pdbx_description                   ? 
# 
loop_
_chem_comp.id 
_chem_comp.type 
_chem_comp.mon_nstd_flag 
_chem_comp.name 
_chem_comp.pdbx_synonyms 
_chem_comp.formula 
_chem_comp.formula_weight 
ACT non-polymer         . 'ACETATE ION'                                     ?                 'C2 H3 O2 -1'    59.044  
ALA 'L-peptide linking' y ALANINE                                           ?                 'C3 H7 N O2'     89.093  
ARG 'L-peptide linking' y ARGININE                                          ?                 'C6 H15 N4 O2 1' 175.209 
ASN 'L-peptide linking' y ASPARAGINE                                        ?                 'C4 H8 N2 O3'    132.118 
ASP 'L-peptide linking' y 'ASPARTIC ACID'                                   ?                 'C4 H7 N O4'     133.103 
CYS 'L-peptide linking' y CYSTEINE                                          ?                 'C3 H7 N O2 S'   121.158 
DMS non-polymer         . 'DIMETHYL SULFOXIDE'                              ?                 'C2 H6 O S'      78.133  
EDO non-polymer         . 1,2-ETHANEDIOL                                    'ETHYLENE GLYCOL' 'C2 H6 O2'       62.068  
GLN 'L-peptide linking' y GLUTAMINE                                         ?                 'C5 H10 N2 O3'   146.144 
GLU 'L-peptide linking' y 'GLUTAMIC ACID'                                   ?                 'C5 H9 N O4'     147.129 
GLY 'peptide linking'   y GLYCINE                                           ?                 'C2 H5 N O2'     75.067  
HIS 'L-peptide linking' y HISTIDINE                                         ?                 'C6 H10 N3 O2 1' 156.162 
HOH non-polymer         . WATER                                             ?                 'H2 O'           18.015  
ILE 'L-peptide linking' y ISOLEUCINE                                        ?                 'C6 H13 N O2'    131.173 
JGP non-polymer         . '(azepan-1-yl)(2H-1,3-benzodioxol-5-yl)methanone' ?                 'C14 H17 N O3'   247.290 
LEU 'L-peptide linking' y LEUCINE                                           ?                 'C6 H13 N O2'    131.173 
LYS 'L-peptide linking' y LYSINE                                            ?                 'C6 H15 N2 O2 1' 147.195 
MET 'L-peptide linking' y METHIONINE                                        ?                 'C5 H11 N O2 S'  149.211 
PHE 'L-peptide linking' y PHENYLALANINE                                     ?                 'C9 H11 N O2'    165.189 
PRO 'L-peptide linking' y PROLINE                                           ?                 'C5 H9 N O2'     115.130 
SER 'L-peptide linking' y SERINE                                            ?                 'C3 H7 N O3'     105.093 
THR 'L-peptide linking' y THREONINE                                         ?                 'C4 H9 N O3'     119.119 
TRP 'L-peptide linking' y TRYPTOPHAN                                        ?                 'C11 H12 N2 O2'  204.225 
TYR 'L-peptide linking' y TYROSINE                                          ?                 'C9 H11 N O3'    181.189 
VAL 'L-peptide linking' y VALINE                                            ?                 'C5 H11 N O2'    117.146 
# 
loop_
_pdbx_poly_seq_scheme.asym_id 
_pdbx_poly_seq_scheme.entity_id 
_pdbx_poly_seq_scheme.seq_id 
_pdbx_poly_seq_scheme.mon_id 
_pdbx_poly_seq_scheme.ndb_seq_num 
_pdbx_poly_seq_scheme.pdb_seq_num 
_pdbx_poly_seq_scheme.auth_seq_num 
_pdbx_poly_seq_scheme.pdb_mon_id 
_pdbx_poly_seq_scheme.auth_mon_id 
_pdbx_poly_seq_scheme.pdb_strand_id 
_pdbx_poly_seq_scheme.pdb_ins_code 
_pdbx_poly_seq_scheme.hetero 
A 1 1   SER 1   94  ?   ?   ?   A . n 
A 1 2   MET 2   95  ?   ?   ?   A . n 
A 1 3   GLY 3   96  96  GLY GLY A . n 
A 1 4   VAL 4   97  97  VAL VAL A . n 
A 1 5   PRO 5   98  98  PRO PRO A . n 
A 1 6   THR 6   99  99  THR THR A . n 
A 1 7   TYR 7   100 100 TYR TYR A . n 
A 1 8   GLY 8   101 101 GLY GLY A . n 
A 1 9   ALA 9   102 102 ALA ALA A . n 
A 1 10  ILE 10  103 103 ILE ILE A . n 
A 1 11  ILE 11  104 104 ILE ILE A . n 
A 1 12  LEU 12  105 105 LEU LEU A . n 
A 1 13  ASP 13  106 106 ASP ASP A . n 
A 1 14  GLU 14  107 107 GLU GLU A . n 
A 1 15  THR 15  108 108 THR THR A . n 
A 1 16  LEU 16  109 109 LEU LEU A . n 
A 1 17  GLU 17  110 110 GLU GLU A . n 
A 1 18  ASN 18  111 111 ASN ASN A . n 
A 1 19  VAL 19  112 112 VAL VAL A . n 
A 1 20  LEU 20  113 113 LEU LEU A . n 
A 1 21  LEU 21  114 114 LEU LEU A . n 
A 1 22  VAL 22  115 115 VAL VAL A . n 
A 1 23  GLN 23  116 116 GLN GLN A . n 
A 1 24  GLY 24  117 117 GLY GLY A . n 
A 1 25  TYR 25  118 118 TYR TYR A . n 
A 1 26  LEU 26  119 119 LEU LEU A . n 
A 1 27  ALA 27  120 120 ALA ALA A . n 
A 1 28  LYS 28  121 121 LYS LYS A . n 
A 1 29  SER 29  122 122 SER SER A . n 
A 1 30  GLY 30  123 123 GLY GLY A . n 
A 1 31  TRP 31  124 124 TRP TRP A . n 
A 1 32  GLY 32  125 125 GLY GLY A . n 
A 1 33  PHE 33  126 126 PHE PHE A . n 
A 1 34  PRO 34  127 127 PRO PRO A . n 
A 1 35  LYS 35  128 128 LYS LYS A . n 
A 1 36  GLY 36  129 129 GLY GLY A . n 
A 1 37  LYS 37  130 130 LYS LYS A . n 
A 1 38  VAL 38  131 131 VAL VAL A . n 
A 1 39  ASN 39  132 132 ASN ASN A . n 
A 1 40  LYS 40  133 133 LYS LYS A . n 
A 1 41  GLU 41  134 134 GLU GLU A . n 
A 1 42  GLU 42  135 135 GLU GLU A . n 
A 1 43  ALA 43  136 136 ALA ALA A . n 
A 1 44  PRO 44  137 137 PRO PRO A . n 
A 1 45  HIS 45  138 138 HIS HIS A . n 
A 1 46  ASP 46  139 139 ASP ASP A . n 
A 1 47  CYS 47  140 140 CYS CYS A . n 
A 1 48  ALA 48  141 141 ALA ALA A . n 
A 1 49  ALA 49  142 142 ALA ALA A . n 
A 1 50  ARG 50  143 143 ARG ARG A . n 
A 1 51  GLU 51  144 144 GLU GLU A . n 
A 1 52  VAL 52  145 145 VAL VAL A . n 
A 1 53  PHE 53  146 146 PHE PHE A . n 
A 1 54  GLU 54  147 147 GLU GLU A . n 
A 1 55  GLU 55  148 148 GLU GLU A . n 
A 1 56  THR 56  149 149 THR THR A . n 
A 1 57  GLY 57  150 150 GLY GLY A . n 
A 1 58  PHE 58  151 151 PHE PHE A . n 
A 1 59  ASP 59  152 152 ASP ASP A . n 
A 1 60  ILE 60  153 153 ILE ILE A . n 
A 1 61  LYS 61  154 154 LYS LYS A . n 
A 1 62  ASP 62  155 155 ASP ASP A . n 
A 1 63  TYR 63  156 156 TYR TYR A . n 
A 1 64  ILE 64  157 157 ILE ILE A . n 
A 1 65  CYS 65  158 158 CYS CYS A . n 
A 1 66  LYS 66  159 159 LYS LYS A . n 
A 1 67  ASP 67  160 160 ASP ASP A . n 
A 1 68  ASP 68  161 161 ASP ASP A . n 
A 1 69  TYR 69  162 162 TYR TYR A . n 
A 1 70  ILE 70  163 163 ILE ILE A . n 
A 1 71  GLU 71  164 164 GLU GLU A . n 
A 1 72  LEU 72  165 165 LEU LEU A . n 
A 1 73  ARG 73  166 166 ARG ARG A . n 
A 1 74  ILE 74  167 167 ILE ILE A . n 
A 1 75  ASN 75  168 168 ASN ASN A . n 
A 1 76  ASP 76  169 169 ASP ASP A . n 
A 1 77  GLN 77  170 170 GLN GLN A . n 
A 1 78  LEU 78  171 171 LEU LEU A . n 
A 1 79  ALA 79  172 172 ALA ALA A . n 
A 1 80  ARG 80  173 173 ARG ARG A . n 
A 1 81  LEU 81  174 174 LEU LEU A . n 
A 1 82  TYR 82  175 175 TYR TYR A . n 
A 1 83  ILE 83  176 176 ILE ILE A . n 
A 1 84  ILE 84  177 177 ILE ILE A . n 
A 1 85  PRO 85  178 178 PRO PRO A . n 
A 1 86  GLY 86  179 179 GLY GLY A . n 
A 1 87  ILE 87  180 180 ILE ILE A . n 
A 1 88  PRO 88  181 181 PRO PRO A . n 
A 1 89  LYS 89  182 182 LYS LYS A . n 
A 1 90  ASP 90  183 183 ASP ASP A . n 
A 1 91  THR 91  184 184 THR THR A . n 
A 1 92  LYS 92  185 185 LYS LYS A . n 
A 1 93  PHE 93  186 186 PHE PHE A . n 
A 1 94  ASN 94  187 187 ASN ASN A . n 
A 1 95  PRO 95  188 188 PRO PRO A . n 
A 1 96  LYS 96  189 189 LYS LYS A . n 
A 1 97  THR 97  190 190 THR THR A . n 
A 1 98  ARG 98  191 191 ARG ARG A . n 
A 1 99  ARG 99  192 192 ARG ARG A . n 
A 1 100 GLU 100 193 193 GLU GLU A . n 
A 1 101 ILE 101 194 194 ILE ILE A . n 
A 1 102 ARG 102 195 195 ARG ARG A . n 
A 1 103 ASN 103 196 196 ASN ASN A . n 
A 1 104 ILE 104 197 197 ILE ILE A . n 
A 1 105 GLU 105 198 198 GLU GLU A . n 
A 1 106 TRP 106 199 199 TRP TRP A . n 
A 1 107 PHE 107 200 200 PHE PHE A . n 
A 1 108 SER 108 201 201 SER SER A . n 
A 1 109 ILE 109 202 202 ILE ILE A . n 
A 1 110 GLU 110 203 203 GLU GLU A . n 
A 1 111 LYS 111 204 204 LYS LYS A . n 
A 1 112 LEU 112 205 205 LEU LEU A . n 
A 1 113 PRO 113 206 206 PRO PRO A . n 
A 1 114 CYS 114 207 207 CYS CYS A . n 
A 1 115 HIS 115 208 208 HIS HIS A . n 
A 1 116 ARG 116 209 209 ARG ARG A . n 
A 1 117 ASN 117 210 210 ASN ASN A . n 
A 1 118 ASP 118 211 211 ASP ASP A . n 
A 1 119 MET 119 212 212 MET MET A . n 
A 1 120 THR 120 213 213 THR THR A . n 
A 1 121 PRO 121 214 214 PRO PRO A . n 
A 1 122 LYS 122 215 215 LYS LYS A . n 
A 1 123 SER 123 216 216 SER SER A . n 
A 1 124 LYS 124 217 217 LYS LYS A . n 
A 1 125 LEU 125 218 218 LEU LEU A . n 
A 1 126 GLY 126 219 219 GLY GLY A . n 
A 1 127 LEU 127 220 220 LEU LEU A . n 
A 1 128 ALA 128 221 221 ALA ALA A . n 
A 1 129 PRO 129 222 222 PRO PRO A . n 
A 1 130 ASN 130 223 223 ASN ASN A . n 
A 1 131 LYS 131 224 224 LYS LYS A . n 
A 1 132 PHE 132 225 225 PHE PHE A . n 
A 1 133 PHE 133 226 226 PHE PHE A . n 
A 1 134 MET 134 227 227 MET MET A . n 
A 1 135 ALA 135 228 228 ALA ALA A . n 
A 1 136 ILE 136 229 229 ILE ILE A . n 
A 1 137 PRO 137 230 230 PRO PRO A . n 
A 1 138 PHE 138 231 231 PHE PHE A . n 
A 1 139 ILE 139 232 232 ILE ILE A . n 
A 1 140 ARG 140 233 233 ARG ARG A . n 
A 1 141 PRO 141 234 234 PRO PRO A . n 
A 1 142 LEU 142 235 235 LEU LEU A . n 
A 1 143 ARG 143 236 236 ARG ARG A . n 
A 1 144 ASP 144 237 237 ASP ASP A . n 
A 1 145 TRP 145 238 238 TRP TRP A . n 
A 1 146 LEU 146 239 239 LEU LEU A . n 
A 1 147 SER 147 240 240 SER SER A . n 
A 1 148 ARG 148 241 241 ARG ARG A . n 
A 1 149 ARG 149 242 242 ARG ARG A . n 
A 1 150 PHE 150 243 243 PHE PHE A . n 
A 1 151 GLY 151 244 244 GLY GLY A . n 
A 1 152 ASP 152 245 ?   ?   ?   A . n 
A 1 153 SER 153 246 ?   ?   ?   A . n 
A 1 154 SER 154 247 ?   ?   ?   A . n 
A 1 155 ASP 155 248 ?   ?   ?   A . n 
A 1 156 SER 156 249 ?   ?   ?   A . n 
A 1 157 ASP 157 250 ?   ?   ?   A . n 
A 1 158 ASN 158 251 ?   ?   ?   A . n 
A 1 159 GLY 159 252 ?   ?   ?   A . n 
A 1 160 PHE 160 253 ?   ?   ?   A . n 
A 1 161 SER 161 254 ?   ?   ?   A . n 
A 1 162 SER 162 255 ?   ?   ?   A . n 
A 1 163 THR 163 256 ?   ?   ?   A . n 
A 1 164 GLY 164 257 ?   ?   ?   A . n 
A 1 165 SER 165 258 ?   ?   ?   A . n 
A 1 166 THR 166 259 ?   ?   ?   A . n 
A 1 167 PRO 167 260 ?   ?   ?   A . n 
# 
loop_
_pdbx_nonpoly_scheme.asym_id 
_pdbx_nonpoly_scheme.entity_id 
_pdbx_nonpoly_scheme.mon_id 
_pdbx_nonpoly_scheme.ndb_seq_num 
_pdbx_nonpoly_scheme.pdb_seq_num 
_pdbx_nonpoly_scheme.auth_seq_num 
_pdbx_nonpoly_scheme.pdb_mon_id 
_pdbx_nonpoly_scheme.auth_mon_id 
_pdbx_nonpoly_scheme.pdb_strand_id 
_pdbx_nonpoly_scheme.pdb_ins_code 
B 2 EDO 1  301 2   EDO EDO A . 
C 2 EDO 1  302 3   EDO EDO A . 
D 3 DMS 1  303 1   DMS DMS A . 
E 4 ACT 1  304 1   ACT ACT A . 
F 4 ACT 1  305 2   ACT ACT A . 
G 5 JGP 1  306 1   JGP LIG A . 
H 6 HOH 1  401 104 HOH HOH A . 
H 6 HOH 2  402 70  HOH HOH A . 
H 6 HOH 3  403 83  HOH HOH A . 
H 6 HOH 4  404 55  HOH HOH A . 
H 6 HOH 5  405 19  HOH HOH A . 
H 6 HOH 6  406 97  HOH HOH A . 
H 6 HOH 7  407 60  HOH HOH A . 
H 6 HOH 8  408 102 HOH HOH A . 
H 6 HOH 9  409 65  HOH HOH A . 
H 6 HOH 10 410 32  HOH HOH A . 
H 6 HOH 11 411 15  HOH HOH A . 
H 6 HOH 12 412 10  HOH HOH A . 
H 6 HOH 13 413 66  HOH HOH A . 
H 6 HOH 14 414 67  HOH HOH A . 
H 6 HOH 15 415 71  HOH HOH A . 
H 6 HOH 16 416 23  HOH HOH A . 
H 6 HOH 17 417 38  HOH HOH A . 
H 6 HOH 18 418 76  HOH HOH A . 
H 6 HOH 19 419 13  HOH HOH A . 
H 6 HOH 20 420 85  HOH HOH A . 
H 6 HOH 21 421 100 HOH HOH A . 
H 6 HOH 22 422 95  HOH HOH A . 
H 6 HOH 23 423 78  HOH HOH A . 
H 6 HOH 24 424 39  HOH HOH A . 
H 6 HOH 25 425 12  HOH HOH A . 
H 6 HOH 26 426 59  HOH HOH A . 
H 6 HOH 27 427 5   HOH HOH A . 
H 6 HOH 28 428 17  HOH HOH A . 
H 6 HOH 29 429 1   HOH HOH A . 
H 6 HOH 30 430 6   HOH HOH A . 
H 6 HOH 31 431 9   HOH HOH A . 
H 6 HOH 32 432 88  HOH HOH A . 
H 6 HOH 33 433 16  HOH HOH A . 
H 6 HOH 34 434 2   HOH HOH A . 
H 6 HOH 35 435 94  HOH HOH A . 
H 6 HOH 36 436 31  HOH HOH A . 
H 6 HOH 37 437 24  HOH HOH A . 
H 6 HOH 38 438 29  HOH HOH A . 
H 6 HOH 39 439 36  HOH HOH A . 
H 6 HOH 40 440 46  HOH HOH A . 
H 6 HOH 41 441 18  HOH HOH A . 
H 6 HOH 42 442 90  HOH HOH A . 
H 6 HOH 43 443 111 HOH HOH A . 
H 6 HOH 44 444 35  HOH HOH A . 
H 6 HOH 45 445 80  HOH HOH A . 
H 6 HOH 46 446 33  HOH HOH A . 
H 6 HOH 47 447 96  HOH HOH A . 
H 6 HOH 48 448 7   HOH HOH A . 
H 6 HOH 49 449 68  HOH HOH A . 
H 6 HOH 50 450 14  HOH HOH A . 
H 6 HOH 51 451 62  HOH HOH A . 
H 6 HOH 52 452 30  HOH HOH A . 
H 6 HOH 53 453 4   HOH HOH A . 
H 6 HOH 54 454 21  HOH HOH A . 
H 6 HOH 55 455 27  HOH HOH A . 
H 6 HOH 56 456 50  HOH HOH A . 
H 6 HOH 57 457 40  HOH HOH A . 
H 6 HOH 58 458 22  HOH HOH A . 
H 6 HOH 59 459 3   HOH HOH A . 
H 6 HOH 60 460 57  HOH HOH A . 
H 6 HOH 61 461 8   HOH HOH A . 
H 6 HOH 62 462 103 HOH HOH A . 
H 6 HOH 63 463 43  HOH HOH A . 
H 6 HOH 64 464 25  HOH HOH A . 
H 6 HOH 65 465 79  HOH HOH A . 
H 6 HOH 66 466 84  HOH HOH A . 
H 6 HOH 67 467 69  HOH HOH A . 
H 6 HOH 68 468 72  HOH HOH A . 
H 6 HOH 69 469 106 HOH HOH A . 
H 6 HOH 70 470 11  HOH HOH A . 
H 6 HOH 71 471 42  HOH HOH A . 
H 6 HOH 72 472 74  HOH HOH A . 
H 6 HOH 73 473 47  HOH HOH A . 
H 6 HOH 74 474 28  HOH HOH A . 
H 6 HOH 75 475 107 HOH HOH A . 
H 6 HOH 76 476 75  HOH HOH A . 
H 6 HOH 77 477 52  HOH HOH A . 
H 6 HOH 78 478 92  HOH HOH A . 
H 6 HOH 79 479 105 HOH HOH A . 
H 6 HOH 80 480 91  HOH HOH A . 
H 6 HOH 81 481 101 HOH HOH A . 
H 6 HOH 82 482 98  HOH HOH A . 
H 6 HOH 83 483 26  HOH HOH A . 
H 6 HOH 84 484 86  HOH HOH A . 
H 6 HOH 85 485 110 HOH HOH A . 
H 6 HOH 86 486 20  HOH HOH A . 
H 6 HOH 87 487 56  HOH HOH A . 
H 6 HOH 88 488 51  HOH HOH A . 
H 6 HOH 89 489 41  HOH HOH A . 
H 6 HOH 90 490 93  HOH HOH A . 
# 
loop_
_pdbx_unobs_or_zero_occ_atoms.id 
_pdbx_unobs_or_zero_occ_atoms.PDB_model_num 
_pdbx_unobs_or_zero_occ_atoms.polymer_flag 
_pdbx_unobs_or_zero_occ_atoms.occupancy_flag 
_pdbx_unobs_or_zero_occ_atoms.auth_asym_id 
_pdbx_unobs_or_zero_occ_atoms.auth_comp_id 
_pdbx_unobs_or_zero_occ_atoms.auth_seq_id 
_pdbx_unobs_or_zero_occ_atoms.PDB_ins_code 
_pdbx_unobs_or_zero_occ_atoms.auth_atom_id 
_pdbx_unobs_or_zero_occ_atoms.label_alt_id 
_pdbx_unobs_or_zero_occ_atoms.label_asym_id 
_pdbx_unobs_or_zero_occ_atoms.label_comp_id 
_pdbx_unobs_or_zero_occ_atoms.label_seq_id 
_pdbx_unobs_or_zero_occ_atoms.label_atom_id 
1  1 Y 1 A LYS 130 ? CE  ? A LYS 37  CE  
2  1 Y 1 A LYS 130 ? NZ  ? A LYS 37  NZ  
3  1 Y 1 A LYS 133 ? CG  ? A LYS 40  CG  
4  1 Y 1 A LYS 133 ? CD  ? A LYS 40  CD  
5  1 Y 1 A LYS 133 ? CE  ? A LYS 40  CE  
6  1 Y 1 A LYS 133 ? NZ  ? A LYS 40  NZ  
7  1 Y 1 A GLU 134 ? CG  ? A GLU 41  CG  
8  1 Y 1 A GLU 134 ? CD  ? A GLU 41  CD  
9  1 Y 1 A GLU 134 ? OE1 ? A GLU 41  OE1 
10 1 Y 1 A GLU 134 ? OE2 ? A GLU 41  OE2 
11 1 Y 1 A LYS 159 ? CD  ? A LYS 66  CD  
12 1 Y 1 A LYS 159 ? CE  ? A LYS 66  CE  
13 1 Y 1 A LYS 159 ? NZ  ? A LYS 66  NZ  
14 1 Y 1 A LYS 185 ? CE  ? A LYS 92  CE  
15 1 Y 1 A LYS 185 ? NZ  ? A LYS 92  NZ  
16 1 Y 1 A LYS 215 ? CD  ? A LYS 122 CD  
17 1 Y 1 A LYS 215 ? CE  ? A LYS 122 CE  
18 1 Y 1 A LYS 215 ? NZ  ? A LYS 122 NZ  
19 1 Y 1 A LYS 217 ? CE  ? A LYS 124 CE  
20 1 Y 1 A LYS 217 ? NZ  ? A LYS 124 NZ  
21 1 Y 1 A ARG 241 ? CD  ? A ARG 148 CD  
22 1 Y 1 A ARG 241 ? NE  ? A ARG 148 NE  
23 1 Y 1 A ARG 241 ? CZ  ? A ARG 148 CZ  
24 1 Y 1 A ARG 241 ? NH1 ? A ARG 148 NH1 
25 1 Y 1 A ARG 241 ? NH2 ? A ARG 148 NH2 
# 
loop_
_software.pdbx_ordinal 
_software.name 
_software.version 
_software.date 
_software.type 
_software.contact_author 
_software.contact_author_email 
_software.classification 
_software.location 
_software.language 
_software.citation_id 
1 REFMAC      5.8.0158 ?               program 'Garib N. Murshudov' garib@ysbl.york.ac.uk    refinement        
http://www.ccp4.ac.uk/dist/html/refmac5.html        Fortran_77 ? 
2 Aimless     0.5.29   17/10/16        program 'Phil Evans'         ?                        'data scaling'    
http://www.mrc-lmb.cam.ac.uk/harry/pre/aimless.html ?          ? 
3 PDB_EXTRACT 3.23     'SEP. 23, 2016' package PDB                  deposit@deposit.rcsb.org 'data extraction' 
http://sw-tools.pdb.org/apps/PDB_EXTRACT/           C++        ? 
4 XDS         .        ?               program ?                    ?                        'data reduction'  ? ?          ? 
5 REFMAC      .        ?               program ?                    ?                        phasing           ? ?          ? 
# 
_cell.entry_id           5QOL 
_cell.length_a           48.270 
_cell.length_b           60.970 
_cell.length_c           65.720 
_cell.angle_alpha        90.000 
_cell.angle_beta         90.000 
_cell.angle_gamma        90.000 
_cell.Z_PDB              4 
_cell.pdbx_unique_axis   ? 
# 
_symmetry.entry_id                         5QOL 
_symmetry.Int_Tables_number                19 
_symmetry.space_group_name_H-M             'P 21 21 21' 
_symmetry.pdbx_full_space_group_name_H-M   ? 
_symmetry.cell_setting                     ? 
# 
_exptl.crystals_number   1 
_exptl.entry_id          5QOL 
_exptl.method            'X-RAY DIFFRACTION' 
# 
_exptl_crystal.id                    1 
_exptl_crystal.pdbx_mosaicity        0.000 
_exptl_crystal.pdbx_mosaicity_esd    ? 
_exptl_crystal.density_Matthews      2.54 
_exptl_crystal.density_diffrn        ? 
_exptl_crystal.density_meas          ? 
_exptl_crystal.density_meas_temp     ? 
_exptl_crystal.density_percent_sol   51.48 
_exptl_crystal.size_max              ? 
_exptl_crystal.size_mid              ? 
_exptl_crystal.size_min              ? 
_exptl_crystal.size_rad              ? 
_exptl_crystal.description           ? 
# 
_exptl_crystal_grow.crystal_id      1 
_exptl_crystal_grow.method          'VAPOR DIFFUSION, SITTING DROP' 
_exptl_crystal_grow.pH              4.5 
_exptl_crystal_grow.temp            277 
_exptl_crystal_grow.pdbx_details    '0.1 M acetate, pH 4.5, 5-25% PEG3350' 
_exptl_crystal_grow.temp_details    ? 
_exptl_crystal_grow.pdbx_pH_range   ? 
# 
_diffrn.id                     1 
_diffrn.ambient_temp           ? 
_diffrn.crystal_id             1 
_diffrn.ambient_temp_details   ? 
# 
_diffrn_detector.detector               PIXEL 
_diffrn_detector.type                   'DECTRIS PILATUS 2M' 
_diffrn_detector.pdbx_collection_date   2016-12-05 
_diffrn_detector.diffrn_id              1 
_diffrn_detector.details                ? 
# 
_diffrn_radiation.diffrn_id                        1 
_diffrn_radiation.wavelength_id                    1 
_diffrn_radiation.pdbx_diffrn_protocol             'SINGLE WAVELENGTH' 
_diffrn_radiation.pdbx_monochromatic_or_laue_m_l   ? 
_diffrn_radiation.monochromator                    ? 
_diffrn_radiation.pdbx_scattering_type             x-ray 
# 
_diffrn_radiation_wavelength.id           1 
_diffrn_radiation_wavelength.wavelength   0.92819 
_diffrn_radiation_wavelength.wt           1.0 
# 
_diffrn_source.diffrn_id                   1 
_diffrn_source.source                      SYNCHROTRON 
_diffrn_source.type                        'DIAMOND BEAMLINE I04-1' 
_diffrn_source.pdbx_wavelength_list        0.92819 
_diffrn_source.pdbx_synchrotron_site       Diamond 
_diffrn_source.pdbx_synchrotron_beamline   I04-1 
_diffrn_source.pdbx_wavelength             ? 
# 
_reflns.entry_id                     5QOL 
_reflns.pdbx_diffrn_id               1 
_reflns.pdbx_ordinal                 1 
_reflns.observed_criterion_sigma_I   ? 
_reflns.observed_criterion_sigma_F   ? 
_reflns.d_resolution_low             44.700 
_reflns.d_resolution_high            1.850 
_reflns.number_obs                   17148 
_reflns.number_all                   ? 
_reflns.percent_possible_obs         99.900 
_reflns.pdbx_Rmerge_I_obs            0.070 
_reflns.pdbx_Rsym_value              ? 
_reflns.pdbx_netI_over_sigmaI        15.200 
_reflns.B_iso_Wilson_estimate        ? 
_reflns.pdbx_redundancy              6.500 
_reflns.pdbx_Rrim_I_all              0.076 
_reflns.pdbx_Rpim_I_all              0.030 
_reflns.pdbx_CC_half                 0.999 
_reflns.pdbx_netI_over_av_sigmaI     ? 
_reflns.pdbx_number_measured_all     111533 
_reflns.pdbx_scaling_rejects         0 
_reflns.pdbx_chi_squared             ? 
_reflns.Rmerge_F_all                 ? 
_reflns.Rmerge_F_obs                 ? 
_reflns.observed_criterion_F_max     ? 
_reflns.observed_criterion_F_min     ? 
_reflns.observed_criterion_I_max     ? 
_reflns.observed_criterion_I_min     ? 
_reflns.pdbx_d_res_high_opt          ? 
_reflns.pdbx_d_res_low_opt           ? 
_reflns.details                      ? 
# 
loop_
_reflns_shell.pdbx_diffrn_id 
_reflns_shell.pdbx_ordinal 
_reflns_shell.d_res_high 
_reflns_shell.d_res_low 
_reflns_shell.number_measured_obs 
_reflns_shell.number_measured_all 
_reflns_shell.number_unique_obs 
_reflns_shell.pdbx_rejects 
_reflns_shell.Rmerge_I_obs 
_reflns_shell.meanI_over_sigI_obs 
_reflns_shell.pdbx_Rsym_value 
_reflns_shell.pdbx_chi_squared 
_reflns_shell.pdbx_redundancy 
_reflns_shell.percent_possible_obs 
_reflns_shell.pdbx_netI_over_sigmaI_obs 
_reflns_shell.number_possible 
_reflns_shell.number_unique_all 
_reflns_shell.Rmerge_F_all 
_reflns_shell.Rmerge_F_obs 
_reflns_shell.Rmerge_I_all 
_reflns_shell.meanI_over_sigI_all 
_reflns_shell.percent_possible_all 
_reflns_shell.pdbx_Rrim_I_all 
_reflns_shell.pdbx_Rpim_I_all 
_reflns_shell.pdbx_CC_half 
1 1 1.850 1.900  ? 8367 ? ? 0.915 ? ? ? 6.800 ? 2.100  ? 1229 ? ? ? ? 100.000 0.991 0.378 0.749 
1 2 8.270 44.700 ? 1351 ? ? 0.024 ? ? ? 5.700 ? 49.800 ? 236  ? ? ? ? 99.700  0.026 0.011 1.000 
# 
_refine.entry_id                                 5QOL 
_refine.pdbx_refine_id                           'X-RAY DIFFRACTION' 
_refine.ls_d_res_high                            1.8500 
_refine.ls_d_res_low                             44.7400 
_refine.pdbx_ls_sigma_F                          0.000 
_refine.pdbx_data_cutoff_high_absF               ? 
_refine.pdbx_data_cutoff_low_absF                ? 
_refine.ls_percent_reflns_obs                    99.8800 
_refine.ls_number_reflns_obs                     16283 
_refine.ls_number_reflns_all                     ? 
_refine.pdbx_ls_cross_valid_method               THROUGHOUT 
_refine.ls_matrix_type                           ? 
_refine.pdbx_R_Free_selection_details            RANDOM 
_refine.details                                  
'HYDROGENS HAVE BEEN ADDED IN THE RIDING POSITIONS U VALUES : REFINED INDIVIDUALLY' 
_refine.ls_R_factor_all                          ? 
_refine.ls_R_factor_obs                          0.1864 
_refine.ls_R_factor_R_work                       0.1842 
_refine.ls_wR_factor_R_work                      ? 
_refine.ls_R_factor_R_free                       0.2327 
_refine.ls_wR_factor_R_free                      ? 
_refine.ls_percent_reflns_R_free                 4.8000 
_refine.ls_number_reflns_R_free                  822 
_refine.ls_number_reflns_R_work                  ? 
_refine.ls_R_factor_R_free_error                 ? 
_refine.B_iso_mean                               35.6590 
_refine.solvent_model_param_bsol                 ? 
_refine.solvent_model_param_ksol                 ? 
_refine.pdbx_isotropic_thermal_model             ? 
_refine.aniso_B[1][1]                            1.9800 
_refine.aniso_B[2][2]                            -2.3000 
_refine.aniso_B[3][3]                            0.3200 
_refine.aniso_B[1][2]                            0.0000 
_refine.aniso_B[1][3]                            -0.0000 
_refine.aniso_B[2][3]                            0.0000 
_refine.correlation_coeff_Fo_to_Fc               0.9620 
_refine.correlation_coeff_Fo_to_Fc_free          0.9290 
_refine.overall_SU_R_Cruickshank_DPI             ? 
_refine.pdbx_overall_SU_R_free_Cruickshank_DPI   ? 
_refine.pdbx_overall_SU_R_Blow_DPI               ? 
_refine.pdbx_overall_SU_R_free_Blow_DPI          ? 
_refine.overall_SU_R_free                        ? 
_refine.pdbx_overall_ESU_R                       0.1390 
_refine.pdbx_overall_ESU_R_Free                  0.1370 
_refine.overall_SU_ML                            0.1010 
_refine.overall_SU_B                             3.4520 
_refine.solvent_model_details                    MASK 
_refine.pdbx_solvent_vdw_probe_radii             1.2000 
_refine.pdbx_solvent_ion_probe_radii             0.8000 
_refine.pdbx_solvent_shrinkage_radii             0.8000 
_refine.ls_number_parameters                     ? 
_refine.ls_number_restraints                     ? 
_refine.pdbx_starting_model                      'PDB entry 5MP0' 
_refine.pdbx_method_to_determine_struct          'FOURIER SYNTHESIS' 
_refine.pdbx_stereochemistry_target_values       'MAXIMUM LIKELIHOOD' 
_refine.pdbx_stereochem_target_val_spec_case     ? 
_refine.overall_FOM_work_R_set                   ? 
_refine.B_iso_max                                89.960 
_refine.B_iso_min                                18.730 
_refine.pdbx_overall_phase_error                 ? 
_refine.occupancy_max                            ? 
_refine.occupancy_min                            ? 
_refine.pdbx_diffrn_id                           1 
_refine.pdbx_TLS_residual_ADP_flag               ? 
_refine.pdbx_ls_sigma_I                          ? 
_refine.pdbx_data_cutoff_high_rms_absF           ? 
_refine.ls_R_factor_R_free_error_details         ? 
# 
_refine_hist.cycle_id                         final 
_refine_hist.pdbx_refine_id                   'X-RAY DIFFRACTION' 
_refine_hist.d_res_high                       1.8500 
_refine_hist.d_res_low                        44.7400 
_refine_hist.pdbx_number_atoms_ligand         38 
_refine_hist.number_atoms_solvent             90 
_refine_hist.number_atoms_total               1323 
_refine_hist.pdbx_number_residues_total       149 
_refine_hist.pdbx_B_iso_mean_ligand           50.72 
_refine_hist.pdbx_B_iso_mean_solvent          45.27 
_refine_hist.pdbx_number_atoms_protein        1195 
_refine_hist.pdbx_number_atoms_nucleic_acid   0 
# 
loop_
_refine_ls_restr.pdbx_refine_id 
_refine_ls_restr.type 
_refine_ls_restr.number 
_refine_ls_restr.dev_ideal 
_refine_ls_restr.dev_ideal_target 
_refine_ls_restr.weight 
_refine_ls_restr.pdbx_restraint_function 
'X-RAY DIFFRACTION' r_bond_refined_d       1733 0.019  0.019  ? ? 
'X-RAY DIFFRACTION' r_bond_other_d         1444 0.003  0.020  ? ? 
'X-RAY DIFFRACTION' r_angle_refined_deg    2101 1.943  1.964  ? ? 
'X-RAY DIFFRACTION' r_angle_other_deg      3348 1.118  2.964  ? ? 
'X-RAY DIFFRACTION' r_dihedral_angle_1_deg 193  6.181  5.000  ? ? 
'X-RAY DIFFRACTION' r_dihedral_angle_2_deg 77   30.219 21.169 ? ? 
'X-RAY DIFFRACTION' r_dihedral_angle_3_deg 259  15.810 15.000 ? ? 
'X-RAY DIFFRACTION' r_dihedral_angle_4_deg 19   21.959 15.000 ? ? 
'X-RAY DIFFRACTION' r_chiral_restr         205  0.120  0.200  ? ? 
'X-RAY DIFFRACTION' r_gen_planes_refined   1793 0.010  0.021  ? ? 
'X-RAY DIFFRACTION' r_gen_planes_other     366  0.002  0.020  ? ? 
'X-RAY DIFFRACTION' r_mcbond_it            788  3.011  3.337  ? ? 
'X-RAY DIFFRACTION' r_mcbond_other         779  2.997  3.310  ? ? 
'X-RAY DIFFRACTION' r_mcangle_it           925  4.515  4.906  ? ? 
# 
_refine_ls_shell.d_res_high                       1.8500 
_refine_ls_shell.d_res_low                        1.8980 
_refine_ls_shell.pdbx_total_number_of_bins_used   20 
_refine_ls_shell.percent_reflns_obs               99.8400 
_refine_ls_shell.number_reflns_R_work             1163 
_refine_ls_shell.R_factor_all                     ? 
_refine_ls_shell.R_factor_R_work                  0.2940 
_refine_ls_shell.R_factor_R_free                  0.3260 
_refine_ls_shell.percent_reflns_R_free            ? 
_refine_ls_shell.number_reflns_R_free             60 
_refine_ls_shell.R_factor_R_free_error            ? 
_refine_ls_shell.number_reflns_all                1223 
_refine_ls_shell.number_reflns_obs                ? 
_refine_ls_shell.pdbx_refine_id                   'X-RAY DIFFRACTION' 
# 
_struct.entry_id                  5QOL 
_struct.title                     
'PanDDA analysis group deposition -- Crystal Structure of DCP2 (NUDT20) in complex with FMOPL000435a' 
_struct.pdbx_model_details        ? 
_struct.pdbx_CASP_flag            ? 
_struct.pdbx_model_type_details   ? 
# 
_struct_keywords.entry_id        5QOL 
_struct_keywords.text            'SGC - Diamond I04-1 fragment screening, PanDDA, XChemExplorer, HYDROLASE' 
_struct_keywords.pdbx_keywords   HYDROLASE 
# 
loop_
_struct_asym.id 
_struct_asym.pdbx_blank_PDB_chainid_flag 
_struct_asym.pdbx_modified 
_struct_asym.entity_id 
_struct_asym.details 
A N N 1 ? 
B N N 2 ? 
C N N 2 ? 
D N N 3 ? 
E N N 4 ? 
F N N 4 ? 
G N N 5 ? 
H N N 6 ? 
# 
_struct_ref.id                         1 
_struct_ref.db_name                    UNP 
_struct_ref.db_code                    DCP2_HUMAN 
_struct_ref.pdbx_db_accession          Q8IU60 
_struct_ref.pdbx_db_isoform            ? 
_struct_ref.entity_id                  1 
_struct_ref.pdbx_seq_one_letter_code   
;MGVPTYGAIILDETLENVLLVQGYLAKSGWGFPKGKVNKEEAPHDCAAREVFEETGFDIKDYICKDDYIELRINDQLARL
YIIPGIPKDTKFNPKTRREIRNIEWFSIEKLPCHRNDMTPKSKLGLAPNKFFMAIPFIRPLRDWLSRRFGDSSDSDNGFS
STGSTP
;
_struct_ref.pdbx_align_begin           95 
# 
_struct_ref_seq.align_id                      1 
_struct_ref_seq.ref_id                        1 
_struct_ref_seq.pdbx_PDB_id_code              5QOL 
_struct_ref_seq.pdbx_strand_id                A 
_struct_ref_seq.seq_align_beg                 2 
_struct_ref_seq.pdbx_seq_align_beg_ins_code   ? 
_struct_ref_seq.seq_align_end                 167 
_struct_ref_seq.pdbx_seq_align_end_ins_code   ? 
_struct_ref_seq.pdbx_db_accession             Q8IU60 
_struct_ref_seq.db_align_beg                  95 
_struct_ref_seq.pdbx_db_align_beg_ins_code    ? 
_struct_ref_seq.db_align_end                  260 
_struct_ref_seq.pdbx_db_align_end_ins_code    ? 
_struct_ref_seq.pdbx_auth_seq_align_beg       95 
_struct_ref_seq.pdbx_auth_seq_align_end       260 
# 
_struct_ref_seq_dif.align_id                     1 
_struct_ref_seq_dif.pdbx_pdb_id_code             5QOL 
_struct_ref_seq_dif.mon_id                       SER 
_struct_ref_seq_dif.pdbx_pdb_strand_id           A 
_struct_ref_seq_dif.seq_num                      1 
_struct_ref_seq_dif.pdbx_pdb_ins_code            ? 
_struct_ref_seq_dif.pdbx_seq_db_name             UNP 
_struct_ref_seq_dif.pdbx_seq_db_accession_code   Q8IU60 
_struct_ref_seq_dif.db_mon_id                    ? 
_struct_ref_seq_dif.pdbx_seq_db_seq_num          ? 
_struct_ref_seq_dif.details                      'expression tag' 
_struct_ref_seq_dif.pdbx_auth_seq_num            94 
_struct_ref_seq_dif.pdbx_ordinal                 1 
# 
_pdbx_struct_assembly.id                   1 
_pdbx_struct_assembly.details              author_and_software_defined_assembly 
_pdbx_struct_assembly.method_details       PISA 
_pdbx_struct_assembly.oligomeric_details   monomeric 
_pdbx_struct_assembly.oligomeric_count     1 
# 
loop_
_pdbx_struct_assembly_prop.biol_id 
_pdbx_struct_assembly_prop.type 
_pdbx_struct_assembly_prop.value 
_pdbx_struct_assembly_prop.details 
1 'ABSA (A^2)' 860  ? 
1 MORE         5    ? 
1 'SSA (A^2)'  8660 ? 
# 
_pdbx_struct_assembly_gen.assembly_id       1 
_pdbx_struct_assembly_gen.oper_expression   1 
_pdbx_struct_assembly_gen.asym_id_list      A,B,C,D,E,F,G,H 
# 
_pdbx_struct_oper_list.id                   1 
_pdbx_struct_oper_list.type                 'identity operation' 
_pdbx_struct_oper_list.name                 1_555 
_pdbx_struct_oper_list.symmetry_operation   x,y,z 
_pdbx_struct_oper_list.matrix[1][1]         1.0000000000 
_pdbx_struct_oper_list.matrix[1][2]         0.0000000000 
_pdbx_struct_oper_list.matrix[1][3]         0.0000000000 
_pdbx_struct_oper_list.vector[1]            0.0000000000 
_pdbx_struct_oper_list.matrix[2][1]         0.0000000000 
_pdbx_struct_oper_list.matrix[2][2]         1.0000000000 
_pdbx_struct_oper_list.matrix[2][3]         0.0000000000 
_pdbx_struct_oper_list.vector[2]            0.0000000000 
_pdbx_struct_oper_list.matrix[3][1]         0.0000000000 
_pdbx_struct_oper_list.matrix[3][2]         0.0000000000 
_pdbx_struct_oper_list.matrix[3][3]         1.0000000000 
_pdbx_struct_oper_list.vector[3]            0.0000000000 
# 
loop_
_struct_conf.conf_type_id 
_struct_conf.id 
_struct_conf.pdbx_PDB_helix_id 
_struct_conf.beg_label_comp_id 
_struct_conf.beg_label_asym_id 
_struct_conf.beg_label_seq_id 
_struct_conf.pdbx_beg_PDB_ins_code 
_struct_conf.end_label_comp_id 
_struct_conf.end_label_asym_id 
_struct_conf.end_label_seq_id 
_struct_conf.pdbx_end_PDB_ins_code 
_struct_conf.beg_auth_comp_id 
_struct_conf.beg_auth_asym_id 
_struct_conf.beg_auth_seq_id 
_struct_conf.end_auth_comp_id 
_struct_conf.end_auth_asym_id 
_struct_conf.end_auth_seq_id 
_struct_conf.pdbx_PDB_helix_class 
_struct_conf.details 
_struct_conf.pdbx_PDB_helix_length 
HELX_P HELX_P1 AA1 TYR A 25  ? SER A 29  ? TYR A 118 SER A 122 5 ? 5  
HELX_P HELX_P2 AA2 ALA A 43  ? GLY A 57  ? ALA A 136 GLY A 150 1 ? 15 
HELX_P HELX_P3 AA3 GLU A 110 ? LEU A 112 ? GLU A 203 LEU A 205 5 ? 3  
HELX_P HELX_P4 AA4 MET A 119 ? SER A 123 ? MET A 212 SER A 216 5 ? 5  
HELX_P HELX_P5 AA5 ALA A 135 ? PRO A 137 ? ALA A 228 PRO A 230 5 ? 3  
HELX_P HELX_P6 AA6 PHE A 138 ? GLY A 151 ? PHE A 231 GLY A 244 1 ? 14 
# 
_struct_conf_type.id          HELX_P 
_struct_conf_type.criteria    ? 
_struct_conf_type.reference   ? 
# 
loop_
_struct_sheet.id 
_struct_sheet.type 
_struct_sheet.number_strands 
_struct_sheet.details 
AA1 ? 4 ? 
AA2 ? 3 ? 
# 
loop_
_struct_sheet_order.sheet_id 
_struct_sheet_order.range_id_1 
_struct_sheet_order.range_id_2 
_struct_sheet_order.offset 
_struct_sheet_order.sense 
AA1 1 2 ? anti-parallel 
AA1 2 3 ? parallel      
AA1 3 4 ? anti-parallel 
AA2 1 2 ? anti-parallel 
AA2 2 3 ? anti-parallel 
# 
loop_
_struct_sheet_range.sheet_id 
_struct_sheet_range.id 
_struct_sheet_range.beg_label_comp_id 
_struct_sheet_range.beg_label_asym_id 
_struct_sheet_range.beg_label_seq_id 
_struct_sheet_range.pdbx_beg_PDB_ins_code 
_struct_sheet_range.end_label_comp_id 
_struct_sheet_range.end_label_asym_id 
_struct_sheet_range.end_label_seq_id 
_struct_sheet_range.pdbx_end_PDB_ins_code 
_struct_sheet_range.beg_auth_comp_id 
_struct_sheet_range.beg_auth_asym_id 
_struct_sheet_range.beg_auth_seq_id 
_struct_sheet_range.end_auth_comp_id 
_struct_sheet_range.end_auth_asym_id 
_struct_sheet_range.end_auth_seq_id 
AA1 1 LYS A 35  ? LYS A 37  ? LYS A 128 LYS A 130 
AA1 2 THR A 6   ? ILE A 11  ? THR A 99  ILE A 104 
AA1 3 GLN A 77  ? ILE A 84  ? GLN A 170 ILE A 177 
AA1 4 TYR A 69  ? ILE A 74  ? TYR A 162 ILE A 167 
AA2 1 TRP A 31  ? GLY A 32  ? TRP A 124 GLY A 125 
AA2 2 ASN A 18  ? GLN A 23  ? ASN A 111 GLN A 116 
AA2 3 ASN A 103 ? SER A 108 ? ASN A 196 SER A 201 
# 
loop_
_pdbx_struct_sheet_hbond.sheet_id 
_pdbx_struct_sheet_hbond.range_id_1 
_pdbx_struct_sheet_hbond.range_id_2 
_pdbx_struct_sheet_hbond.range_1_label_atom_id 
_pdbx_struct_sheet_hbond.range_1_label_comp_id 
_pdbx_struct_sheet_hbond.range_1_label_asym_id 
_pdbx_struct_sheet_hbond.range_1_label_seq_id 
_pdbx_struct_sheet_hbond.range_1_PDB_ins_code 
_pdbx_struct_sheet_hbond.range_1_auth_atom_id 
_pdbx_struct_sheet_hbond.range_1_auth_comp_id 
_pdbx_struct_sheet_hbond.range_1_auth_asym_id 
_pdbx_struct_sheet_hbond.range_1_auth_seq_id 
_pdbx_struct_sheet_hbond.range_2_label_atom_id 
_pdbx_struct_sheet_hbond.range_2_label_comp_id 
_pdbx_struct_sheet_hbond.range_2_label_asym_id 
_pdbx_struct_sheet_hbond.range_2_label_seq_id 
_pdbx_struct_sheet_hbond.range_2_PDB_ins_code 
_pdbx_struct_sheet_hbond.range_2_auth_atom_id 
_pdbx_struct_sheet_hbond.range_2_auth_comp_id 
_pdbx_struct_sheet_hbond.range_2_auth_asym_id 
_pdbx_struct_sheet_hbond.range_2_auth_seq_id 
AA1 1 2 O GLY A 36 ? O GLY A 129 N TYR A 7   ? N TYR A 100 
AA1 2 3 N ILE A 10 ? N ILE A 103 O ILE A 84  ? O ILE A 177 
AA1 3 4 O LEU A 81 ? O LEU A 174 N ILE A 70  ? N ILE A 163 
AA2 1 2 O GLY A 32 ? O GLY A 125 N VAL A 22  ? N VAL A 115 
AA2 2 3 N LEU A 21 ? N LEU A 114 O GLU A 105 ? O GLU A 198 
# 
loop_
_struct_site.id 
_struct_site.pdbx_evidence_code 
_struct_site.pdbx_auth_asym_id 
_struct_site.pdbx_auth_comp_id 
_struct_site.pdbx_auth_seq_id 
_struct_site.pdbx_auth_ins_code 
_struct_site.pdbx_num_residues 
_struct_site.details 
AC1 Software A EDO 301 ? 6 'binding site for residue EDO A 301' 
AC2 Software A EDO 302 ? 5 'binding site for residue EDO A 302' 
AC3 Software A DMS 303 ? 2 'binding site for residue DMS A 303' 
AC4 Software A ACT 304 ? 3 'binding site for residue ACT A 304' 
AC5 Software A ACT 305 ? 4 'binding site for residue ACT A 305' 
AC6 Software A JGP 306 ? 4 'binding site for residue JGP A 306' 
# 
loop_
_struct_site_gen.id 
_struct_site_gen.site_id 
_struct_site_gen.pdbx_num_res 
_struct_site_gen.label_comp_id 
_struct_site_gen.label_asym_id 
_struct_site_gen.label_seq_id 
_struct_site_gen.pdbx_auth_ins_code 
_struct_site_gen.auth_comp_id 
_struct_site_gen.auth_asym_id 
_struct_site_gen.auth_seq_id 
_struct_site_gen.label_atom_id 
_struct_site_gen.label_alt_id 
_struct_site_gen.symmetry 
_struct_site_gen.details 
1  AC1 6 ALA A 49  ? ALA A 142 . ? 1_555 ? 
2  AC1 6 PHE A 53  ? PHE A 146 . ? 1_555 ? 
3  AC1 6 ASP A 59  ? ASP A 152 . ? 1_555 ? 
4  AC1 6 LYS A 61  ? LYS A 154 . ? 1_555 ? 
5  AC1 6 HOH H .   ? HOH A 406 . ? 1_555 ? 
6  AC1 6 HOH H .   ? HOH A 440 . ? 1_555 ? 
7  AC2 5 PRO A 129 ? PRO A 222 . ? 1_555 ? 
8  AC2 5 ASN A 130 ? ASN A 223 . ? 1_555 ? 
9  AC2 5 LYS A 131 ? LYS A 224 . ? 1_555 ? 
10 AC2 5 ACT F .   ? ACT A 305 . ? 1_555 ? 
11 AC2 5 HOH H .   ? HOH A 405 . ? 1_555 ? 
12 AC3 2 ASN A 18  ? ASN A 111 . ? 1_555 ? 
13 AC3 2 TRP A 106 ? TRP A 199 . ? 1_555 ? 
14 AC4 3 SER A 29  ? SER A 122 . ? 1_555 ? 
15 AC4 3 TYR A 63  ? TYR A 156 . ? 3_357 ? 
16 AC4 3 HOH H .   ? HOH A 449 . ? 1_555 ? 
17 AC5 4 ARG A 116 ? ARG A 209 . ? 1_555 ? 
18 AC5 4 ASN A 130 ? ASN A 223 . ? 1_555 ? 
19 AC5 4 PHE A 133 ? PHE A 226 . ? 1_555 ? 
20 AC5 4 EDO C .   ? EDO A 302 . ? 1_555 ? 
21 AC6 4 PHE A 33  ? PHE A 126 . ? 1_555 ? 
22 AC6 4 LYS A 35  ? LYS A 128 . ? 1_555 ? 
23 AC6 4 GLU A 55  ? GLU A 148 . ? 1_555 ? 
24 AC6 4 HOH H .   ? HOH A 410 . ? 1_555 ? 
# 
_pdbx_validate_close_contact.id               1 
_pdbx_validate_close_contact.PDB_model_num    1 
_pdbx_validate_close_contact.auth_atom_id_1   O 
_pdbx_validate_close_contact.auth_asym_id_1   A 
_pdbx_validate_close_contact.auth_comp_id_1   HOH 
_pdbx_validate_close_contact.auth_seq_id_1    476 
_pdbx_validate_close_contact.PDB_ins_code_1   ? 
_pdbx_validate_close_contact.label_alt_id_1   ? 
_pdbx_validate_close_contact.auth_atom_id_2   O 
_pdbx_validate_close_contact.auth_asym_id_2   A 
_pdbx_validate_close_contact.auth_comp_id_2   HOH 
_pdbx_validate_close_contact.auth_seq_id_2    480 
_pdbx_validate_close_contact.PDB_ins_code_2   ? 
_pdbx_validate_close_contact.label_alt_id_2   ? 
_pdbx_validate_close_contact.dist             2.16 
# 
loop_
_pdbx_validate_rmsd_angle.id 
_pdbx_validate_rmsd_angle.PDB_model_num 
_pdbx_validate_rmsd_angle.auth_atom_id_1 
_pdbx_validate_rmsd_angle.auth_asym_id_1 
_pdbx_validate_rmsd_angle.auth_comp_id_1 
_pdbx_validate_rmsd_angle.auth_seq_id_1 
_pdbx_validate_rmsd_angle.PDB_ins_code_1 
_pdbx_validate_rmsd_angle.label_alt_id_1 
_pdbx_validate_rmsd_angle.auth_atom_id_2 
_pdbx_validate_rmsd_angle.auth_asym_id_2 
_pdbx_validate_rmsd_angle.auth_comp_id_2 
_pdbx_validate_rmsd_angle.auth_seq_id_2 
_pdbx_validate_rmsd_angle.PDB_ins_code_2 
_pdbx_validate_rmsd_angle.label_alt_id_2 
_pdbx_validate_rmsd_angle.auth_atom_id_3 
_pdbx_validate_rmsd_angle.auth_asym_id_3 
_pdbx_validate_rmsd_angle.auth_comp_id_3 
_pdbx_validate_rmsd_angle.auth_seq_id_3 
_pdbx_validate_rmsd_angle.PDB_ins_code_3 
_pdbx_validate_rmsd_angle.label_alt_id_3 
_pdbx_validate_rmsd_angle.angle_value 
_pdbx_validate_rmsd_angle.angle_target_value 
_pdbx_validate_rmsd_angle.angle_deviation 
_pdbx_validate_rmsd_angle.angle_standard_deviation 
_pdbx_validate_rmsd_angle.linker_flag 
1 1 CB A ASP 152 ? ? CG A ASP 152 ? ? OD1 A ASP 152 ? ? 126.69 118.30 8.39  0.90 N 
2 1 CB A ASP 152 ? ? CG A ASP 152 ? ? OD2 A ASP 152 ? ? 112.22 118.30 -6.08 0.90 N 
3 1 CB A ASP 169 ? ? CG A ASP 169 ? ? OD1 A ASP 169 ? ? 124.86 118.30 6.56  0.90 N 
# 
loop_
_pdbx_validate_torsion.id 
_pdbx_validate_torsion.PDB_model_num 
_pdbx_validate_torsion.auth_comp_id 
_pdbx_validate_torsion.auth_asym_id 
_pdbx_validate_torsion.auth_seq_id 
_pdbx_validate_torsion.PDB_ins_code 
_pdbx_validate_torsion.label_alt_id 
_pdbx_validate_torsion.phi 
_pdbx_validate_torsion.psi 
1 1 LEU A 119 ? ? 63.32 -120.72 
2 1 GLU A 134 ? ? 69.69 -2.22   
# 
_phasing.method   MR 
# 
loop_
_pdbx_unobs_or_zero_occ_residues.id 
_pdbx_unobs_or_zero_occ_residues.PDB_model_num 
_pdbx_unobs_or_zero_occ_residues.polymer_flag 
_pdbx_unobs_or_zero_occ_residues.occupancy_flag 
_pdbx_unobs_or_zero_occ_residues.auth_asym_id 
_pdbx_unobs_or_zero_occ_residues.auth_comp_id 
_pdbx_unobs_or_zero_occ_residues.auth_seq_id 
_pdbx_unobs_or_zero_occ_residues.PDB_ins_code 
_pdbx_unobs_or_zero_occ_residues.label_asym_id 
_pdbx_unobs_or_zero_occ_residues.label_comp_id 
_pdbx_unobs_or_zero_occ_residues.label_seq_id 
1  1 Y 1 A SER 94  ? A SER 1   
2  1 Y 1 A MET 95  ? A MET 2   
3  1 Y 1 A ASP 245 ? A ASP 152 
4  1 Y 1 A SER 246 ? A SER 153 
5  1 Y 1 A SER 247 ? A SER 154 
6  1 Y 1 A ASP 248 ? A ASP 155 
7  1 Y 1 A SER 249 ? A SER 156 
8  1 Y 1 A ASP 250 ? A ASP 157 
9  1 Y 1 A ASN 251 ? A ASN 158 
10 1 Y 1 A GLY 252 ? A GLY 159 
11 1 Y 1 A PHE 253 ? A PHE 160 
12 1 Y 1 A SER 254 ? A SER 161 
13 1 Y 1 A SER 255 ? A SER 162 
14 1 Y 1 A THR 256 ? A THR 163 
15 1 Y 1 A GLY 257 ? A GLY 164 
16 1 Y 1 A SER 258 ? A SER 165 
17 1 Y 1 A THR 259 ? A THR 166 
18 1 Y 1 A PRO 260 ? A PRO 167 
# 
loop_
_chem_comp_atom.comp_id 
_chem_comp_atom.atom_id 
_chem_comp_atom.type_symbol 
_chem_comp_atom.pdbx_aromatic_flag 
_chem_comp_atom.pdbx_stereo_config 
_chem_comp_atom.pdbx_ordinal 
ACT C    C N N 1   
ACT O    O N N 2   
ACT OXT  O N N 3   
ACT CH3  C N N 4   
ACT H1   H N N 5   
ACT H2   H N N 6   
ACT H3   H N N 7   
ALA N    N N N 8   
ALA CA   C N S 9   
ALA C    C N N 10  
ALA O    O N N 11  
ALA CB   C N N 12  
ALA OXT  O N N 13  
ALA H    H N N 14  
ALA H2   H N N 15  
ALA HA   H N N 16  
ALA HB1  H N N 17  
ALA HB2  H N N 18  
ALA HB3  H N N 19  
ALA HXT  H N N 20  
ARG N    N N N 21  
ARG CA   C N S 22  
ARG C    C N N 23  
ARG O    O N N 24  
ARG CB   C N N 25  
ARG CG   C N N 26  
ARG CD   C N N 27  
ARG NE   N N N 28  
ARG CZ   C N N 29  
ARG NH1  N N N 30  
ARG NH2  N N N 31  
ARG OXT  O N N 32  
ARG H    H N N 33  
ARG H2   H N N 34  
ARG HA   H N N 35  
ARG HB2  H N N 36  
ARG HB3  H N N 37  
ARG HG2  H N N 38  
ARG HG3  H N N 39  
ARG HD2  H N N 40  
ARG HD3  H N N 41  
ARG HE   H N N 42  
ARG HH11 H N N 43  
ARG HH12 H N N 44  
ARG HH21 H N N 45  
ARG HH22 H N N 46  
ARG HXT  H N N 47  
ASN N    N N N 48  
ASN CA   C N S 49  
ASN C    C N N 50  
ASN O    O N N 51  
ASN CB   C N N 52  
ASN CG   C N N 53  
ASN OD1  O N N 54  
ASN ND2  N N N 55  
ASN OXT  O N N 56  
ASN H    H N N 57  
ASN H2   H N N 58  
ASN HA   H N N 59  
ASN HB2  H N N 60  
ASN HB3  H N N 61  
ASN HD21 H N N 62  
ASN HD22 H N N 63  
ASN HXT  H N N 64  
ASP N    N N N 65  
ASP CA   C N S 66  
ASP C    C N N 67  
ASP O    O N N 68  
ASP CB   C N N 69  
ASP CG   C N N 70  
ASP OD1  O N N 71  
ASP OD2  O N N 72  
ASP OXT  O N N 73  
ASP H    H N N 74  
ASP H2   H N N 75  
ASP HA   H N N 76  
ASP HB2  H N N 77  
ASP HB3  H N N 78  
ASP HD2  H N N 79  
ASP HXT  H N N 80  
CYS N    N N N 81  
CYS CA   C N R 82  
CYS C    C N N 83  
CYS O    O N N 84  
CYS CB   C N N 85  
CYS SG   S N N 86  
CYS OXT  O N N 87  
CYS H    H N N 88  
CYS H2   H N N 89  
CYS HA   H N N 90  
CYS HB2  H N N 91  
CYS HB3  H N N 92  
CYS HG   H N N 93  
CYS HXT  H N N 94  
DMS S    S N N 95  
DMS O    O N N 96  
DMS C1   C N N 97  
DMS C2   C N N 98  
DMS H11  H N N 99  
DMS H12  H N N 100 
DMS H13  H N N 101 
DMS H21  H N N 102 
DMS H22  H N N 103 
DMS H23  H N N 104 
EDO C1   C N N 105 
EDO O1   O N N 106 
EDO C2   C N N 107 
EDO O2   O N N 108 
EDO H11  H N N 109 
EDO H12  H N N 110 
EDO HO1  H N N 111 
EDO H21  H N N 112 
EDO H22  H N N 113 
EDO HO2  H N N 114 
GLN N    N N N 115 
GLN CA   C N S 116 
GLN C    C N N 117 
GLN O    O N N 118 
GLN CB   C N N 119 
GLN CG   C N N 120 
GLN CD   C N N 121 
GLN OE1  O N N 122 
GLN NE2  N N N 123 
GLN OXT  O N N 124 
GLN H    H N N 125 
GLN H2   H N N 126 
GLN HA   H N N 127 
GLN HB2  H N N 128 
GLN HB3  H N N 129 
GLN HG2  H N N 130 
GLN HG3  H N N 131 
GLN HE21 H N N 132 
GLN HE22 H N N 133 
GLN HXT  H N N 134 
GLU N    N N N 135 
GLU CA   C N S 136 
GLU C    C N N 137 
GLU O    O N N 138 
GLU CB   C N N 139 
GLU CG   C N N 140 
GLU CD   C N N 141 
GLU OE1  O N N 142 
GLU OE2  O N N 143 
GLU OXT  O N N 144 
GLU H    H N N 145 
GLU H2   H N N 146 
GLU HA   H N N 147 
GLU HB2  H N N 148 
GLU HB3  H N N 149 
GLU HG2  H N N 150 
GLU HG3  H N N 151 
GLU HE2  H N N 152 
GLU HXT  H N N 153 
GLY N    N N N 154 
GLY CA   C N N 155 
GLY C    C N N 156 
GLY O    O N N 157 
GLY OXT  O N N 158 
GLY H    H N N 159 
GLY H2   H N N 160 
GLY HA2  H N N 161 
GLY HA3  H N N 162 
GLY HXT  H N N 163 
HIS N    N N N 164 
HIS CA   C N S 165 
HIS C    C N N 166 
HIS O    O N N 167 
HIS CB   C N N 168 
HIS CG   C Y N 169 
HIS ND1  N Y N 170 
HIS CD2  C Y N 171 
HIS CE1  C Y N 172 
HIS NE2  N Y N 173 
HIS OXT  O N N 174 
HIS H    H N N 175 
HIS H2   H N N 176 
HIS HA   H N N 177 
HIS HB2  H N N 178 
HIS HB3  H N N 179 
HIS HD1  H N N 180 
HIS HD2  H N N 181 
HIS HE1  H N N 182 
HIS HE2  H N N 183 
HIS HXT  H N N 184 
HOH O    O N N 185 
HOH H1   H N N 186 
HOH H2   H N N 187 
ILE N    N N N 188 
ILE CA   C N S 189 
ILE C    C N N 190 
ILE O    O N N 191 
ILE CB   C N S 192 
ILE CG1  C N N 193 
ILE CG2  C N N 194 
ILE CD1  C N N 195 
ILE OXT  O N N 196 
ILE H    H N N 197 
ILE H2   H N N 198 
ILE HA   H N N 199 
ILE HB   H N N 200 
ILE HG12 H N N 201 
ILE HG13 H N N 202 
ILE HG21 H N N 203 
ILE HG22 H N N 204 
ILE HG23 H N N 205 
ILE HD11 H N N 206 
ILE HD12 H N N 207 
ILE HD13 H N N 208 
ILE HXT  H N N 209 
JGP C10  C N N 210 
JGP C13  C N N 211 
JGP C15  C N N 212 
JGP C17  C N N 213 
JGP C01  C Y N 214 
JGP C02  C Y N 215 
JGP C03  C Y N 216 
JGP C04  C Y N 217 
JGP C05  C Y N 218 
JGP C06  C Y N 219 
JGP C07  C N N 220 
JGP O08  O N N 221 
JGP N09  N N N 222 
JGP C11  C N N 223 
JGP C12  C N N 224 
JGP C14  C N N 225 
JGP O16  O N N 226 
JGP O18  O N N 227 
JGP H101 H N N 228 
JGP H102 H N N 229 
JGP H132 H N N 230 
JGP H131 H N N 231 
JGP H152 H N N 232 
JGP H151 H N N 233 
JGP H171 H N N 234 
JGP H172 H N N 235 
JGP H011 H N N 236 
JGP H021 H N N 237 
JGP H051 H N N 238 
JGP H111 H N N 239 
JGP H112 H N N 240 
JGP H121 H N N 241 
JGP H122 H N N 242 
JGP H142 H N N 243 
JGP H141 H N N 244 
LEU N    N N N 245 
LEU CA   C N S 246 
LEU C    C N N 247 
LEU O    O N N 248 
LEU CB   C N N 249 
LEU CG   C N N 250 
LEU CD1  C N N 251 
LEU CD2  C N N 252 
LEU OXT  O N N 253 
LEU H    H N N 254 
LEU H2   H N N 255 
LEU HA   H N N 256 
LEU HB2  H N N 257 
LEU HB3  H N N 258 
LEU HG   H N N 259 
LEU HD11 H N N 260 
LEU HD12 H N N 261 
LEU HD13 H N N 262 
LEU HD21 H N N 263 
LEU HD22 H N N 264 
LEU HD23 H N N 265 
LEU HXT  H N N 266 
LYS N    N N N 267 
LYS CA   C N S 268 
LYS C    C N N 269 
LYS O    O N N 270 
LYS CB   C N N 271 
LYS CG   C N N 272 
LYS CD   C N N 273 
LYS CE   C N N 274 
LYS NZ   N N N 275 
LYS OXT  O N N 276 
LYS H    H N N 277 
LYS H2   H N N 278 
LYS HA   H N N 279 
LYS HB2  H N N 280 
LYS HB3  H N N 281 
LYS HG2  H N N 282 
LYS HG3  H N N 283 
LYS HD2  H N N 284 
LYS HD3  H N N 285 
LYS HE2  H N N 286 
LYS HE3  H N N 287 
LYS HZ1  H N N 288 
LYS HZ2  H N N 289 
LYS HZ3  H N N 290 
LYS HXT  H N N 291 
MET N    N N N 292 
MET CA   C N S 293 
MET C    C N N 294 
MET O    O N N 295 
MET CB   C N N 296 
MET CG   C N N 297 
MET SD   S N N 298 
MET CE   C N N 299 
MET OXT  O N N 300 
MET H    H N N 301 
MET H2   H N N 302 
MET HA   H N N 303 
MET HB2  H N N 304 
MET HB3  H N N 305 
MET HG2  H N N 306 
MET HG3  H N N 307 
MET HE1  H N N 308 
MET HE2  H N N 309 
MET HE3  H N N 310 
MET HXT  H N N 311 
PHE N    N N N 312 
PHE CA   C N S 313 
PHE C    C N N 314 
PHE O    O N N 315 
PHE CB   C N N 316 
PHE CG   C Y N 317 
PHE CD1  C Y N 318 
PHE CD2  C Y N 319 
PHE CE1  C Y N 320 
PHE CE2  C Y N 321 
PHE CZ   C Y N 322 
PHE OXT  O N N 323 
PHE H    H N N 324 
PHE H2   H N N 325 
PHE HA   H N N 326 
PHE HB2  H N N 327 
PHE HB3  H N N 328 
PHE HD1  H N N 329 
PHE HD2  H N N 330 
PHE HE1  H N N 331 
PHE HE2  H N N 332 
PHE HZ   H N N 333 
PHE HXT  H N N 334 
PRO N    N N N 335 
PRO CA   C N S 336 
PRO C    C N N 337 
PRO O    O N N 338 
PRO CB   C N N 339 
PRO CG   C N N 340 
PRO CD   C N N 341 
PRO OXT  O N N 342 
PRO H    H N N 343 
PRO HA   H N N 344 
PRO HB2  H N N 345 
PRO HB3  H N N 346 
PRO HG2  H N N 347 
PRO HG3  H N N 348 
PRO HD2  H N N 349 
PRO HD3  H N N 350 
PRO HXT  H N N 351 
SER N    N N N 352 
SER CA   C N S 353 
SER C    C N N 354 
SER O    O N N 355 
SER CB   C N N 356 
SER OG   O N N 357 
SER OXT  O N N 358 
SER H    H N N 359 
SER H2   H N N 360 
SER HA   H N N 361 
SER HB2  H N N 362 
SER HB3  H N N 363 
SER HG   H N N 364 
SER HXT  H N N 365 
THR N    N N N 366 
THR CA   C N S 367 
THR C    C N N 368 
THR O    O N N 369 
THR CB   C N R 370 
THR OG1  O N N 371 
THR CG2  C N N 372 
THR OXT  O N N 373 
THR H    H N N 374 
THR H2   H N N 375 
THR HA   H N N 376 
THR HB   H N N 377 
THR HG1  H N N 378 
THR HG21 H N N 379 
THR HG22 H N N 380 
THR HG23 H N N 381 
THR HXT  H N N 382 
TRP N    N N N 383 
TRP CA   C N S 384 
TRP C    C N N 385 
TRP O    O N N 386 
TRP CB   C N N 387 
TRP CG   C Y N 388 
TRP CD1  C Y N 389 
TRP CD2  C Y N 390 
TRP NE1  N Y N 391 
TRP CE2  C Y N 392 
TRP CE3  C Y N 393 
TRP CZ2  C Y N 394 
TRP CZ3  C Y N 395 
TRP CH2  C Y N 396 
TRP OXT  O N N 397 
TRP H    H N N 398 
TRP H2   H N N 399 
TRP HA   H N N 400 
TRP HB2  H N N 401 
TRP HB3  H N N 402 
TRP HD1  H N N 403 
TRP HE1  H N N 404 
TRP HE3  H N N 405 
TRP HZ2  H N N 406 
TRP HZ3  H N N 407 
TRP HH2  H N N 408 
TRP HXT  H N N 409 
TYR N    N N N 410 
TYR CA   C N S 411 
TYR C    C N N 412 
TYR O    O N N 413 
TYR CB   C N N 414 
TYR CG   C Y N 415 
TYR CD1  C Y N 416 
TYR CD2  C Y N 417 
TYR CE1  C Y N 418 
TYR CE2  C Y N 419 
TYR CZ   C Y N 420 
TYR OH   O N N 421 
TYR OXT  O N N 422 
TYR H    H N N 423 
TYR H2   H N N 424 
TYR HA   H N N 425 
TYR HB2  H N N 426 
TYR HB3  H N N 427 
TYR HD1  H N N 428 
TYR HD2  H N N 429 
TYR HE1  H N N 430 
TYR HE2  H N N 431 
TYR HH   H N N 432 
TYR HXT  H N N 433 
VAL N    N N N 434 
VAL CA   C N S 435 
VAL C    C N N 436 
VAL O    O N N 437 
VAL CB   C N N 438 
VAL CG1  C N N 439 
VAL CG2  C N N 440 
VAL OXT  O N N 441 
VAL H    H N N 442 
VAL H2   H N N 443 
VAL HA   H N N 444 
VAL HB   H N N 445 
VAL HG11 H N N 446 
VAL HG12 H N N 447 
VAL HG13 H N N 448 
VAL HG21 H N N 449 
VAL HG22 H N N 450 
VAL HG23 H N N 451 
VAL HXT  H N N 452 
# 
loop_
_chem_comp_bond.comp_id 
_chem_comp_bond.atom_id_1 
_chem_comp_bond.atom_id_2 
_chem_comp_bond.value_order 
_chem_comp_bond.pdbx_aromatic_flag 
_chem_comp_bond.pdbx_stereo_config 
_chem_comp_bond.pdbx_ordinal 
ACT C   O    doub N N 1   
ACT C   OXT  sing N N 2   
ACT C   CH3  sing N N 3   
ACT CH3 H1   sing N N 4   
ACT CH3 H2   sing N N 5   
ACT CH3 H3   sing N N 6   
ALA N   CA   sing N N 7   
ALA N   H    sing N N 8   
ALA N   H2   sing N N 9   
ALA CA  C    sing N N 10  
ALA CA  CB   sing N N 11  
ALA CA  HA   sing N N 12  
ALA C   O    doub N N 13  
ALA C   OXT  sing N N 14  
ALA CB  HB1  sing N N 15  
ALA CB  HB2  sing N N 16  
ALA CB  HB3  sing N N 17  
ALA OXT HXT  sing N N 18  
ARG N   CA   sing N N 19  
ARG N   H    sing N N 20  
ARG N   H2   sing N N 21  
ARG CA  C    sing N N 22  
ARG CA  CB   sing N N 23  
ARG CA  HA   sing N N 24  
ARG C   O    doub N N 25  
ARG C   OXT  sing N N 26  
ARG CB  CG   sing N N 27  
ARG CB  HB2  sing N N 28  
ARG CB  HB3  sing N N 29  
ARG CG  CD   sing N N 30  
ARG CG  HG2  sing N N 31  
ARG CG  HG3  sing N N 32  
ARG CD  NE   sing N N 33  
ARG CD  HD2  sing N N 34  
ARG CD  HD3  sing N N 35  
ARG NE  CZ   sing N N 36  
ARG NE  HE   sing N N 37  
ARG CZ  NH1  sing N N 38  
ARG CZ  NH2  doub N N 39  
ARG NH1 HH11 sing N N 40  
ARG NH1 HH12 sing N N 41  
ARG NH2 HH21 sing N N 42  
ARG NH2 HH22 sing N N 43  
ARG OXT HXT  sing N N 44  
ASN N   CA   sing N N 45  
ASN N   H    sing N N 46  
ASN N   H2   sing N N 47  
ASN CA  C    sing N N 48  
ASN CA  CB   sing N N 49  
ASN CA  HA   sing N N 50  
ASN C   O    doub N N 51  
ASN C   OXT  sing N N 52  
ASN CB  CG   sing N N 53  
ASN CB  HB2  sing N N 54  
ASN CB  HB3  sing N N 55  
ASN CG  OD1  doub N N 56  
ASN CG  ND2  sing N N 57  
ASN ND2 HD21 sing N N 58  
ASN ND2 HD22 sing N N 59  
ASN OXT HXT  sing N N 60  
ASP N   CA   sing N N 61  
ASP N   H    sing N N 62  
ASP N   H2   sing N N 63  
ASP CA  C    sing N N 64  
ASP CA  CB   sing N N 65  
ASP CA  HA   sing N N 66  
ASP C   O    doub N N 67  
ASP C   OXT  sing N N 68  
ASP CB  CG   sing N N 69  
ASP CB  HB2  sing N N 70  
ASP CB  HB3  sing N N 71  
ASP CG  OD1  doub N N 72  
ASP CG  OD2  sing N N 73  
ASP OD2 HD2  sing N N 74  
ASP OXT HXT  sing N N 75  
CYS N   CA   sing N N 76  
CYS N   H    sing N N 77  
CYS N   H2   sing N N 78  
CYS CA  C    sing N N 79  
CYS CA  CB   sing N N 80  
CYS CA  HA   sing N N 81  
CYS C   O    doub N N 82  
CYS C   OXT  sing N N 83  
CYS CB  SG   sing N N 84  
CYS CB  HB2  sing N N 85  
CYS CB  HB3  sing N N 86  
CYS SG  HG   sing N N 87  
CYS OXT HXT  sing N N 88  
DMS S   O    doub N N 89  
DMS S   C1   sing N N 90  
DMS S   C2   sing N N 91  
DMS C1  H11  sing N N 92  
DMS C1  H12  sing N N 93  
DMS C1  H13  sing N N 94  
DMS C2  H21  sing N N 95  
DMS C2  H22  sing N N 96  
DMS C2  H23  sing N N 97  
EDO C1  O1   sing N N 98  
EDO C1  C2   sing N N 99  
EDO C1  H11  sing N N 100 
EDO C1  H12  sing N N 101 
EDO O1  HO1  sing N N 102 
EDO C2  O2   sing N N 103 
EDO C2  H21  sing N N 104 
EDO C2  H22  sing N N 105 
EDO O2  HO2  sing N N 106 
GLN N   CA   sing N N 107 
GLN N   H    sing N N 108 
GLN N   H2   sing N N 109 
GLN CA  C    sing N N 110 
GLN CA  CB   sing N N 111 
GLN CA  HA   sing N N 112 
GLN C   O    doub N N 113 
GLN C   OXT  sing N N 114 
GLN CB  CG   sing N N 115 
GLN CB  HB2  sing N N 116 
GLN CB  HB3  sing N N 117 
GLN CG  CD   sing N N 118 
GLN CG  HG2  sing N N 119 
GLN CG  HG3  sing N N 120 
GLN CD  OE1  doub N N 121 
GLN CD  NE2  sing N N 122 
GLN NE2 HE21 sing N N 123 
GLN NE2 HE22 sing N N 124 
GLN OXT HXT  sing N N 125 
GLU N   CA   sing N N 126 
GLU N   H    sing N N 127 
GLU N   H2   sing N N 128 
GLU CA  C    sing N N 129 
GLU CA  CB   sing N N 130 
GLU CA  HA   sing N N 131 
GLU C   O    doub N N 132 
GLU C   OXT  sing N N 133 
GLU CB  CG   sing N N 134 
GLU CB  HB2  sing N N 135 
GLU CB  HB3  sing N N 136 
GLU CG  CD   sing N N 137 
GLU CG  HG2  sing N N 138 
GLU CG  HG3  sing N N 139 
GLU CD  OE1  doub N N 140 
GLU CD  OE2  sing N N 141 
GLU OE2 HE2  sing N N 142 
GLU OXT HXT  sing N N 143 
GLY N   CA   sing N N 144 
GLY N   H    sing N N 145 
GLY N   H2   sing N N 146 
GLY CA  C    sing N N 147 
GLY CA  HA2  sing N N 148 
GLY CA  HA3  sing N N 149 
GLY C   O    doub N N 150 
GLY C   OXT  sing N N 151 
GLY OXT HXT  sing N N 152 
HIS N   CA   sing N N 153 
HIS N   H    sing N N 154 
HIS N   H2   sing N N 155 
HIS CA  C    sing N N 156 
HIS CA  CB   sing N N 157 
HIS CA  HA   sing N N 158 
HIS C   O    doub N N 159 
HIS C   OXT  sing N N 160 
HIS CB  CG   sing N N 161 
HIS CB  HB2  sing N N 162 
HIS CB  HB3  sing N N 163 
HIS CG  ND1  sing Y N 164 
HIS CG  CD2  doub Y N 165 
HIS ND1 CE1  doub Y N 166 
HIS ND1 HD1  sing N N 167 
HIS CD2 NE2  sing Y N 168 
HIS CD2 HD2  sing N N 169 
HIS CE1 NE2  sing Y N 170 
HIS CE1 HE1  sing N N 171 
HIS NE2 HE2  sing N N 172 
HIS OXT HXT  sing N N 173 
HOH O   H1   sing N N 174 
HOH O   H2   sing N N 175 
ILE N   CA   sing N N 176 
ILE N   H    sing N N 177 
ILE N   H2   sing N N 178 
ILE CA  C    sing N N 179 
ILE CA  CB   sing N N 180 
ILE CA  HA   sing N N 181 
ILE C   O    doub N N 182 
ILE C   OXT  sing N N 183 
ILE CB  CG1  sing N N 184 
ILE CB  CG2  sing N N 185 
ILE CB  HB   sing N N 186 
ILE CG1 CD1  sing N N 187 
ILE CG1 HG12 sing N N 188 
ILE CG1 HG13 sing N N 189 
ILE CG2 HG21 sing N N 190 
ILE CG2 HG22 sing N N 191 
ILE CG2 HG23 sing N N 192 
ILE CD1 HD11 sing N N 193 
ILE CD1 HD12 sing N N 194 
ILE CD1 HD13 sing N N 195 
ILE OXT HXT  sing N N 196 
JGP C14 C15  sing N N 197 
JGP C14 C13  sing N N 198 
JGP C15 N09  sing N N 199 
JGP C11 C10  sing N N 200 
JGP C11 C12  sing N N 201 
JGP C13 C12  sing N N 202 
JGP C10 N09  sing N N 203 
JGP N09 C07  sing N N 204 
JGP O16 C04  sing N N 205 
JGP O16 C17  sing N N 206 
JGP C05 C04  doub Y N 207 
JGP C05 C06  sing Y N 208 
JGP C07 C06  sing N N 209 
JGP C07 O08  doub N N 210 
JGP C04 C03  sing Y N 211 
JGP C06 C01  doub Y N 212 
JGP C17 O18  sing N N 213 
JGP C03 O18  sing N N 214 
JGP C03 C02  doub Y N 215 
JGP C01 C02  sing Y N 216 
JGP C10 H101 sing N N 217 
JGP C10 H102 sing N N 218 
JGP C13 H132 sing N N 219 
JGP C13 H131 sing N N 220 
JGP C15 H152 sing N N 221 
JGP C15 H151 sing N N 222 
JGP C17 H171 sing N N 223 
JGP C17 H172 sing N N 224 
JGP C01 H011 sing N N 225 
JGP C02 H021 sing N N 226 
JGP C05 H051 sing N N 227 
JGP C11 H111 sing N N 228 
JGP C11 H112 sing N N 229 
JGP C12 H121 sing N N 230 
JGP C12 H122 sing N N 231 
JGP C14 H142 sing N N 232 
JGP C14 H141 sing N N 233 
LEU N   CA   sing N N 234 
LEU N   H    sing N N 235 
LEU N   H2   sing N N 236 
LEU CA  C    sing N N 237 
LEU CA  CB   sing N N 238 
LEU CA  HA   sing N N 239 
LEU C   O    doub N N 240 
LEU C   OXT  sing N N 241 
LEU CB  CG   sing N N 242 
LEU CB  HB2  sing N N 243 
LEU CB  HB3  sing N N 244 
LEU CG  CD1  sing N N 245 
LEU CG  CD2  sing N N 246 
LEU CG  HG   sing N N 247 
LEU CD1 HD11 sing N N 248 
LEU CD1 HD12 sing N N 249 
LEU CD1 HD13 sing N N 250 
LEU CD2 HD21 sing N N 251 
LEU CD2 HD22 sing N N 252 
LEU CD2 HD23 sing N N 253 
LEU OXT HXT  sing N N 254 
LYS N   CA   sing N N 255 
LYS N   H    sing N N 256 
LYS N   H2   sing N N 257 
LYS CA  C    sing N N 258 
LYS CA  CB   sing N N 259 
LYS CA  HA   sing N N 260 
LYS C   O    doub N N 261 
LYS C   OXT  sing N N 262 
LYS CB  CG   sing N N 263 
LYS CB  HB2  sing N N 264 
LYS CB  HB3  sing N N 265 
LYS CG  CD   sing N N 266 
LYS CG  HG2  sing N N 267 
LYS CG  HG3  sing N N 268 
LYS CD  CE   sing N N 269 
LYS CD  HD2  sing N N 270 
LYS CD  HD3  sing N N 271 
LYS CE  NZ   sing N N 272 
LYS CE  HE2  sing N N 273 
LYS CE  HE3  sing N N 274 
LYS NZ  HZ1  sing N N 275 
LYS NZ  HZ2  sing N N 276 
LYS NZ  HZ3  sing N N 277 
LYS OXT HXT  sing N N 278 
MET N   CA   sing N N 279 
MET N   H    sing N N 280 
MET N   H2   sing N N 281 
MET CA  C    sing N N 282 
MET CA  CB   sing N N 283 
MET CA  HA   sing N N 284 
MET C   O    doub N N 285 
MET C   OXT  sing N N 286 
MET CB  CG   sing N N 287 
MET CB  HB2  sing N N 288 
MET CB  HB3  sing N N 289 
MET CG  SD   sing N N 290 
MET CG  HG2  sing N N 291 
MET CG  HG3  sing N N 292 
MET SD  CE   sing N N 293 
MET CE  HE1  sing N N 294 
MET CE  HE2  sing N N 295 
MET CE  HE3  sing N N 296 
MET OXT HXT  sing N N 297 
PHE N   CA   sing N N 298 
PHE N   H    sing N N 299 
PHE N   H2   sing N N 300 
PHE CA  C    sing N N 301 
PHE CA  CB   sing N N 302 
PHE CA  HA   sing N N 303 
PHE C   O    doub N N 304 
PHE C   OXT  sing N N 305 
PHE CB  CG   sing N N 306 
PHE CB  HB2  sing N N 307 
PHE CB  HB3  sing N N 308 
PHE CG  CD1  doub Y N 309 
PHE CG  CD2  sing Y N 310 
PHE CD1 CE1  sing Y N 311 
PHE CD1 HD1  sing N N 312 
PHE CD2 CE2  doub Y N 313 
PHE CD2 HD2  sing N N 314 
PHE CE1 CZ   doub Y N 315 
PHE CE1 HE1  sing N N 316 
PHE CE2 CZ   sing Y N 317 
PHE CE2 HE2  sing N N 318 
PHE CZ  HZ   sing N N 319 
PHE OXT HXT  sing N N 320 
PRO N   CA   sing N N 321 
PRO N   CD   sing N N 322 
PRO N   H    sing N N 323 
PRO CA  C    sing N N 324 
PRO CA  CB   sing N N 325 
PRO CA  HA   sing N N 326 
PRO C   O    doub N N 327 
PRO C   OXT  sing N N 328 
PRO CB  CG   sing N N 329 
PRO CB  HB2  sing N N 330 
PRO CB  HB3  sing N N 331 
PRO CG  CD   sing N N 332 
PRO CG  HG2  sing N N 333 
PRO CG  HG3  sing N N 334 
PRO CD  HD2  sing N N 335 
PRO CD  HD3  sing N N 336 
PRO OXT HXT  sing N N 337 
SER N   CA   sing N N 338 
SER N   H    sing N N 339 
SER N   H2   sing N N 340 
SER CA  C    sing N N 341 
SER CA  CB   sing N N 342 
SER CA  HA   sing N N 343 
SER C   O    doub N N 344 
SER C   OXT  sing N N 345 
SER CB  OG   sing N N 346 
SER CB  HB2  sing N N 347 
SER CB  HB3  sing N N 348 
SER OG  HG   sing N N 349 
SER OXT HXT  sing N N 350 
THR N   CA   sing N N 351 
THR N   H    sing N N 352 
THR N   H2   sing N N 353 
THR CA  C    sing N N 354 
THR CA  CB   sing N N 355 
THR CA  HA   sing N N 356 
THR C   O    doub N N 357 
THR C   OXT  sing N N 358 
THR CB  OG1  sing N N 359 
THR CB  CG2  sing N N 360 
THR CB  HB   sing N N 361 
THR OG1 HG1  sing N N 362 
THR CG2 HG21 sing N N 363 
THR CG2 HG22 sing N N 364 
THR CG2 HG23 sing N N 365 
THR OXT HXT  sing N N 366 
TRP N   CA   sing N N 367 
TRP N   H    sing N N 368 
TRP N   H2   sing N N 369 
TRP CA  C    sing N N 370 
TRP CA  CB   sing N N 371 
TRP CA  HA   sing N N 372 
TRP C   O    doub N N 373 
TRP C   OXT  sing N N 374 
TRP CB  CG   sing N N 375 
TRP CB  HB2  sing N N 376 
TRP CB  HB3  sing N N 377 
TRP CG  CD1  doub Y N 378 
TRP CG  CD2  sing Y N 379 
TRP CD1 NE1  sing Y N 380 
TRP CD1 HD1  sing N N 381 
TRP CD2 CE2  doub Y N 382 
TRP CD2 CE3  sing Y N 383 
TRP NE1 CE2  sing Y N 384 
TRP NE1 HE1  sing N N 385 
TRP CE2 CZ2  sing Y N 386 
TRP CE3 CZ3  doub Y N 387 
TRP CE3 HE3  sing N N 388 
TRP CZ2 CH2  doub Y N 389 
TRP CZ2 HZ2  sing N N 390 
TRP CZ3 CH2  sing Y N 391 
TRP CZ3 HZ3  sing N N 392 
TRP CH2 HH2  sing N N 393 
TRP OXT HXT  sing N N 394 
TYR N   CA   sing N N 395 
TYR N   H    sing N N 396 
TYR N   H2   sing N N 397 
TYR CA  C    sing N N 398 
TYR CA  CB   sing N N 399 
TYR CA  HA   sing N N 400 
TYR C   O    doub N N 401 
TYR C   OXT  sing N N 402 
TYR CB  CG   sing N N 403 
TYR CB  HB2  sing N N 404 
TYR CB  HB3  sing N N 405 
TYR CG  CD1  doub Y N 406 
TYR CG  CD2  sing Y N 407 
TYR CD1 CE1  sing Y N 408 
TYR CD1 HD1  sing N N 409 
TYR CD2 CE2  doub Y N 410 
TYR CD2 HD2  sing N N 411 
TYR CE1 CZ   doub Y N 412 
TYR CE1 HE1  sing N N 413 
TYR CE2 CZ   sing Y N 414 
TYR CE2 HE2  sing N N 415 
TYR CZ  OH   sing N N 416 
TYR OH  HH   sing N N 417 
TYR OXT HXT  sing N N 418 
VAL N   CA   sing N N 419 
VAL N   H    sing N N 420 
VAL N   H2   sing N N 421 
VAL CA  C    sing N N 422 
VAL CA  CB   sing N N 423 
VAL CA  HA   sing N N 424 
VAL C   O    doub N N 425 
VAL C   OXT  sing N N 426 
VAL CB  CG1  sing N N 427 
VAL CB  CG2  sing N N 428 
VAL CB  HB   sing N N 429 
VAL CG1 HG11 sing N N 430 
VAL CG1 HG12 sing N N 431 
VAL CG1 HG13 sing N N 432 
VAL CG2 HG21 sing N N 433 
VAL CG2 HG22 sing N N 434 
VAL CG2 HG23 sing N N 435 
VAL OXT HXT  sing N N 436 
# 
_pdbx_deposit_group.group_id            G_1002061 
_pdbx_deposit_group.group_description   
;XDomainX of XOrganismX DCP2 (NUDT20) screened against the XXX Fragment Library by X-ray Crystallography at the XChem facility of Diamond Light Source beamline I04-1
;
_pdbx_deposit_group.group_title         'PanDDA analysis group deposition' 
_pdbx_deposit_group.group_type          'changed state' 
# 
_pdbx_related_exp_data_set.ordinal              1 
_pdbx_related_exp_data_set.data_reference       10.5281/zenodo.1437589 
_pdbx_related_exp_data_set.metadata_reference   10.5281/zenodo.1437589 
_pdbx_related_exp_data_set.data_set_type        'other data' 
_pdbx_related_exp_data_set.details              'Complete PanDDA analysis' 
# 
_atom_sites.entry_id                    5QOL 
_atom_sites.fract_transf_matrix[1][1]   -0.02007843 
_atom_sites.fract_transf_matrix[1][2]   -0.00212085 
_atom_sites.fract_transf_matrix[1][3]   0.00464250 
_atom_sites.fract_transf_matrix[2][1]   0.00004587 
_atom_sites.fract_transf_matrix[2][2]   -0.01499297 
_atom_sites.fract_transf_matrix[2][3]   -0.00665090 
_atom_sites.fract_transf_matrix[3][1]   0.00374849 
_atom_sites.fract_transf_matrix[3][2]   -0.00597027 
_atom_sites.fract_transf_matrix[3][3]   0.01348449 
_atom_sites.fract_transf_vector[1]      -0.885630 
_atom_sites.fract_transf_vector[2]      0.227916 
_atom_sites.fract_transf_vector[3]      1.167131 
# 
loop_
_atom_type.symbol 
C 
N 
O 
S 
# 
loop_
_atom_site.group_PDB 
_atom_site.id 
_atom_site.type_symbol 
_atom_site.label_atom_id 
_atom_site.label_alt_id 
_atom_site.label_comp_id 
_atom_site.label_asym_id 
_atom_site.label_entity_id 
_atom_site.label_seq_id 
_atom_site.pdbx_PDB_ins_code 
_atom_site.Cartn_x 
_atom_site.Cartn_y 
_atom_site.Cartn_z 
_atom_site.occupancy 
_atom_site.B_iso_or_equiv 
_atom_site.pdbx_formal_charge 
_atom_site.auth_seq_id 
_atom_site.auth_comp_id 
_atom_site.auth_asym_id 
_atom_site.auth_atom_id 
_atom_site.pdbx_PDB_model_num 
ATOM   1    N N   . GLY A 1 3   ? -18.645 -3.330  4.990   1.00 74.04 ? 96  GLY A N   1 
ATOM   2    C CA  . GLY A 1 3   ? -17.241 -3.841  5.216   1.00 75.77 ? 96  GLY A CA  1 
ATOM   3    C C   . GLY A 1 3   ? -16.517 -3.075  6.332   1.00 66.22 ? 96  GLY A C   1 
ATOM   4    O O   . GLY A 1 3   ? -16.714 -1.855  6.491   1.00 67.38 ? 96  GLY A O   1 
ATOM   5    N N   . VAL A 1 4   ? -15.692 -3.779  7.109   1.00 60.10 ? 97  VAL A N   1 
ATOM   6    C CA  . VAL A 1 4   ? -14.924 -3.137  8.202   1.00 58.03 ? 97  VAL A CA  1 
ATOM   7    C C   . VAL A 1 4   ? -13.763 -2.316  7.578   1.00 42.32 ? 97  VAL A C   1 
ATOM   8    O O   . VAL A 1 4   ? -13.105 -2.859  6.726   1.00 40.27 ? 97  VAL A O   1 
ATOM   9    C CB  . VAL A 1 4   ? -14.305 -4.197  9.133   1.00 63.73 ? 97  VAL A CB  1 
ATOM   10   C CG1 . VAL A 1 4   ? -13.386 -3.548  10.179  1.00 58.44 ? 97  VAL A CG1 1 
ATOM   11   C CG2 . VAL A 1 4   ? -15.408 -5.052  9.787   1.00 69.54 ? 97  VAL A CG2 1 
ATOM   12   N N   . PRO A 1 5   ? -13.547 -1.050  8.004   1.00 40.39 ? 98  PRO A N   1 
ATOM   13   C CA  . PRO A 1 5   ? -12.483 -0.228  7.368   1.00 40.24 ? 98  PRO A CA  1 
ATOM   14   C C   . PRO A 1 5   ? -11.091 -0.822  7.531   1.00 38.74 ? 98  PRO A C   1 
ATOM   15   O O   . PRO A 1 5   ? -10.866 -1.585  8.486   1.00 31.50 ? 98  PRO A O   1 
ATOM   16   C CB  . PRO A 1 5   ? -12.611 1.158   8.029   1.00 43.24 ? 98  PRO A CB  1 
ATOM   17   C CG  . PRO A 1 5   ? -13.919 1.148   8.776   1.00 43.65 ? 98  PRO A CG  1 
ATOM   18   C CD  . PRO A 1 5   ? -14.504 -0.232  8.767   1.00 38.22 ? 98  PRO A CD  1 
ATOM   19   N N   . THR A 1 6   ? -10.200 -0.546  6.548   1.00 35.11 ? 99  THR A N   1 
ATOM   20   C CA  . THR A 1 6   ? -8.762  -0.922  6.644   1.00 32.88 ? 99  THR A CA  1 
ATOM   21   C C   . THR A 1 6   ? -7.870  0.330   6.710   1.00 27.31 ? 99  THR A C   1 
ATOM   22   O O   . THR A 1 6   ? -8.198  1.403   6.153   1.00 28.37 ? 99  THR A O   1 
ATOM   23   C CB  . THR A 1 6   ? -8.332  -1.862  5.467   1.00 33.81 ? 99  THR A CB  1 
ATOM   24   O OG1 . THR A 1 6   ? -8.541  -1.187  4.223   1.00 29.38 ? 99  THR A OG1 1 
ATOM   25   C CG2 . THR A 1 6   ? -9.150  -3.163  5.512   1.00 31.47 ? 99  THR A CG2 1 
ATOM   26   N N   . TYR A 1 7   ? -6.745  0.172   7.404   1.00 25.89 ? 100 TYR A N   1 
ATOM   27   C CA  . TYR A 1 7   ? -5.798  1.249   7.653   1.00 23.99 ? 100 TYR A CA  1 
ATOM   28   C C   . TYR A 1 7   ? -4.418  0.700   7.454   1.00 20.13 ? 100 TYR A C   1 
ATOM   29   O O   . TYR A 1 7   ? -4.187  -0.456  7.764   1.00 21.36 ? 100 TYR A O   1 
ATOM   30   C CB  . TYR A 1 7   ? -5.939  1.891   9.090   1.00 25.96 ? 100 TYR A CB  1 
ATOM   31   C CG  . TYR A 1 7   ? -7.274  2.500   9.333   1.00 26.63 ? 100 TYR A CG  1 
ATOM   32   C CD1 . TYR A 1 7   ? -7.572  3.744   8.840   1.00 27.24 ? 100 TYR A CD1 1 
ATOM   33   C CD2 . TYR A 1 7   ? -8.281  1.773   10.006  1.00 31.88 ? 100 TYR A CD2 1 
ATOM   34   C CE1 . TYR A 1 7   ? -8.869  4.270   8.939   1.00 33.88 ? 100 TYR A CE1 1 
ATOM   35   C CE2 . TYR A 1 7   ? -9.577  2.303   10.175  1.00 32.15 ? 100 TYR A CE2 1 
ATOM   36   C CZ  . TYR A 1 7   ? -9.850  3.536   9.660   1.00 34.40 ? 100 TYR A CZ  1 
ATOM   37   O OH  . TYR A 1 7   ? -11.089 4.083   9.824   1.00 37.64 ? 100 TYR A OH  1 
ATOM   38   N N   . GLY A 1 8   ? -3.511  1.550   6.913   1.00 21.32 ? 101 GLY A N   1 
ATOM   39   C CA  . GLY A 1 8   ? -2.149  1.107   6.684   1.00 19.77 ? 101 GLY A CA  1 
ATOM   40   C C   . GLY A 1 8   ? -1.301  2.296   6.217   1.00 20.09 ? 101 GLY A C   1 
ATOM   41   O O   . GLY A 1 8   ? -1.581  3.450   6.569   1.00 22.85 ? 101 GLY A O   1 
ATOM   42   N N   . ALA A 1 9   ? -0.241  2.033   5.469   1.00 20.94 ? 102 ALA A N   1 
ATOM   43   C CA  . ALA A 1 9   ? 0.653   3.137   5.037   1.00 19.01 ? 102 ALA A CA  1 
ATOM   44   C C   . ALA A 1 9   ? 1.248   2.959   3.636   1.00 19.60 ? 102 ALA A C   1 
ATOM   45   O O   . ALA A 1 9   ? 1.498   1.828   3.145   1.00 18.78 ? 102 ALA A O   1 
ATOM   46   C CB  . ALA A 1 9   ? 1.819   3.287   6.008   1.00 23.76 ? 102 ALA A CB  1 
ATOM   47   N N   . ILE A 1 10  ? 1.563   4.134   3.059   1.00 18.73 ? 103 ILE A N   1 
ATOM   48   C CA  . ILE A 1 10  ? 2.451   4.302   1.894   1.00 20.59 ? 103 ILE A CA  1 
ATOM   49   C C   . ILE A 1 10  ? 3.790   4.876   2.380   1.00 19.43 ? 103 ILE A C   1 
ATOM   50   O O   . ILE A 1 10  ? 3.842   6.067   2.787   1.00 20.90 ? 103 ILE A O   1 
ATOM   51   C CB  . ILE A 1 10  ? 1.828   5.280   0.847   1.00 22.19 ? 103 ILE A CB  1 
ATOM   52   C CG1 . ILE A 1 10  ? 0.561   4.718   0.247   1.00 24.08 ? 103 ILE A CG1 1 
ATOM   53   C CG2 . ILE A 1 10  ? 2.829   5.575   -0.301  1.00 21.65 ? 103 ILE A CG2 1 
ATOM   54   C CD1 . ILE A 1 10  ? -0.311  5.729   -0.540  1.00 28.32 ? 103 ILE A CD1 1 
ATOM   55   N N   . ILE A 1 11  ? 4.815   4.026   2.450   1.00 20.37 ? 104 ILE A N   1 
ATOM   56   C CA  . ILE A 1 11  ? 6.151   4.317   2.872   1.00 20.86 ? 104 ILE A CA  1 
ATOM   57   C C   . ILE A 1 11  ? 6.964   4.629   1.642   1.00 21.85 ? 104 ILE A C   1 
ATOM   58   O O   . ILE A 1 11  ? 7.058   3.813   0.739   1.00 21.14 ? 104 ILE A O   1 
ATOM   59   C CB  . ILE A 1 11  ? 6.804   3.150   3.721   1.00 20.33 ? 104 ILE A CB  1 
ATOM   60   C CG1 . ILE A 1 11  ? 6.031   3.005   5.036   1.00 22.51 ? 104 ILE A CG1 1 
ATOM   61   C CG2 . ILE A 1 11  ? 8.276   3.393   4.020   1.00 21.73 ? 104 ILE A CG2 1 
ATOM   62   C CD1 . ILE A 1 11  ? 6.210   1.685   5.753   1.00 24.57 ? 104 ILE A CD1 1 
ATOM   63   N N   . LEU A 1 12  ? 7.584   5.806   1.646   1.00 21.12 ? 105 LEU A N   1 
ATOM   64   C CA  . LEU A 1 12  ? 8.495   6.272   0.591   1.00 20.72 ? 105 LEU A CA  1 
ATOM   65   C C   . LEU A 1 12  ? 9.913   6.401   1.125   1.00 21.68 ? 105 LEU A C   1 
ATOM   66   O O   . LEU A 1 12  ? 10.120  6.672   2.309   1.00 20.75 ? 105 LEU A O   1 
ATOM   67   C CB  . LEU A 1 12  ? 8.051   7.601   0.042   1.00 24.72 ? 105 LEU A CB  1 
ATOM   68   C CG  . LEU A 1 12  ? 6.639   7.611   -0.595  1.00 27.20 ? 105 LEU A CG  1 
ATOM   69   C CD1 . LEU A 1 12  ? 5.726   8.394   0.297   1.00 33.22 ? 105 LEU A CD1 1 
ATOM   70   C CD2 . LEU A 1 12  ? 6.653   8.252   -1.960  1.00 32.94 ? 105 LEU A CD2 1 
ATOM   71   N N   . ASP A 1 13  ? 10.910  6.314   0.213   1.00 21.79 ? 106 ASP A N   1 
ATOM   72   C CA  . ASP A 1 13  ? 12.323  6.442   0.625   1.00 24.42 ? 106 ASP A CA  1 
ATOM   73   C C   . ASP A 1 13  ? 12.719  7.911   0.682   1.00 27.21 ? 106 ASP A C   1 
ATOM   74   O O   . ASP A 1 13  ? 11.856  8.800   0.615   1.00 25.41 ? 106 ASP A O   1 
ATOM   75   C CB  . ASP A 1 13  ? 13.237  5.642   -0.338  1.00 27.50 ? 106 ASP A CB  1 
ATOM   76   C CG  . ASP A 1 13  ? 13.261  6.208   -1.763  1.00 26.80 ? 106 ASP A CG  1 
ATOM   77   O OD1 . ASP A 1 13  ? 12.362  6.923   -2.234  1.00 30.51 ? 106 ASP A OD1 1 
ATOM   78   O OD2 . ASP A 1 13  ? 14.141  5.756   -2.475  1.00 35.86 ? 106 ASP A OD2 1 
ATOM   79   N N   . GLU A 1 14  ? 14.023  8.176   0.841   1.00 25.63 ? 107 GLU A N   1 
ATOM   80   C CA  . GLU A 1 14  ? 14.503  9.554   0.939   1.00 28.76 ? 107 GLU A CA  1 
ATOM   81   C C   . GLU A 1 14  ? 14.420  10.377  -0.349  1.00 29.37 ? 107 GLU A C   1 
ATOM   82   O O   . GLU A 1 14  ? 14.295  11.610  -0.274  1.00 29.80 ? 107 GLU A O   1 
ATOM   83   C CB  . GLU A 1 14  ? 15.913  9.637   1.534   1.00 36.95 ? 107 GLU A CB  1 
ATOM   84   C CG  . GLU A 1 14  ? 17.004  8.863   0.827   1.00 38.98 ? 107 GLU A CG  1 
ATOM   85   C CD  . GLU A 1 14  ? 17.154  7.415   1.307   1.00 47.30 ? 107 GLU A CD  1 
ATOM   86   O OE1 . GLU A 1 14  ? 16.249  6.573   1.118   1.00 48.74 ? 107 GLU A OE1 1 
ATOM   87   O OE2 . GLU A 1 14  ? 18.209  7.044   1.841   1.00 63.15 ? 107 GLU A OE2 1 
ATOM   88   N N   . THR A 1 15  ? 14.420  9.707   -1.510  1.00 28.04 ? 108 THR A N   1 
ATOM   89   C CA  . THR A 1 15  ? 14.487  10.366  -2.807  1.00 26.34 ? 108 THR A CA  1 
ATOM   90   C C   . THR A 1 15  ? 13.080  10.653  -3.275  1.00 25.62 ? 108 THR A C   1 
ATOM   91   O O   . THR A 1 15  ? 12.825  11.429  -4.243  1.00 25.60 ? 108 THR A O   1 
ATOM   92   C CB  . THR A 1 15  ? 15.157  9.447   -3.875  1.00 32.99 ? 108 THR A CB  1 
ATOM   93   O OG1 . THR A 1 15  ? 14.318  8.340   -4.202  1.00 32.28 ? 108 THR A OG1 1 
ATOM   94   C CG2 . THR A 1 15  ? 16.471  8.889   -3.432  1.00 38.56 ? 108 THR A CG2 1 
ATOM   95   N N   . LEU A 1 16  ? 12.108  10.036  -2.607  1.00 24.16 ? 109 LEU A N   1 
ATOM   96   C CA  . LEU A 1 16  ? 10.681  10.112  -3.049  1.00 24.02 ? 109 LEU A CA  1 
ATOM   97   C C   . LEU A 1 16  ? 10.306  9.357   -4.399  1.00 26.14 ? 109 LEU A C   1 
ATOM   98   O O   . LEU A 1 16  ? 9.173   9.562   -4.947  1.00 30.24 ? 109 LEU A O   1 
ATOM   99   C CB  . LEU A 1 16  ? 10.121  11.507  -3.053  1.00 28.66 ? 109 LEU A CB  1 
ATOM   100  C CG  . LEU A 1 16  ? 10.337  12.412  -1.839  1.00 28.94 ? 109 LEU A CG  1 
ATOM   101  C CD1 . LEU A 1 16  ? 9.885   13.819  -2.126  1.00 37.10 ? 109 LEU A CD1 1 
ATOM   102  C CD2 . LEU A 1 16  ? 9.642   11.769  -0.640  1.00 32.83 ? 109 LEU A CD2 1 
ATOM   103  N N   . GLU A 1 17  ? 11.234  8.534   -4.886  0.50 26.86 ? 110 GLU A N   1 
ATOM   104  C CA  . GLU A 1 17  ? 11.108  7.779   -6.130  0.50 28.53 ? 110 GLU A CA  1 
ATOM   105  C C   . GLU A 1 17  ? 10.517  6.384   -5.923  0.50 27.11 ? 110 GLU A C   1 
ATOM   106  O O   . GLU A 1 17  ? 9.961   5.818   -6.877  0.50 25.10 ? 110 GLU A O   1 
ATOM   107  C CB  . GLU A 1 17  ? 12.494  7.495   -6.759  0.50 32.32 ? 110 GLU A CB  1 
ATOM   108  C CG  . GLU A 1 17  ? 13.343  8.667   -7.201  0.50 36.49 ? 110 GLU A CG  1 
ATOM   109  C CD  . GLU A 1 17  ? 14.778  8.235   -7.570  0.50 41.35 ? 110 GLU A CD  1 
ATOM   110  O OE1 . GLU A 1 17  ? 15.607  7.967   -6.657  0.50 41.27 ? 110 GLU A OE1 1 
ATOM   111  O OE2 . GLU A 1 17  ? 15.085  8.170   -8.779  0.50 38.37 ? 110 GLU A OE2 1 
ATOM   112  N N   . ASN A 1 18  ? 10.674  5.828   -4.710  1.00 25.01 ? 111 ASN A N   1 
ATOM   113  C CA  . ASN A 1 18  ? 10.388  4.405   -4.414  1.00 23.29 ? 111 ASN A CA  1 
ATOM   114  C C   . ASN A 1 18  ? 9.367   4.264   -3.297  1.00 21.84 ? 111 ASN A C   1 
ATOM   115  O O   . ASN A 1 18  ? 9.356   5.098   -2.356  1.00 20.88 ? 111 ASN A O   1 
ATOM   116  C CB  . ASN A 1 18  ? 11.701  3.644   -4.067  1.00 23.75 ? 111 ASN A CB  1 
ATOM   117  C CG  . ASN A 1 18  ? 12.724  3.712   -5.224  1.00 31.63 ? 111 ASN A CG  1 
ATOM   118  O OD1 . ASN A 1 18  ? 12.484  3.177   -6.310  1.00 32.95 ? 111 ASN A OD1 1 
ATOM   119  N ND2 . ASN A 1 18  ? 13.835  4.411   -5.001  1.00 33.03 ? 111 ASN A ND2 1 
ATOM   120  N N   . VAL A 1 19  ? 8.524   3.236   -3.415  1.00 22.83 ? 112 VAL A N   1 
ATOM   121  C CA  . VAL A 1 19  ? 7.501   2.886   -2.410  1.00 21.38 ? 112 VAL A CA  1 
ATOM   122  C C   . VAL A 1 19  ? 7.713   1.449   -1.953  1.00 22.37 ? 112 VAL A C   1 
ATOM   123  O O   . VAL A 1 19  ? 8.159   0.582   -2.714  1.00 21.11 ? 112 VAL A O   1 
ATOM   124  C CB  . VAL A 1 19  ? 6.037   3.034   -2.947  1.00 23.76 ? 112 VAL A CB  1 
ATOM   125  C CG1 . VAL A 1 19  ? 5.641   4.465   -3.119  1.00 27.51 ? 112 VAL A CG1 1 
ATOM   126  C CG2 . VAL A 1 19  ? 5.779   2.228   -4.220  1.00 23.77 ? 112 VAL A CG2 1 
ATOM   127  N N   . LEU A 1 20  ? 7.324   1.159   -0.701  1.00 20.32 ? 113 LEU A N   1 
ATOM   128  C CA  . LEU A 1 20  ? 7.459   -0.168  -0.100  1.00 21.18 ? 113 LEU A CA  1 
ATOM   129  C C   . LEU A 1 20  ? 6.130   -0.982  -0.252  1.00 21.92 ? 113 LEU A C   1 
ATOM   130  O O   . LEU A 1 20  ? 5.068   -0.558  0.208   1.00 20.97 ? 113 LEU A O   1 
ATOM   131  C CB  . LEU A 1 20  ? 7.853   -0.025  1.414   1.00 21.37 ? 113 LEU A CB  1 
ATOM   132  C CG  . LEU A 1 20  ? 8.308   -1.384  2.101   1.00 24.68 ? 113 LEU A CG  1 
ATOM   133  C CD1 . LEU A 1 20  ? 9.725   -1.725  1.664   1.00 23.88 ? 113 LEU A CD1 1 
ATOM   134  C CD2 . LEU A 1 20  ? 8.213   -1.199  3.595   1.00 26.61 ? 113 LEU A CD2 1 
ATOM   135  N N   . LEU A 1 21  ? 6.186   -2.111  -0.993  1.00 20.94 ? 114 LEU A N   1 
ATOM   136  C CA  . LEU A 1 21  ? 5.034   -2.948  -1.143  1.00 20.18 ? 114 LEU A CA  1 
ATOM   137  C C   . LEU A 1 21  ? 5.331   -4.319  -0.482  1.00 19.82 ? 114 LEU A C   1 
ATOM   138  O O   . LEU A 1 21  ? 6.508   -4.717  -0.273  1.00 20.67 ? 114 LEU A O   1 
ATOM   139  C CB  . LEU A 1 21  ? 4.673   -3.176  -2.611  1.00 20.98 ? 114 LEU A CB  1 
ATOM   140  C CG  . LEU A 1 21  ? 4.472   -1.954  -3.493  1.00 22.91 ? 114 LEU A CG  1 
ATOM   141  C CD1 . LEU A 1 21  ? 3.970   -2.354  -4.888  1.00 24.44 ? 114 LEU A CD1 1 
ATOM   142  C CD2 . LEU A 1 21  ? 3.423   -1.013  -2.921  1.00 22.76 ? 114 LEU A CD2 1 
ATOM   143  N N   . VAL A 1 22  ? 4.253   -4.981  -0.113  1.00 19.36 ? 115 VAL A N   1 
ATOM   144  C CA  . VAL A 1 22  ? 4.242   -6.340  0.458   1.00 21.59 ? 115 VAL A CA  1 
ATOM   145  C C   . VAL A 1 22  ? 3.455   -7.301  -0.431  1.00 22.60 ? 115 VAL A C   1 
ATOM   146  O O   . VAL A 1 22  ? 2.492   -6.893  -1.136  1.00 21.19 ? 115 VAL A O   1 
ATOM   147  C CB  . VAL A 1 22  ? 3.739   -6.408  1.935   1.00 22.06 ? 115 VAL A CB  1 
ATOM   148  C CG1 . VAL A 1 22  ? 4.674   -5.584  2.838   1.00 25.08 ? 115 VAL A CG1 1 
ATOM   149  C CG2 . VAL A 1 22  ? 2.283   -5.986  2.056   1.00 23.10 ? 115 VAL A CG2 1 
ATOM   150  N N   . GLN A 1 23  ? 3.913   -8.580  -0.455  1.00 22.46 ? 116 GLN A N   1 
ATOM   151  C CA  . GLN A 1 23  ? 3.275   -9.642  -1.307  1.00 22.54 ? 116 GLN A CA  1 
ATOM   152  C C   . GLN A 1 23  ? 2.572   -10.655 -0.378  1.00 23.56 ? 116 GLN A C   1 
ATOM   153  O O   . GLN A 1 23  ? 3.213   -11.140 0.600   1.00 24.97 ? 116 GLN A O   1 
ATOM   154  C CB  . GLN A 1 23  ? 4.345   -10.307 -2.167  1.00 22.23 ? 116 GLN A CB  1 
ATOM   155  C CG  . GLN A 1 23  ? 3.827   -11.276 -3.215  1.00 22.49 ? 116 GLN A CG  1 
ATOM   156  C CD  . GLN A 1 23  ? 4.947   -11.971 -3.958  1.00 24.02 ? 116 GLN A CD  1 
ATOM   157  O OE1 . GLN A 1 23  ? 6.076   -12.180 -3.441  1.00 25.78 ? 116 GLN A OE1 1 
ATOM   158  N NE2 . GLN A 1 23  ? 4.671   -12.264 -5.225  1.00 28.18 ? 116 GLN A NE2 1 
ATOM   159  N N   . GLY A 1 24  ? 1.284   -10.884 -0.590  1.00 27.13 ? 117 GLY A N   1 
ATOM   160  C CA  . GLY A 1 24  ? 0.562   -11.867 0.245   1.00 30.09 ? 117 GLY A CA  1 
ATOM   161  C C   . GLY A 1 24  ? 0.544   -13.257 -0.455  1.00 28.35 ? 117 GLY A C   1 
ATOM   162  O O   . GLY A 1 24  ? 1.304   -13.508 -1.402  1.00 29.25 ? 117 GLY A O   1 
ATOM   163  N N   . TYR A 1 25  ? -0.410  -14.069 -0.030  1.00 27.09 ? 118 TYR A N   1 
ATOM   164  C CA  . TYR A 1 25  ? -0.603  -15.454 -0.477  1.00 28.02 ? 118 TYR A CA  1 
ATOM   165  C C   . TYR A 1 25  ? -2.057  -15.687 -0.920  1.00 31.87 ? 118 TYR A C   1 
ATOM   166  O O   . TYR A 1 25  ? -2.992  -14.966 -0.465  1.00 28.01 ? 118 TYR A O   1 
ATOM   167  C CB  . TYR A 1 25  ? -0.351  -16.394 0.719   1.00 29.57 ? 118 TYR A CB  1 
ATOM   168  C CG  . TYR A 1 25  ? 1.122   -16.587 1.109   1.00 28.80 ? 118 TYR A CG  1 
ATOM   169  C CD1 . TYR A 1 25  ? 1.997   -17.195 0.212   1.00 27.47 ? 118 TYR A CD1 1 
ATOM   170  C CD2 . TYR A 1 25  ? 1.620   -16.195 2.372   1.00 28.07 ? 118 TYR A CD2 1 
ATOM   171  C CE1 . TYR A 1 25  ? 3.303   -17.406 0.581   1.00 26.62 ? 118 TYR A CE1 1 
ATOM   172  C CE2 . TYR A 1 25  ? 2.972   -16.364 2.713   1.00 28.19 ? 118 TYR A CE2 1 
ATOM   173  C CZ  . TYR A 1 25  ? 3.794   -16.969 1.817   1.00 28.51 ? 118 TYR A CZ  1 
ATOM   174  O OH  . TYR A 1 25  ? 5.120   -17.252 2.043   1.00 33.81 ? 118 TYR A OH  1 
ATOM   175  N N   . LEU A 1 26  ? -2.264  -16.683 -1.813  1.00 32.95 ? 119 LEU A N   1 
ATOM   176  C CA  . LEU A 1 26  ? -3.630  -17.172 -2.129  1.00 32.77 ? 119 LEU A CA  1 
ATOM   177  C C   . LEU A 1 26  ? -4.526  -16.062 -2.793  1.00 30.95 ? 119 LEU A C   1 
ATOM   178  O O   . LEU A 1 26  ? -4.146  -15.508 -3.819  1.00 32.27 ? 119 LEU A O   1 
ATOM   179  C CB  . LEU A 1 26  ? -4.285  -17.828 -0.840  1.00 34.92 ? 119 LEU A CB  1 
ATOM   180  C CG  . LEU A 1 26  ? -3.445  -19.069 -0.330  1.00 37.85 ? 119 LEU A CG  1 
ATOM   181  C CD1 . LEU A 1 26  ? -3.883  -19.621 1.024   1.00 39.69 ? 119 LEU A CD1 1 
ATOM   182  C CD2 . LEU A 1 26  ? -3.366  -20.141 -1.443  1.00 41.09 ? 119 LEU A CD2 1 
ATOM   183  N N   . ALA A 1 27  ? -5.658  -15.706 -2.190  1.00 35.34 ? 120 ALA A N   1 
ATOM   184  C CA  . ALA A 1 27  ? -6.491  -14.595 -2.699  1.00 39.49 ? 120 ALA A CA  1 
ATOM   185  C C   . ALA A 1 27  ? -5.732  -13.244 -2.773  1.00 37.31 ? 120 ALA A C   1 
ATOM   186  O O   . ALA A 1 27  ? -6.056  -12.387 -3.650  1.00 36.25 ? 120 ALA A O   1 
ATOM   187  C CB  . ALA A 1 27  ? -7.799  -14.479 -1.895  1.00 40.72 ? 120 ALA A CB  1 
ATOM   188  N N   . LYS A 1 28  ? -4.752  -13.064 -1.893  0.54 35.39 ? 121 LYS A N   1 
ATOM   189  C CA  . LYS A 1 28  ? -3.907  -11.868 -1.870  0.54 36.05 ? 121 LYS A CA  1 
ATOM   190  C C   . LYS A 1 28  ? -2.490  -12.117 -2.427  0.54 34.95 ? 121 LYS A C   1 
ATOM   191  O O   . LYS A 1 28  ? -1.530  -11.464 -2.031  0.54 33.31 ? 121 LYS A O   1 
ATOM   192  C CB  . LYS A 1 28  ? -3.899  -11.321 -0.441  0.54 38.53 ? 121 LYS A CB  1 
ATOM   193  C CG  . LYS A 1 28  ? -5.264  -10.763 -0.022  0.54 44.18 ? 121 LYS A CG  1 
ATOM   194  C CD  . LYS A 1 28  ? -5.615  -11.086 1.423   0.54 50.65 ? 121 LYS A CD  1 
ATOM   195  C CE  . LYS A 1 28  ? -7.071  -10.764 1.754   0.54 52.18 ? 121 LYS A CE  1 
ATOM   196  N NZ  . LYS A 1 28  ? -7.509  -11.443 3.008   0.54 51.53 ? 121 LYS A NZ  1 
ATOM   197  N N   . SER A 1 29  ? -2.381  -13.019 -3.401  1.00 34.90 ? 122 SER A N   1 
ATOM   198  C CA  . SER A 1 29  ? -1.076  -13.432 -3.952  1.00 33.63 ? 122 SER A CA  1 
ATOM   199  C C   . SER A 1 29  ? -0.039  -12.397 -4.679  1.00 43.55 ? 122 SER A C   1 
ATOM   200  O O   . SER A 1 29  ? 1.193   -12.722 -4.925  1.00 48.75 ? 122 SER A O   1 
ATOM   201  C CB  . SER A 1 29  ? -1.356  -14.650 -4.838  1.00 33.52 ? 122 SER A CB  1 
ATOM   202  O OG  . SER A 1 29  ? -0.179  -14.922 -5.510  1.00 38.21 ? 122 SER A OG  1 
ATOM   203  N N   . GLY A 1 30  ? -0.496  -11.183 -4.916  1.00 34.23 ? 123 GLY A N   1 
ATOM   204  C CA  . GLY A 1 30  ? 0.173   -10.075 -5.607  1.00 27.97 ? 123 GLY A CA  1 
ATOM   205  C C   . GLY A 1 30  ? 0.704   -9.046  -4.605  1.00 27.96 ? 123 GLY A C   1 
ATOM   206  O O   . GLY A 1 30  ? 0.858   -9.321  -3.391  1.00 25.46 ? 123 GLY A O   1 
ATOM   207  N N   . TRP A 1 31  ? 1.051   -7.887  -5.140  1.00 24.08 ? 124 TRP A N   1 
ATOM   208  C CA  . TRP A 1 31  ? 1.740   -6.874  -4.384  1.00 23.64 ? 124 TRP A CA  1 
ATOM   209  C C   . TRP A 1 31  ? 0.734   -5.737  -3.996  1.00 23.12 ? 124 TRP A C   1 
ATOM   210  O O   . TRP A 1 31  ? -0.119  -5.363  -4.834  1.00 24.12 ? 124 TRP A O   1 
ATOM   211  C CB  . TRP A 1 31  ? 2.843   -6.283  -5.202  1.00 23.45 ? 124 TRP A CB  1 
ATOM   212  C CG  . TRP A 1 31  ? 4.036   -7.229  -5.408  1.00 22.61 ? 124 TRP A CG  1 
ATOM   213  C CD1 . TRP A 1 31  ? 4.212   -8.077  -6.464  1.00 25.03 ? 124 TRP A CD1 1 
ATOM   214  C CD2 . TRP A 1 31  ? 5.108   -7.473  -4.498  1.00 21.72 ? 124 TRP A CD2 1 
ATOM   215  N NE1 . TRP A 1 31  ? 5.376   -8.794  -6.282  1.00 26.46 ? 124 TRP A NE1 1 
ATOM   216  C CE2 . TRP A 1 31  ? 5.936   -8.455  -5.082  1.00 23.21 ? 124 TRP A CE2 1 
ATOM   217  C CE3 . TRP A 1 31  ? 5.485   -6.920  -3.259  1.00 21.62 ? 124 TRP A CE3 1 
ATOM   218  C CZ2 . TRP A 1 31  ? 7.125   -8.866  -4.495  1.00 24.80 ? 124 TRP A CZ2 1 
ATOM   219  C CZ3 . TRP A 1 31  ? 6.630   -7.374  -2.636  1.00 21.93 ? 124 TRP A CZ3 1 
ATOM   220  C CH2 . TRP A 1 31  ? 7.439   -8.328  -3.239  1.00 24.29 ? 124 TRP A CH2 1 
ATOM   221  N N   . GLY A 1 32  ? 0.844   -5.190  -2.748  1.00 20.44 ? 125 GLY A N   1 
ATOM   222  C CA  . GLY A 1 32  ? -0.074  -4.142  -2.270  1.00 21.20 ? 125 GLY A CA  1 
ATOM   223  C C   . GLY A 1 32  ? 0.634   -3.327  -1.212  1.00 21.52 ? 125 GLY A C   1 
ATOM   224  O O   . GLY A 1 32  ? 1.688   -3.753  -0.674  1.00 21.12 ? 125 GLY A O   1 
ATOM   225  N N   . PHE A 1 33  ? 0.073   -2.148  -0.895  1.00 22.16 ? 126 PHE A N   1 
ATOM   226  C CA  . PHE A 1 33  ? 0.496   -1.430  0.311   1.00 21.65 ? 126 PHE A CA  1 
ATOM   227  C C   . PHE A 1 33  ? 0.136   -2.216  1.562   1.00 22.69 ? 126 PHE A C   1 
ATOM   228  O O   . PHE A 1 33  ? -0.923  -2.860  1.634   1.00 22.20 ? 126 PHE A O   1 
ATOM   229  C CB  . PHE A 1 33  ? -0.149  0.003   0.281   1.00 21.31 ? 126 PHE A CB  1 
ATOM   230  C CG  . PHE A 1 33  ? 0.358   0.808   -0.848  1.00 20.12 ? 126 PHE A CG  1 
ATOM   231  C CD1 . PHE A 1 33  ? 1.637   1.310   -0.777  1.00 20.75 ? 126 PHE A CD1 1 
ATOM   232  C CD2 . PHE A 1 33  ? -0.385  0.992   -2.015  1.00 22.42 ? 126 PHE A CD2 1 
ATOM   233  C CE1 . PHE A 1 33  ? 2.150   2.024   -1.802  1.00 22.85 ? 126 PHE A CE1 1 
ATOM   234  C CE2 . PHE A 1 33  ? 0.091   1.698   -3.046  1.00 22.83 ? 126 PHE A CE2 1 
ATOM   235  C CZ  . PHE A 1 33  ? 1.344   2.249   -2.941  1.00 23.49 ? 126 PHE A CZ  1 
ATOM   236  N N   . PRO A 1 34  ? 1.002   -2.149  2.609   1.00 21.40 ? 127 PRO A N   1 
ATOM   237  C CA  . PRO A 1 34  ? 0.604   -2.783  3.882   1.00 22.95 ? 127 PRO A CA  1 
ATOM   238  C C   . PRO A 1 34  ? -0.608  -2.166  4.599   1.00 24.00 ? 127 PRO A C   1 
ATOM   239  O O   . PRO A 1 34  ? -0.652  -0.955  4.802   1.00 22.32 ? 127 PRO A O   1 
ATOM   240  C CB  . PRO A 1 34  ? 1.884   -2.698  4.707   1.00 23.57 ? 127 PRO A CB  1 
ATOM   241  C CG  . PRO A 1 34  ? 2.620   -1.491  4.185   1.00 21.34 ? 127 PRO A CG  1 
ATOM   242  C CD  . PRO A 1 34  ? 2.280   -1.456  2.701   1.00 19.95 ? 127 PRO A CD  1 
ATOM   243  N N   . LYS A 1 35  ? -1.623  -3.000  4.969   1.00 23.22 ? 128 LYS A N   1 
ATOM   244  C CA  . LYS A 1 35  ? -2.831  -2.481  5.578   1.00 22.37 ? 128 LYS A CA  1 
ATOM   245  C C   . LYS A 1 35  ? -3.612  -3.660  6.185   1.00 24.77 ? 128 LYS A C   1 
ATOM   246  O O   . LYS A 1 35  ? -3.328  -4.832  5.828   1.00 26.34 ? 128 LYS A O   1 
ATOM   247  C CB  . LYS A 1 35  ? -3.729  -1.691  4.571   1.00 25.71 ? 128 LYS A CB  1 
ATOM   248  C CG  . LYS A 1 35  ? -4.266  -2.466  3.371   1.00 26.95 ? 128 LYS A CG  1 
ATOM   249  C CD  . LYS A 1 35  ? -5.152  -1.525  2.559   1.00 31.51 ? 128 LYS A CD  1 
ATOM   250  C CE  . LYS A 1 35  ? -5.402  -1.964  1.144   1.00 35.53 ? 128 LYS A CE  1 
ATOM   251  N NZ  . LYS A 1 35  ? -6.049  -3.278  1.151   1.00 34.94 ? 128 LYS A NZ  1 
ATOM   252  N N   . GLY A 1 36  ? -4.626  -3.357  6.991   1.00 27.35 ? 129 GLY A N   1 
ATOM   253  C CA  . GLY A 1 36  ? -5.492  -4.426  7.524   1.00 25.52 ? 129 GLY A CA  1 
ATOM   254  C C   . GLY A 1 36  ? -6.686  -3.858  8.259   1.00 28.78 ? 129 GLY A C   1 
ATOM   255  O O   . GLY A 1 36  ? -6.827  -2.653  8.420   1.00 27.36 ? 129 GLY A O   1 
ATOM   256  N N   . LYS A 1 37  ? -7.520  -4.775  8.756   1.00 31.91 ? 130 LYS A N   1 
ATOM   257  C CA  . LYS A 1 37  ? -8.882  -4.432  9.262   1.00 33.87 ? 130 LYS A CA  1 
ATOM   258  C C   . LYS A 1 37  ? -8.797  -3.837  10.689  1.00 30.14 ? 130 LYS A C   1 
ATOM   259  O O   . LYS A 1 37  ? -8.040  -4.351  11.503  1.00 34.94 ? 130 LYS A O   1 
ATOM   260  C CB  . LYS A 1 37  ? -9.785  -5.718  9.263   1.00 38.16 ? 130 LYS A CB  1 
ATOM   261  C CG  . LYS A 1 37  ? -10.569 -5.945  7.938   1.00 43.30 ? 130 LYS A CG  1 
ATOM   262  C CD  . LYS A 1 37  ? -11.607 -7.080  8.046   1.00 52.63 ? 130 LYS A CD  1 
ATOM   263  N N   . VAL A 1 38  ? -9.583  -2.802  10.973  1.00 31.13 ? 131 VAL A N   1 
ATOM   264  C CA  . VAL A 1 38  ? -9.592  -2.184  12.287  1.00 37.94 ? 131 VAL A CA  1 
ATOM   265  C C   . VAL A 1 38  ? -10.274 -3.133  13.329  1.00 36.12 ? 131 VAL A C   1 
ATOM   266  O O   . VAL A 1 38  ? -11.268 -3.827  12.977  1.00 37.14 ? 131 VAL A O   1 
ATOM   267  C CB  . VAL A 1 38  ? -10.283 -0.786  12.222  1.00 33.78 ? 131 VAL A CB  1 
ATOM   268  C CG1 . VAL A 1 38  ? -11.752 -0.848  11.780  1.00 39.13 ? 131 VAL A CG1 1 
ATOM   269  C CG2 . VAL A 1 38  ? -10.131 -0.042  13.541  1.00 38.67 ? 131 VAL A CG2 1 
ATOM   270  N N   . ASN A 1 39  ? -9.739  -3.132  14.558  1.00 40.09 ? 132 ASN A N   1 
ATOM   271  C CA  . ASN A 1 39  ? -10.351 -3.875  15.724  1.00 42.02 ? 132 ASN A CA  1 
ATOM   272  C C   . ASN A 1 39  ? -11.427 -3.008  16.369  1.00 37.42 ? 132 ASN A C   1 
ATOM   273  O O   . ASN A 1 39  ? -11.397 -1.788  16.221  1.00 41.16 ? 132 ASN A O   1 
ATOM   274  C CB  . ASN A 1 39  ? -9.290  -4.219  16.763  1.00 41.85 ? 132 ASN A CB  1 
ATOM   275  C CG  . ASN A 1 39  ? -8.345  -5.272  16.292  1.00 39.14 ? 132 ASN A CG  1 
ATOM   276  O OD1 . ASN A 1 39  ? -8.713  -6.166  15.548  1.00 44.26 ? 132 ASN A OD1 1 
ATOM   277  N ND2 . ASN A 1 39  ? -7.135  -5.202  16.732  1.00 36.80 ? 132 ASN A ND2 1 
ATOM   278  N N   . LYS A 1 40  ? -12.403 -3.600  17.078  1.00 47.79 ? 133 LYS A N   1 
ATOM   279  C CA  . LYS A 1 40  ? -13.453 -2.794  17.785  1.00 48.49 ? 133 LYS A CA  1 
ATOM   280  C C   . LYS A 1 40  ? -12.827 -1.792  18.794  1.00 46.60 ? 133 LYS A C   1 
ATOM   281  O O   . LYS A 1 40  ? -11.875 -2.126  19.509  1.00 45.09 ? 133 LYS A O   1 
ATOM   282  C CB  . LYS A 1 40  ? -14.471 -3.721  18.512  1.00 61.69 ? 133 LYS A CB  1 
ATOM   283  N N   . GLU A 1 41  ? -13.317 -0.559  18.800  1.00 49.60 ? 134 GLU A N   1 
ATOM   284  C CA  . GLU A 1 41  ? -12.781 0.525   19.660  1.00 54.20 ? 134 GLU A CA  1 
ATOM   285  C C   . GLU A 1 41  ? -11.347 1.079   19.303  1.00 55.91 ? 134 GLU A C   1 
ATOM   286  O O   . GLU A 1 41  ? -10.931 2.079   19.910  1.00 52.22 ? 134 GLU A O   1 
ATOM   287  C CB  . GLU A 1 41  ? -12.886 0.168   21.169  1.00 57.63 ? 134 GLU A CB  1 
ATOM   288  N N   . GLU A 1 42  ? -10.658 0.524   18.277  1.00 48.12 ? 135 GLU A N   1 
ATOM   289  C CA  . GLU A 1 42  ? -9.271  0.936   17.887  1.00 40.12 ? 135 GLU A CA  1 
ATOM   290  C C   . GLU A 1 42  ? -9.320  2.178   16.992  1.00 40.14 ? 135 GLU A C   1 
ATOM   291  O O   . GLU A 1 42  ? -10.135 2.247   16.078  1.00 39.92 ? 135 GLU A O   1 
ATOM   292  C CB  . GLU A 1 42  ? -8.518  -0.267  17.221  1.00 41.62 ? 135 GLU A CB  1 
ATOM   293  C CG  . GLU A 1 42  ? -7.081  -0.033  16.726  1.00 40.08 ? 135 GLU A CG  1 
ATOM   294  C CD  . GLU A 1 42  ? -6.433  -1.241  16.049  1.00 35.21 ? 135 GLU A CD  1 
ATOM   295  O OE1 . GLU A 1 42  ? -7.096  -1.855  15.198  1.00 39.51 ? 135 GLU A OE1 1 
ATOM   296  O OE2 . GLU A 1 42  ? -5.239  -1.580  16.349  1.00 36.09 ? 135 GLU A OE2 1 
ATOM   297  N N   . ALA A 1 43  ? -8.495  3.186   17.303  1.00 40.94 ? 136 ALA A N   1 
ATOM   298  C CA  . ALA A 1 43  ? -8.408  4.440   16.537  1.00 42.24 ? 136 ALA A CA  1 
ATOM   299  C C   . ALA A 1 43  ? -7.673  4.220   15.170  1.00 38.27 ? 136 ALA A C   1 
ATOM   300  O O   . ALA A 1 43  ? -6.805  3.383   15.103  1.00 33.10 ? 136 ALA A O   1 
ATOM   301  C CB  . ALA A 1 43  ? -7.660  5.516   17.307  1.00 36.51 ? 136 ALA A CB  1 
ATOM   302  N N   . PRO A 1 44  ? -8.009  5.007   14.151  1.00 41.46 ? 137 PRO A N   1 
ATOM   303  C CA  . PRO A 1 44  ? -7.402  4.816   12.802  1.00 35.96 ? 137 PRO A CA  1 
ATOM   304  C C   . PRO A 1 44  ? -5.870  4.761   12.837  1.00 38.07 ? 137 PRO A C   1 
ATOM   305  O O   . PRO A 1 44  ? -5.307  3.774   12.385  1.00 33.11 ? 137 PRO A O   1 
ATOM   306  C CB  . PRO A 1 44  ? -7.931  6.016   12.036  1.00 40.65 ? 137 PRO A CB  1 
ATOM   307  C CG  . PRO A 1 44  ? -9.345  6.213   12.624  1.00 40.70 ? 137 PRO A CG  1 
ATOM   308  C CD  . PRO A 1 44  ? -9.117  5.993   14.112  1.00 41.68 ? 137 PRO A CD  1 
ATOM   309  N N   . HIS A 1 45  ? -5.225  5.736   13.490  1.00 36.82 ? 138 HIS A N   1 
ATOM   310  C CA  . HIS A 1 45  ? -3.741  5.781   13.575  1.00 36.38 ? 138 HIS A CA  1 
ATOM   311  C C   . HIS A 1 45  ? -3.140  4.590   14.278  1.00 33.03 ? 138 HIS A C   1 
ATOM   312  O O   . HIS A 1 45  ? -2.055  4.150   13.892  1.00 27.86 ? 138 HIS A O   1 
ATOM   313  C CB  . HIS A 1 45  ? -3.213  7.154   14.128  1.00 39.46 ? 138 HIS A CB  1 
ATOM   314  C CG  . HIS A 1 45  ? -3.550  7.419   15.569  1.00 54.04 ? 138 HIS A CG  1 
ATOM   315  N ND1 . HIS A 1 45  ? -4.749  7.992   15.977  1.00 57.95 ? 138 HIS A ND1 1 
ATOM   316  C CD2 . HIS A 1 45  ? -2.841  7.192   16.709  1.00 54.80 ? 138 HIS A CD2 1 
ATOM   317  C CE1 . HIS A 1 45  ? -4.756  8.119   17.302  1.00 53.41 ? 138 HIS A CE1 1 
ATOM   318  N NE2 . HIS A 1 45  ? -3.615  7.642   17.770  1.00 58.96 ? 138 HIS A NE2 1 
ATOM   319  N N   . ASP A 1 46  ? -3.825  4.042   15.301  1.00 33.36 ? 139 ASP A N   1 
ATOM   320  C CA  . ASP A 1 46  ? -3.277  2.888   15.995  1.00 31.82 ? 139 ASP A CA  1 
ATOM   321  C C   . ASP A 1 46  ? -3.373  1.596   15.138  1.00 30.65 ? 139 ASP A C   1 
ATOM   322  O O   . ASP A 1 46  ? -2.461  0.726   15.180  1.00 29.88 ? 139 ASP A O   1 
ATOM   323  C CB  . ASP A 1 46  ? -3.996  2.667   17.309  1.00 34.40 ? 139 ASP A CB  1 
ATOM   324  C CG  . ASP A 1 46  ? -3.641  3.705   18.351  1.00 42.95 ? 139 ASP A CG  1 
ATOM   325  O OD1 . ASP A 1 46  ? -2.476  4.186   18.418  1.00 39.69 ? 139 ASP A OD1 1 
ATOM   326  O OD2 . ASP A 1 46  ? -4.561  4.027   19.113  1.00 41.15 ? 139 ASP A OD2 1 
ATOM   327  N N   . CYS A 1 47  ? -4.506  1.436   14.431  1.00 27.95 ? 140 CYS A N   1 
ATOM   328  C CA  . CYS A 1 47  ? -4.671  0.293   13.545  1.00 27.95 ? 140 CYS A CA  1 
ATOM   329  C C   . CYS A 1 47  ? -3.566  0.325   12.417  1.00 24.66 ? 140 CYS A C   1 
ATOM   330  O O   . CYS A 1 47  ? -2.901  -0.707  12.171  1.00 27.53 ? 140 CYS A O   1 
ATOM   331  C CB  . CYS A 1 47  ? -6.060  0.318   12.897  1.00 27.87 ? 140 CYS A CB  1 
ATOM   332  S SG  . CYS A 1 47  ? -6.281  -0.962  11.590  1.00 30.38 ? 140 CYS A SG  1 
ATOM   333  N N   . ALA A 1 48  ? -3.350  1.518   11.811  1.00 25.80 ? 141 ALA A N   1 
ATOM   334  C CA  . ALA A 1 48  ? -2.330  1.663   10.735  1.00 25.17 ? 141 ALA A CA  1 
ATOM   335  C C   . ALA A 1 48  ? -0.963  1.213   11.253  1.00 24.17 ? 141 ALA A C   1 
ATOM   336  O O   . ALA A 1 48  ? -0.292  0.413   10.640  1.00 22.07 ? 141 ALA A O   1 
ATOM   337  C CB  . ALA A 1 48  ? -2.259  3.106   10.247  1.00 25.91 ? 141 ALA A CB  1 
ATOM   338  N N   . ALA A 1 49  ? -0.541  1.714   12.420  1.00 24.29 ? 142 ALA A N   1 
ATOM   339  C CA  . ALA A 1 49  ? 0.784   1.314   13.000  1.00 23.74 ? 142 ALA A CA  1 
ATOM   340  C C   . ALA A 1 49  ? 0.849   -0.197  13.328  1.00 23.99 ? 142 ALA A C   1 
ATOM   341  O O   . ALA A 1 49  ? 1.866   -0.828  13.085  1.00 24.73 ? 142 ALA A O   1 
ATOM   342  C CB  . ALA A 1 49  ? 1.120   2.123   14.246  1.00 28.30 ? 142 ALA A CB  1 
ATOM   343  N N   . ARG A 1 50  ? -0.225  -0.756  13.872  1.00 25.63 ? 143 ARG A N   1 
ATOM   344  C CA  . ARG A 1 50  ? -0.277  -2.163  14.232  1.00 27.13 ? 143 ARG A CA  1 
ATOM   345  C C   . ARG A 1 50  ? -0.176  -3.022  12.975  1.00 25.97 ? 143 ARG A C   1 
ATOM   346  O O   . ARG A 1 50  ? 0.602   -3.958  12.922  1.00 24.04 ? 143 ARG A O   1 
ATOM   347  C CB  . ARG A 1 50  ? -1.602  -2.488  14.911  1.00 27.35 ? 143 ARG A CB  1 
ATOM   348  C CG  . ARG A 1 50  ? -1.707  -3.952  15.364  1.00 33.26 ? 143 ARG A CG  1 
ATOM   349  C CD  . ARG A 1 50  ? -3.014  -4.320  16.089  1.00 32.97 ? 143 ARG A CD  1 
ATOM   350  N NE  . ARG A 1 50  ? -4.257  -3.892  15.420  1.00 32.56 ? 143 ARG A NE  1 
ATOM   351  C CZ  . ARG A 1 50  ? -4.804  -4.514  14.359  1.00 31.63 ? 143 ARG A CZ  1 
ATOM   352  N NH1 . ARG A 1 50  ? -4.299  -5.651  13.917  1.00 32.95 ? 143 ARG A NH1 1 
ATOM   353  N NH2 . ARG A 1 50  ? -5.919  -4.053  13.813  1.00 30.04 ? 143 ARG A NH2 1 
ATOM   354  N N   . GLU A 1 51  ? -0.985  -2.723  11.957  1.00 28.16 ? 144 GLU A N   1 
ATOM   355  C CA  . GLU A 1 51  ? -0.901  -3.581  10.710  1.00 26.48 ? 144 GLU A CA  1 
ATOM   356  C C   . GLU A 1 51  ? 0.442   -3.457  10.004  1.00 26.56 ? 144 GLU A C   1 
ATOM   357  O O   . GLU A 1 51  ? 0.969   -4.456  9.496   1.00 24.32 ? 144 GLU A O   1 
ATOM   358  C CB  . GLU A 1 51  ? -1.997  -3.203  9.763   1.00 28.31 ? 144 GLU A CB  1 
ATOM   359  C CG  . GLU A 1 51  ? -3.373  -3.478  10.285  1.00 31.37 ? 144 GLU A CG  1 
ATOM   360  C CD  . GLU A 1 51  ? -3.781  -4.973  10.249  1.00 41.53 ? 144 GLU A CD  1 
ATOM   361  O OE1 . GLU A 1 51  ? -3.075  -5.807  9.698   1.00 35.97 ? 144 GLU A OE1 1 
ATOM   362  O OE2 . GLU A 1 51  ? -4.840  -5.335  10.783  1.00 45.96 ? 144 GLU A OE2 1 
ATOM   363  N N   . VAL A 1 52  ? 1.002   -2.221  9.910   1.00 25.18 ? 145 VAL A N   1 
ATOM   364  C CA  . VAL A 1 52  ? 2.278   -2.020  9.212   1.00 22.05 ? 145 VAL A CA  1 
ATOM   365  C C   . VAL A 1 52  ? 3.416   -2.737  9.987   1.00 23.36 ? 145 VAL A C   1 
ATOM   366  O O   . VAL A 1 52  ? 4.299   -3.354  9.353   1.00 24.89 ? 145 VAL A O   1 
ATOM   367  C CB  . VAL A 1 52  ? 2.563   -0.550  8.902   1.00 21.75 ? 145 VAL A CB  1 
ATOM   368  C CG1 . VAL A 1 52  ? 3.964   -0.370  8.419   1.00 24.06 ? 145 VAL A CG1 1 
ATOM   369  C CG2 . VAL A 1 52  ? 1.522   0.005   7.926   1.00 24.17 ? 145 VAL A CG2 1 
ATOM   370  N N   . PHE A 1 53  ? 3.341   -2.716  11.325  1.00 24.89 ? 146 PHE A N   1 
ATOM   371  C CA  . PHE A 1 53  ? 4.350   -3.382  12.133  1.00 25.53 ? 146 PHE A CA  1 
ATOM   372  C C   . PHE A 1 53  ? 4.229   -4.926  11.961  1.00 25.14 ? 146 PHE A C   1 
ATOM   373  O O   . PHE A 1 53  ? 5.253   -5.588  11.773  1.00 27.67 ? 146 PHE A O   1 
ATOM   374  C CB  . PHE A 1 53  ? 4.251   -2.996  13.621  1.00 27.72 ? 146 PHE A CB  1 
ATOM   375  C CG  . PHE A 1 53  ? 5.362   -3.597  14.432  1.00 31.66 ? 146 PHE A CG  1 
ATOM   376  C CD1 . PHE A 1 53  ? 6.618   -3.058  14.392  1.00 34.18 ? 146 PHE A CD1 1 
ATOM   377  C CD2 . PHE A 1 53  ? 5.164   -4.798  15.109  1.00 39.08 ? 146 PHE A CD2 1 
ATOM   378  C CE1 . PHE A 1 53  ? 7.676   -3.633  15.102  1.00 41.46 ? 146 PHE A CE1 1 
ATOM   379  C CE2 . PHE A 1 53  ? 6.207   -5.394  15.824  1.00 41.29 ? 146 PHE A CE2 1 
ATOM   380  C CZ  . PHE A 1 53  ? 7.469   -4.801  15.828  1.00 41.43 ? 146 PHE A CZ  1 
ATOM   381  N N   . GLU A 1 54  ? 3.013   -5.469  12.013  1.00 25.30 ? 147 GLU A N   1 
ATOM   382  C CA  . GLU A 1 54  ? 2.818   -6.939  11.732  1.00 31.67 ? 147 GLU A CA  1 
ATOM   383  C C   . GLU A 1 54  ? 3.326   -7.398  10.379  1.00 32.94 ? 147 GLU A C   1 
ATOM   384  O O   . GLU A 1 54  ? 3.952   -8.484  10.247  1.00 30.81 ? 147 GLU A O   1 
ATOM   385  C CB  . GLU A 1 54  ? 1.339   -7.260  11.768  1.00 33.52 ? 147 GLU A CB  1 
ATOM   386  C CG  . GLU A 1 54  ? 0.767   -7.291  13.192  1.00 42.44 ? 147 GLU A CG  1 
ATOM   387  C CD  . GLU A 1 54  ? -0.771  -7.507  13.222  1.00 51.77 ? 147 GLU A CD  1 
ATOM   388  O OE1 . GLU A 1 54  ? -1.359  -7.881  12.165  1.00 61.05 ? 147 GLU A OE1 1 
ATOM   389  O OE2 . GLU A 1 54  ? -1.409  -7.357  14.310  1.00 57.16 ? 147 GLU A OE2 1 
ATOM   390  N N   . GLU A 1 55  ? 3.095   -6.557  9.351   1.00 26.85 ? 148 GLU A N   1 
ATOM   391  C CA  . GLU A 1 55  ? 3.429   -6.962  7.971   1.00 27.74 ? 148 GLU A CA  1 
ATOM   392  C C   . GLU A 1 55  ? 4.851   -6.621  7.495   1.00 27.87 ? 148 GLU A C   1 
ATOM   393  O O   . GLU A 1 55  ? 5.288   -7.190  6.496   1.00 29.57 ? 148 GLU A O   1 
ATOM   394  C CB  . GLU A 1 55  ? 2.380   -6.409  6.981   1.00 26.39 ? 148 GLU A CB  1 
ATOM   395  C CG  . GLU A 1 55  ? 0.970   -6.916  7.318   1.00 25.61 ? 148 GLU A CG  1 
ATOM   396  C CD  . GLU A 1 55  ? -0.135  -6.287  6.464   1.00 31.73 ? 148 GLU A CD  1 
ATOM   397  O OE1 . GLU A 1 55  ? 0.165   -5.647  5.416   1.00 28.54 ? 148 GLU A OE1 1 
ATOM   398  O OE2 . GLU A 1 55  ? -1.316  -6.454  6.855   1.00 32.71 ? 148 GLU A OE2 1 
ATOM   399  N N   . THR A 1 56  ? 5.527   -5.679  8.165   1.00 25.87 ? 149 THR A N   1 
ATOM   400  C CA  . THR A 1 56  ? 6.845   -5.182  7.759   1.00 27.34 ? 149 THR A CA  1 
ATOM   401  C C   . THR A 1 56  ? 7.936   -5.209  8.813   1.00 26.88 ? 149 THR A C   1 
ATOM   402  O O   . THR A 1 56  ? 9.120   -5.014  8.477   1.00 28.70 ? 149 THR A O   1 
ATOM   403  C CB  . THR A 1 56  ? 6.810   -3.729  7.257   1.00 28.96 ? 149 THR A CB  1 
ATOM   404  O OG1 . THR A 1 56  ? 6.634   -2.814  8.354   1.00 24.54 ? 149 THR A OG1 1 
ATOM   405  C CG2 . THR A 1 56  ? 5.679   -3.537  6.135   1.00 28.59 ? 149 THR A CG2 1 
ATOM   406  N N   . GLY A 1 57  ? 7.535   -5.300  10.063  1.00 27.29 ? 150 GLY A N   1 
ATOM   407  C CA  . GLY A 1 57  ? 8.498   -5.174  11.188  1.00 29.73 ? 150 GLY A CA  1 
ATOM   408  C C   . GLY A 1 57  ? 8.958   -3.737  11.486  1.00 32.44 ? 150 GLY A C   1 
ATOM   409  O O   . GLY A 1 57  ? 9.847   -3.539  12.298  1.00 31.60 ? 150 GLY A O   1 
ATOM   410  N N   . PHE A 1 58  ? 8.411   -2.748  10.806  1.00 25.39 ? 151 PHE A N   1 
ATOM   411  C CA  . PHE A 1 58  ? 8.774   -1.341  10.971  1.00 26.82 ? 151 PHE A CA  1 
ATOM   412  C C   . PHE A 1 58  ? 7.704   -0.598  11.706  1.00 27.98 ? 151 PHE A C   1 
ATOM   413  O O   . PHE A 1 58  ? 6.509   -0.697  11.383  1.00 27.55 ? 151 PHE A O   1 
ATOM   414  C CB  . PHE A 1 58  ? 9.182   -0.719  9.611   1.00 25.18 ? 151 PHE A CB  1 
ATOM   415  C CG  . PHE A 1 58  ? 9.652   0.722   9.727   1.00 28.97 ? 151 PHE A CG  1 
ATOM   416  C CD1 . PHE A 1 58  ? 10.968  1.013   10.158  1.00 31.61 ? 151 PHE A CD1 1 
ATOM   417  C CD2 . PHE A 1 58  ? 8.799   1.763   9.435   1.00 31.45 ? 151 PHE A CD2 1 
ATOM   418  C CE1 . PHE A 1 58  ? 11.398  2.310   10.303  1.00 33.88 ? 151 PHE A CE1 1 
ATOM   419  C CE2 . PHE A 1 58  ? 9.225   3.091   9.571   1.00 31.97 ? 151 PHE A CE2 1 
ATOM   420  C CZ  . PHE A 1 58  ? 10.525  3.353   10.003  1.00 32.42 ? 151 PHE A CZ  1 
ATOM   421  N N   . ASP A 1 59  ? 8.081   0.151   12.758  1.00 27.44 ? 152 ASP A N   1 
ATOM   422  C CA  . ASP A 1 59  ? 7.090   0.928   13.519  1.00 30.32 ? 152 ASP A CA  1 
ATOM   423  C C   . ASP A 1 59  ? 6.922   2.380   13.052  1.00 31.05 ? 152 ASP A C   1 
ATOM   424  O O   . ASP A 1 59  ? 7.854   3.197   13.189  1.00 27.47 ? 152 ASP A O   1 
ATOM   425  C CB  . ASP A 1 59  ? 7.510   0.939   14.997  1.00 30.76 ? 152 ASP A CB  1 
ATOM   426  C CG  . ASP A 1 59  ? 6.428   1.516   15.944  1.00 34.63 ? 152 ASP A CG  1 
ATOM   427  O OD1 . ASP A 1 59  ? 5.289   1.969   15.610  1.00 33.47 ? 152 ASP A OD1 1 
ATOM   428  O OD2 . ASP A 1 59  ? 6.758   1.440   17.129  1.00 41.85 ? 152 ASP A OD2 1 
ATOM   429  N N   . ILE A 1 60  ? 5.720   2.712   12.559  1.00 27.84 ? 153 ILE A N   1 
ATOM   430  C CA  . ILE A 1 60  ? 5.436   4.076   12.030  1.00 29.35 ? 153 ILE A CA  1 
ATOM   431  C C   . ILE A 1 60  ? 4.866   5.092   13.038  1.00 27.53 ? 153 ILE A C   1 
ATOM   432  O O   . ILE A 1 60  ? 4.510   6.230   12.670  1.00 28.51 ? 153 ILE A O   1 
ATOM   433  C CB  . ILE A 1 60  ? 4.531   4.054   10.765  1.00 27.86 ? 153 ILE A CB  1 
ATOM   434  C CG1 . ILE A 1 60  ? 3.123   3.589   11.016  1.00 28.97 ? 153 ILE A CG1 1 
ATOM   435  C CG2 . ILE A 1 60  ? 5.157   3.227   9.664   1.00 31.12 ? 153 ILE A CG2 1 
ATOM   436  C CD1 . ILE A 1 60  ? 2.199   3.723   9.805   1.00 27.97 ? 153 ILE A CD1 1 
ATOM   437  N N   . LYS A 1 61  ? 4.641   4.645   14.261  1.00 31.65 ? 154 LYS A N   1 
ATOM   438  C CA  . LYS A 1 61  ? 3.820   5.415   15.182  1.00 35.25 ? 154 LYS A CA  1 
ATOM   439  C C   . LYS A 1 61  ? 4.360   6.866   15.339  1.00 30.27 ? 154 LYS A C   1 
ATOM   440  O O   . LYS A 1 61  ? 3.584   7.832   15.330  1.00 29.77 ? 154 LYS A O   1 
ATOM   441  C CB  . LYS A 1 61  ? 3.794   4.700   16.533  1.00 38.90 ? 154 LYS A CB  1 
ATOM   442  C CG  . LYS A 1 61  ? 3.613   5.532   17.782  1.00 55.16 ? 154 LYS A CG  1 
ATOM   443  C CD  . LYS A 1 61  ? 3.393   4.689   19.058  1.00 55.31 ? 154 LYS A CD  1 
ATOM   444  C CE  . LYS A 1 61  ? 4.445   3.589   19.316  1.00 59.31 ? 154 LYS A CE  1 
ATOM   445  N NZ  . LYS A 1 61  ? 5.770   4.049   19.854  1.00 61.69 ? 154 LYS A NZ  1 
ATOM   446  N N   . ASP A 1 62  ? 5.675   6.992   15.455  1.00 25.14 ? 155 ASP A N   1 
ATOM   447  C CA  . ASP A 1 62  ? 6.291   8.325   15.686  1.00 30.55 ? 155 ASP A CA  1 
ATOM   448  C C   . ASP A 1 62  ? 6.368   9.166   14.459  1.00 31.39 ? 155 ASP A C   1 
ATOM   449  O O   . ASP A 1 62  ? 6.765   10.351  14.558  1.00 29.70 ? 155 ASP A O   1 
ATOM   450  C CB  . ASP A 1 62  ? 7.734   8.140   16.220  1.00 33.00 ? 155 ASP A CB  1 
ATOM   451  C CG  . ASP A 1 62  ? 7.775   7.676   17.661  1.00 37.47 ? 155 ASP A CG  1 
ATOM   452  O OD1 . ASP A 1 62  ? 6.771   7.727   18.360  1.00 37.45 ? 155 ASP A OD1 1 
ATOM   453  O OD2 . ASP A 1 62  ? 8.860   7.313   18.099  1.00 45.33 ? 155 ASP A OD2 1 
ATOM   454  N N   . TYR A 1 63  ? 5.961   8.603   13.280  1.00 28.03 ? 156 TYR A N   1 
ATOM   455  C CA  . TYR A 1 63  ? 6.069   9.285   11.984  1.00 26.05 ? 156 TYR A CA  1 
ATOM   456  C C   . TYR A 1 63  ? 4.763   9.671   11.345  1.00 25.89 ? 156 TYR A C   1 
ATOM   457  O O   . TYR A 1 63  ? 4.717   10.536  10.464  1.00 32.25 ? 156 TYR A O   1 
ATOM   458  C CB  . TYR A 1 63  ? 6.830   8.416   10.959  1.00 30.42 ? 156 TYR A CB  1 
ATOM   459  C CG  . TYR A 1 63  ? 8.188   8.081   11.395  1.00 30.50 ? 156 TYR A CG  1 
ATOM   460  C CD1 . TYR A 1 63  ? 9.082   9.102   11.750  1.00 43.96 ? 156 TYR A CD1 1 
ATOM   461  C CD2 . TYR A 1 63  ? 8.504   6.824   11.722  1.00 32.58 ? 156 TYR A CD2 1 
ATOM   462  C CE1 . TYR A 1 63  ? 10.326  8.800   12.310  1.00 48.71 ? 156 TYR A CE1 1 
ATOM   463  C CE2 . TYR A 1 63  ? 9.712   6.476   12.274  1.00 33.52 ? 156 TYR A CE2 1 
ATOM   464  C CZ  . TYR A 1 63  ? 10.642  7.443   12.511  1.00 50.05 ? 156 TYR A CZ  1 
ATOM   465  O OH  . TYR A 1 63  ? 11.816  7.006   13.022  1.00 57.52 ? 156 TYR A OH  1 
ATOM   466  N N   . ILE A 1 64  ? 3.652   9.073   11.751  1.00 27.15 ? 157 ILE A N   1 
ATOM   467  C CA  . ILE A 1 64  ? 2.331   9.423   11.174  1.00 26.95 ? 157 ILE A CA  1 
ATOM   468  C C   . ILE A 1 64  ? 1.968   10.878  11.341  1.00 31.76 ? 157 ILE A C   1 
ATOM   469  O O   . ILE A 1 64  ? 2.070   11.405  12.455  1.00 34.17 ? 157 ILE A O   1 
ATOM   470  C CB  . ILE A 1 64  ? 1.244   8.596   11.844  1.00 28.42 ? 157 ILE A CB  1 
ATOM   471  C CG1 . ILE A 1 64  ? 1.336   7.137   11.377  1.00 33.95 ? 157 ILE A CG1 1 
ATOM   472  C CG2 . ILE A 1 64  ? -0.171  9.037   11.477  1.00 27.22 ? 157 ILE A CG2 1 
ATOM   473  C CD1 . ILE A 1 64  ? 0.409   6.173   12.139  1.00 37.83 ? 157 ILE A CD1 1 
ATOM   474  N N   A CYS A 1 65  ? 1.556   11.520  10.254  0.25 29.34 ? 158 CYS A N   1 
ATOM   475  N N   B CYS A 1 65  ? 1.552   11.523  10.257  0.25 31.06 ? 158 CYS A N   1 
ATOM   476  C CA  A CYS A 1 65  ? 0.896   12.819  10.307  0.25 29.56 ? 158 CYS A CA  1 
ATOM   477  C CA  B CYS A 1 65  ? 0.929   12.841  10.307  0.25 32.35 ? 158 CYS A CA  1 
ATOM   478  C C   A CYS A 1 65  ? -0.588  12.646  10.050  0.25 31.77 ? 158 CYS A C   1 
ATOM   479  C C   B CYS A 1 65  ? -0.571  12.695  10.034  0.25 33.50 ? 158 CYS A C   1 
ATOM   480  O O   A CYS A 1 65  ? -0.994  12.148  8.990   0.25 31.13 ? 158 CYS A O   1 
ATOM   481  O O   B CYS A 1 65  ? -0.965  12.260  8.946   0.25 33.13 ? 158 CYS A O   1 
ATOM   482  C CB  A CYS A 1 65  ? 1.482   13.759  9.287   0.25 28.17 ? 158 CYS A CB  1 
ATOM   483  C CB  B CYS A 1 65  ? 1.583   13.771  9.300   0.25 32.67 ? 158 CYS A CB  1 
ATOM   484  S SG  A CYS A 1 65  ? 3.252   13.958  9.473   0.25 26.59 ? 158 CYS A SG  1 
ATOM   485  S SG  B CYS A 1 65  ? 0.847   15.421  9.219   0.25 35.59 ? 158 CYS A SG  1 
ATOM   486  N N   . LYS A 1 66  ? -1.401  13.073  11.017  1.00 34.84 ? 159 LYS A N   1 
ATOM   487  C CA  . LYS A 1 66  ? -2.885  12.838  10.988  1.00 37.56 ? 159 LYS A CA  1 
ATOM   488  C C   . LYS A 1 66  ? -3.685  13.359  9.793   1.00 33.62 ? 159 LYS A C   1 
ATOM   489  O O   . LYS A 1 66  ? -4.700  12.742  9.435   1.00 38.67 ? 159 LYS A O   1 
ATOM   490  C CB  . LYS A 1 66  ? -3.564  13.427  12.254  1.00 40.36 ? 159 LYS A CB  1 
ATOM   491  C CG  . LYS A 1 66  ? -3.724  14.935  12.215  1.00 47.45 ? 159 LYS A CG  1 
ATOM   492  N N   . ASP A 1 67  ? -3.188  14.419  9.159   1.00 32.69 ? 160 ASP A N   1 
ATOM   493  C CA  . ASP A 1 67  ? -3.788  14.996  7.977   1.00 39.48 ? 160 ASP A CA  1 
ATOM   494  C C   . ASP A 1 67  ? -3.211  14.443  6.686   1.00 38.93 ? 160 ASP A C   1 
ATOM   495  O O   . ASP A 1 67  ? -3.778  14.744  5.641   1.00 38.07 ? 160 ASP A O   1 
ATOM   496  C CB  . ASP A 1 67  ? -3.606  16.523  7.977   1.00 47.52 ? 160 ASP A CB  1 
ATOM   497  C CG  . ASP A 1 67  ? -4.348  17.219  9.142   1.00 56.57 ? 160 ASP A CG  1 
ATOM   498  O OD1 . ASP A 1 67  ? -5.546  16.901  9.386   1.00 62.53 ? 160 ASP A OD1 1 
ATOM   499  O OD2 . ASP A 1 67  ? -3.703  18.071  9.811   1.00 60.85 ? 160 ASP A OD2 1 
ATOM   500  N N   . ASP A 1 68  ? -2.139  13.627  6.733   1.00 31.02 ? 161 ASP A N   1 
ATOM   501  C CA  . ASP A 1 68  ? -1.445  13.219  5.475   1.00 31.19 ? 161 ASP A CA  1 
ATOM   502  C C   . ASP A 1 68  ? -1.742  11.756  5.074   1.00 27.71 ? 161 ASP A C   1 
ATOM   503  O O   . ASP A 1 68  ? -1.102  10.855  5.591   1.00 23.91 ? 161 ASP A O   1 
ATOM   504  C CB  . ASP A 1 68  ? 0.071   13.345  5.604   1.00 30.11 ? 161 ASP A CB  1 
ATOM   505  C CG  . ASP A 1 68  ? 0.582   14.785  5.701   1.00 37.84 ? 161 ASP A CG  1 
ATOM   506  O OD1 . ASP A 1 68  ? -0.144  15.697  5.334   1.00 32.45 ? 161 ASP A OD1 1 
ATOM   507  O OD2 . ASP A 1 68  ? 1.779   14.967  6.054   1.00 30.01 ? 161 ASP A OD2 1 
ATOM   508  N N   . TYR A 1 69  ? -2.721  11.538  4.206   1.00 29.78 ? 162 TYR A N   1 
ATOM   509  C CA  . TYR A 1 69  ? -3.238  10.170  3.867   1.00 27.24 ? 162 TYR A CA  1 
ATOM   510  C C   . TYR A 1 69  ? -4.035  10.241  2.566   1.00 30.10 ? 162 TYR A C   1 
ATOM   511  O O   . TYR A 1 69  ? -4.393  11.361  2.102   1.00 28.03 ? 162 TYR A O   1 
ATOM   512  C CB  . TYR A 1 69  ? -4.107  9.530   4.993   1.00 25.30 ? 162 TYR A CB  1 
ATOM   513  C CG  . TYR A 1 69  ? -5.399  10.297  5.358   1.00 29.28 ? 162 TYR A CG  1 
ATOM   514  C CD1 . TYR A 1 69  ? -6.572  10.184  4.585   1.00 33.66 ? 162 TYR A CD1 1 
ATOM   515  C CD2 . TYR A 1 69  ? -5.431  11.116  6.481   1.00 33.16 ? 162 TYR A CD2 1 
ATOM   516  C CE1 . TYR A 1 69  ? -7.738  10.897  4.913   1.00 37.67 ? 162 TYR A CE1 1 
ATOM   517  C CE2 . TYR A 1 69  ? -6.575  11.849  6.804   1.00 38.32 ? 162 TYR A CE2 1 
ATOM   518  C CZ  . TYR A 1 69  ? -7.708  11.724  6.054   1.00 41.11 ? 162 TYR A CZ  1 
ATOM   519  O OH  . TYR A 1 69  ? -8.791  12.438  6.484   1.00 45.11 ? 162 TYR A OH  1 
ATOM   520  N N   . ILE A 1 70  ? -4.221  9.077   1.955   1.00 28.09 ? 163 ILE A N   1 
ATOM   521  C CA  . ILE A 1 70  ? -5.072  8.888   0.799   1.00 29.56 ? 163 ILE A CA  1 
ATOM   522  C C   . ILE A 1 70  ? -6.068  7.859   1.171   1.00 28.77 ? 163 ILE A C   1 
ATOM   523  O O   . ILE A 1 70  ? -5.728  6.778   1.671   1.00 26.66 ? 163 ILE A O   1 
ATOM   524  C CB  . ILE A 1 70  ? -4.251  8.436   -0.403  1.00 33.48 ? 163 ILE A CB  1 
ATOM   525  C CG1 . ILE A 1 70  ? -3.544  9.675   -0.940  1.00 35.87 ? 163 ILE A CG1 1 
ATOM   526  C CG2 . ILE A 1 70  ? -5.138  7.866   -1.530  1.00 37.78 ? 163 ILE A CG2 1 
ATOM   527  C CD1 . ILE A 1 70  ? -2.394  9.285   -1.824  1.00 37.56 ? 163 ILE A CD1 1 
ATOM   528  N N   . GLU A 1 71  ? -7.340  8.168   0.924   1.00 25.38 ? 164 GLU A N   1 
ATOM   529  C CA  . GLU A 1 71  ? -8.387  7.269   1.291   1.00 29.76 ? 164 GLU A CA  1 
ATOM   530  C C   . GLU A 1 71  ? -9.303  7.006   0.074   1.00 32.28 ? 164 GLU A C   1 
ATOM   531  O O   . GLU A 1 71  ? -9.572  7.938   -0.658  1.00 34.54 ? 164 GLU A O   1 
ATOM   532  C CB  . GLU A 1 71  ? -9.129  7.928   2.431   1.00 33.74 ? 164 GLU A CB  1 
ATOM   533  C CG  . GLU A 1 71  ? -10.341 7.248   2.953   1.00 40.45 ? 164 GLU A CG  1 
ATOM   534  C CD  . GLU A 1 71  ? -10.906 8.070   4.125   1.00 48.80 ? 164 GLU A CD  1 
ATOM   535  O OE1 . GLU A 1 71  ? -11.542 9.115   3.823   1.00 56.69 ? 164 GLU A OE1 1 
ATOM   536  O OE2 . GLU A 1 71  ? -10.671 7.698   5.298   1.00 49.98 ? 164 GLU A OE2 1 
ATOM   537  N N   . LEU A 1 72  ? -9.675  5.753   -0.146  1.00 28.14 ? 165 LEU A N   1 
ATOM   538  C CA  . LEU A 1 72  ? -10.446 5.307   -1.285  1.00 29.95 ? 165 LEU A CA  1 
ATOM   539  C C   . LEU A 1 72  ? -11.560 4.383   -0.803  1.00 33.57 ? 165 LEU A C   1 
ATOM   540  O O   . LEU A 1 72  ? -11.406 3.633   0.143   1.00 32.45 ? 165 LEU A O   1 
ATOM   541  C CB  . LEU A 1 72  ? -9.604  4.530   -2.314  1.00 31.78 ? 165 LEU A CB  1 
ATOM   542  C CG  . LEU A 1 72  ? -8.466  5.304   -2.983  1.00 36.27 ? 165 LEU A CG  1 
ATOM   543  C CD1 . LEU A 1 72  ? -7.785  4.387   -3.984  1.00 34.73 ? 165 LEU A CD1 1 
ATOM   544  C CD2 . LEU A 1 72  ? -8.964  6.614   -3.647  1.00 41.00 ? 165 LEU A CD2 1 
ATOM   545  N N   . ARG A 1 73  ? -12.667 4.351   -1.542  1.00 33.25 ? 166 ARG A N   1 
ATOM   546  C CA  . ARG A 1 73  ? -13.715 3.383   -1.205  1.00 37.23 ? 166 ARG A CA  1 
ATOM   547  C C   . ARG A 1 73  ? -13.757 2.420   -2.340  1.00 36.11 ? 166 ARG A C   1 
ATOM   548  O O   . ARG A 1 73  ? -13.885 2.804   -3.508  1.00 44.49 ? 166 ARG A O   1 
ATOM   549  C CB  . ARG A 1 73  ? -15.071 4.088   -0.940  1.00 43.66 ? 166 ARG A CB  1 
ATOM   550  C CG  . ARG A 1 73  ? -16.131 3.185   -0.325  1.00 45.96 ? 166 ARG A CG  1 
ATOM   551  C CD  . ARG A 1 73  ? -17.481 3.877   -0.227  1.00 57.34 ? 166 ARG A CD  1 
ATOM   552  N NE  . ARG A 1 73  ? -17.976 4.342   -1.538  1.00 54.50 ? 166 ARG A NE  1 
ATOM   553  C CZ  . ARG A 1 73  ? -18.632 5.505   -1.741  1.00 61.83 ? 166 ARG A CZ  1 
ATOM   554  N NH1 . ARG A 1 73  ? -18.910 6.372   -0.752  1.00 63.89 ? 166 ARG A NH1 1 
ATOM   555  N NH2 . ARG A 1 73  ? -19.043 5.826   -2.961  1.00 56.34 ? 166 ARG A NH2 1 
ATOM   556  N N   . ILE A 1 74  ? -13.577 1.155   -2.025  1.00 31.30 ? 167 ILE A N   1 
ATOM   557  C CA  . ILE A 1 74  ? -13.476 0.126   -3.007  1.00 34.69 ? 167 ILE A CA  1 
ATOM   558  C C   . ILE A 1 74  ? -14.538 -0.881  -2.686  1.00 38.94 ? 167 ILE A C   1 
ATOM   559  O O   . ILE A 1 74  ? -14.450 -1.565  -1.645  1.00 32.43 ? 167 ILE A O   1 
ATOM   560  C CB  . ILE A 1 74  ? -12.088 -0.544  -2.944  1.00 43.85 ? 167 ILE A CB  1 
ATOM   561  C CG1 . ILE A 1 74  ? -11.002 0.438   -3.491  1.00 47.55 ? 167 ILE A CG1 1 
ATOM   562  C CG2 . ILE A 1 74  ? -12.078 -1.818  -3.787  1.00 49.73 ? 167 ILE A CG2 1 
ATOM   563  C CD1 . ILE A 1 74  ? -9.595  0.100   -3.039  1.00 50.44 ? 167 ILE A CD1 1 
ATOM   564  N N   . ASN A 1 75  ? -15.547 -1.004  -3.565  1.00 35.79 ? 168 ASN A N   1 
ATOM   565  C CA  . ASN A 1 75  ? -16.718 -1.867  -3.248  1.00 38.62 ? 168 ASN A CA  1 
ATOM   566  C C   . ASN A 1 75  ? -17.290 -1.763  -1.866  1.00 34.08 ? 168 ASN A C   1 
ATOM   567  O O   . ASN A 1 75  ? -17.482 -2.783  -1.185  1.00 44.31 ? 168 ASN A O   1 
ATOM   568  C CB  . ASN A 1 75  ? -16.375 -3.320  -3.559  1.00 39.22 ? 168 ASN A CB  1 
ATOM   569  C CG  . ASN A 1 75  ? -16.079 -3.517  -5.033  1.00 42.66 ? 168 ASN A CG  1 
ATOM   570  O OD1 . ASN A 1 75  ? -16.761 -2.932  -5.893  1.00 40.15 ? 168 ASN A OD1 1 
ATOM   571  N ND2 . ASN A 1 75  ? -15.041 -4.279  -5.340  1.00 45.66 ? 168 ASN A ND2 1 
ATOM   572  N N   . ASP A 1 76  ? -17.538 -0.537  -1.463  1.00 35.47 ? 169 ASP A N   1 
ATOM   573  C CA  . ASP A 1 76  ? -18.125 -0.171  -0.184  1.00 50.30 ? 169 ASP A CA  1 
ATOM   574  C C   . ASP A 1 76  ? -17.255 -0.564  1.070   1.00 51.34 ? 169 ASP A C   1 
ATOM   575  O O   . ASP A 1 76  ? -17.802 -0.707  2.165   1.00 50.05 ? 169 ASP A O   1 
ATOM   576  C CB  . ASP A 1 76  ? -19.599 -0.677  -0.104  1.00 61.77 ? 169 ASP A CB  1 
ATOM   577  C CG  . ASP A 1 76  ? -20.638 0.483   0.038   1.00 72.90 ? 169 ASP A CG  1 
ATOM   578  O OD1 . ASP A 1 76  ? -20.956 1.311   -0.906  1.00 60.95 ? 169 ASP A OD1 1 
ATOM   579  O OD2 . ASP A 1 76  ? -21.169 0.537   1.160   1.00 89.96 ? 169 ASP A OD2 1 
ATOM   580  N N   . GLN A 1 77  ? -15.942 -0.777  0.901   1.00 46.71 ? 170 GLN A N   1 
ATOM   581  C CA  . GLN A 1 77  ? -14.982 -0.864  2.060   1.00 45.82 ? 170 GLN A CA  1 
ATOM   582  C C   . GLN A 1 77  ? -13.997 0.282   1.943   1.00 40.39 ? 170 GLN A C   1 
ATOM   583  O O   . GLN A 1 77  ? -13.426 0.547   0.866   1.00 38.40 ? 170 GLN A O   1 
ATOM   584  C CB  . GLN A 1 77  ? -14.265 -2.187  2.102   1.00 48.62 ? 170 GLN A CB  1 
ATOM   585  C CG  . GLN A 1 77  ? -13.584 -2.514  3.434   1.00 58.26 ? 170 GLN A CG  1 
ATOM   586  C CD  . GLN A 1 77  ? -13.140 -3.977  3.540   1.00 57.75 ? 170 GLN A CD  1 
ATOM   587  O OE1 . GLN A 1 77  ? -12.732 -4.561  2.555   1.00 63.95 ? 170 GLN A OE1 1 
ATOM   588  N NE2 . GLN A 1 77  ? -13.217 -4.569  4.745   1.00 61.52 ? 170 GLN A NE2 1 
ATOM   589  N N   . LEU A 1 78  ? -13.857 1.030   3.020   1.00 35.94 ? 171 LEU A N   1 
ATOM   590  C CA  . LEU A 1 78  ? -13.005 2.179   3.036   1.00 39.22 ? 171 LEU A CA  1 
ATOM   591  C C   . LEU A 1 78  ? -11.559 1.720   3.312   1.00 34.60 ? 171 LEU A C   1 
ATOM   592  O O   . LEU A 1 78  ? -11.380 0.915   4.207   1.00 36.64 ? 171 LEU A O   1 
ATOM   593  C CB  . LEU A 1 78  ? -13.471 3.075   4.141   1.00 46.75 ? 171 LEU A CB  1 
ATOM   594  C CG  . LEU A 1 78  ? -12.945 4.485   4.115   1.00 59.06 ? 171 LEU A CG  1 
ATOM   595  C CD1 . LEU A 1 78  ? -13.933 5.334   3.284   1.00 66.33 ? 171 LEU A CD1 1 
ATOM   596  C CD2 . LEU A 1 78  ? -12.738 4.978   5.561   1.00 65.00 ? 171 LEU A CD2 1 
ATOM   597  N N   . ALA A 1 79  ? -10.582 2.209   2.535   1.00 30.76 ? 172 ALA A N   1 
ATOM   598  C CA  . ALA A 1 79  ? -9.148  2.003   2.819   1.00 31.10 ? 172 ALA A CA  1 
ATOM   599  C C   . ALA A 1 79  ? -8.396  3.333   2.926   1.00 30.86 ? 172 ALA A C   1 
ATOM   600  O O   . ALA A 1 79  ? -8.441  4.199   2.005   1.00 28.97 ? 172 ALA A O   1 
ATOM   601  C CB  . ALA A 1 79  ? -8.510  1.031   1.786   1.00 33.63 ? 172 ALA A CB  1 
ATOM   602  N N   . ARG A 1 80  ? -7.730  3.541   4.085   1.00 27.46 ? 173 ARG A N   1 
ATOM   603  C CA  . ARG A 1 80  ? -6.998  4.751   4.338   1.00 25.73 ? 173 ARG A CA  1 
ATOM   604  C C   . ARG A 1 80  ? -5.519  4.423   4.559   1.00 23.31 ? 173 ARG A C   1 
ATOM   605  O O   . ARG A 1 80  ? -5.181  3.653   5.481   1.00 26.29 ? 173 ARG A O   1 
ATOM   606  C CB  . ARG A 1 80  ? -7.509  5.500   5.590   1.00 30.71 ? 173 ARG A CB  1 
ATOM   607  C CG  . ARG A 1 80  ? -6.680  6.771   5.840   1.00 26.90 ? 173 ARG A CG  1 
ATOM   608  C CD  . ARG A 1 80  ? -7.065  7.417   7.165   1.00 29.40 ? 173 ARG A CD  1 
ATOM   609  N NE  . ARG A 1 80  ? -8.446  7.906   7.093   1.00 33.76 ? 173 ARG A NE  1 
ATOM   610  C CZ  . ARG A 1 80  ? -9.082  8.507   8.122   1.00 41.83 ? 173 ARG A CZ  1 
ATOM   611  N NH1 . ARG A 1 80  ? -8.528  8.578   9.320   1.00 37.34 ? 173 ARG A NH1 1 
ATOM   612  N NH2 . ARG A 1 80  ? -10.306 8.966   7.968   1.00 39.09 ? 173 ARG A NH2 1 
ATOM   613  N N   . LEU A 1 81  ? -4.646  5.001   3.723   1.00 23.78 ? 174 LEU A N   1 
ATOM   614  C CA  . LEU A 1 81  ? -3.204  4.796   3.806   1.00 21.48 ? 174 LEU A CA  1 
ATOM   615  C C   . LEU A 1 81  ? -2.529  6.115   4.205   1.00 21.45 ? 174 LEU A C   1 
ATOM   616  O O   . LEU A 1 81  ? -2.526  7.066   3.432   1.00 21.72 ? 174 LEU A O   1 
ATOM   617  C CB  . LEU A 1 81  ? -2.631  4.264   2.454   1.00 24.36 ? 174 LEU A CB  1 
ATOM   618  C CG  . LEU A 1 81  ? -3.209  2.917   1.934   1.00 23.44 ? 174 LEU A CG  1 
ATOM   619  C CD1 . LEU A 1 81  ? -2.607  2.606   0.576   1.00 23.63 ? 174 LEU A CD1 1 
ATOM   620  C CD2 . LEU A 1 81  ? -2.988  1.736   2.901   1.00 25.95 ? 174 LEU A CD2 1 
ATOM   621  N N   . TYR A 1 82  ? -1.876  6.154   5.394   1.00 21.62 ? 175 TYR A N   1 
ATOM   622  C CA  . TYR A 1 82  ? -1.104  7.288   5.830   1.00 22.05 ? 175 TYR A CA  1 
ATOM   623  C C   . TYR A 1 82  ? 0.184   7.389   5.036   1.00 24.24 ? 175 TYR A C   1 
ATOM   624  O O   . TYR A 1 82  ? 0.835   6.371   4.823   1.00 21.17 ? 175 TYR A O   1 
ATOM   625  C CB  . TYR A 1 82  ? -0.807  7.178   7.343   1.00 22.49 ? 175 TYR A CB  1 
ATOM   626  C CG  . TYR A 1 82  ? -2.039  7.428   8.133   1.00 24.41 ? 175 TYR A CG  1 
ATOM   627  C CD1 . TYR A 1 82  ? -2.468  8.753   8.390   1.00 25.51 ? 175 TYR A CD1 1 
ATOM   628  C CD2 . TYR A 1 82  ? -2.818  6.411   8.557   1.00 25.35 ? 175 TYR A CD2 1 
ATOM   629  C CE1 . TYR A 1 82  ? -3.675  9.001   9.060   1.00 27.28 ? 175 TYR A CE1 1 
ATOM   630  C CE2 . TYR A 1 82  ? -4.012  6.663   9.233   1.00 31.02 ? 175 TYR A CE2 1 
ATOM   631  C CZ  . TYR A 1 82  ? -4.402  7.954   9.509   1.00 29.62 ? 175 TYR A CZ  1 
ATOM   632  O OH  . TYR A 1 82  ? -5.621  8.093   10.146  1.00 33.07 ? 175 TYR A OH  1 
ATOM   633  N N   . ILE A 1 83  ? 0.549   8.598   4.586   1.00 21.67 ? 176 ILE A N   1 
ATOM   634  C CA  . ILE A 1 83  ? 1.760   8.815   3.817   1.00 21.88 ? 176 ILE A CA  1 
ATOM   635  C C   . ILE A 1 83  ? 2.958   9.075   4.702   1.00 22.52 ? 176 ILE A C   1 
ATOM   636  O O   . ILE A 1 83  ? 2.953   10.024  5.502   1.00 24.70 ? 176 ILE A O   1 
ATOM   637  C CB  . ILE A 1 83  ? 1.542   9.912   2.786   1.00 23.86 ? 176 ILE A CB  1 
ATOM   638  C CG1 . ILE A 1 83  ? 0.427   9.430   1.835   1.00 31.88 ? 176 ILE A CG1 1 
ATOM   639  C CG2 . ILE A 1 83  ? 2.771   10.193  1.981   1.00 25.23 ? 176 ILE A CG2 1 
ATOM   640  C CD1 . ILE A 1 83  ? -0.079  10.637  1.081   1.00 40.16 ? 176 ILE A CD1 1 
ATOM   641  N N   . ILE A 1 84  ? 4.020   8.252   4.523   1.00 20.67 ? 177 ILE A N   1 
ATOM   642  C CA  . ILE A 1 84  ? 5.234   8.238   5.397   1.00 20.81 ? 177 ILE A CA  1 
ATOM   643  C C   . ILE A 1 84  ? 6.523   8.401   4.556   1.00 21.51 ? 177 ILE A C   1 
ATOM   644  O O   . ILE A 1 84  ? 7.127   7.408   4.220   1.00 21.35 ? 177 ILE A O   1 
ATOM   645  C CB  . ILE A 1 84  ? 5.336   6.972   6.263   1.00 23.30 ? 177 ILE A CB  1 
ATOM   646  C CG1 . ILE A 1 84  ? 4.031   6.593   7.008   1.00 26.45 ? 177 ILE A CG1 1 
ATOM   647  C CG2 . ILE A 1 84  ? 6.427   7.148   7.293   1.00 26.11 ? 177 ILE A CG2 1 
ATOM   648  C CD1 . ILE A 1 84  ? 3.517   7.553   8.041   1.00 28.20 ? 177 ILE A CD1 1 
ATOM   649  N N   . PRO A 1 85  ? 6.955   9.636   4.248   1.00 22.12 ? 178 PRO A N   1 
ATOM   650  C CA  . PRO A 1 85  ? 8.163   9.870   3.403   1.00 22.72 ? 178 PRO A CA  1 
ATOM   651  C C   . PRO A 1 85  ? 9.452   9.720   4.200   1.00 22.62 ? 178 PRO A C   1 
ATOM   652  O O   . PRO A 1 85  ? 9.442   9.684   5.464   1.00 22.53 ? 178 PRO A O   1 
ATOM   653  C CB  . PRO A 1 85  ? 8.017   11.313  2.902   1.00 24.21 ? 178 PRO A CB  1 
ATOM   654  C CG  . PRO A 1 85  ? 6.704   11.746  3.362   1.00 24.82 ? 178 PRO A CG  1 
ATOM   655  C CD  . PRO A 1 85  ? 6.192   10.877  4.444   1.00 23.47 ? 178 PRO A CD  1 
ATOM   656  N N   . GLY A 1 86  ? 10.536  9.582   3.483   1.00 23.20 ? 179 GLY A N   1 
ATOM   657  C CA  . GLY A 1 86  ? 11.884  9.711   4.037   1.00 25.42 ? 179 GLY A CA  1 
ATOM   658  C C   . GLY A 1 86  ? 12.418  8.519   4.777   1.00 28.23 ? 179 GLY A C   1 
ATOM   659  O O   . GLY A 1 86  ? 13.229  8.706   5.676   1.00 30.44 ? 179 GLY A O   1 
ATOM   660  N N   . ILE A 1 87  ? 11.913  7.295   4.533   1.00 25.92 ? 180 ILE A N   1 
ATOM   661  C CA  . ILE A 1 87  ? 12.395  6.114   5.256   1.00 27.27 ? 180 ILE A CA  1 
ATOM   662  C C   . ILE A 1 87  ? 13.566  5.472   4.471   1.00 27.91 ? 180 ILE A C   1 
ATOM   663  O O   . ILE A 1 87  ? 13.412  5.100   3.318   1.00 26.87 ? 180 ILE A O   1 
ATOM   664  C CB  . ILE A 1 87  ? 11.323  5.067   5.499   1.00 26.53 ? 180 ILE A CB  1 
ATOM   665  C CG1 . ILE A 1 87  ? 10.139  5.672   6.281   1.00 24.97 ? 180 ILE A CG1 1 
ATOM   666  C CG2 . ILE A 1 87  ? 11.886  3.850   6.231   1.00 29.11 ? 180 ILE A CG2 1 
ATOM   667  C CD1 . ILE A 1 87  ? 10.468  6.457   7.592   1.00 24.59 ? 180 ILE A CD1 1 
ATOM   668  N N   . PRO A 1 88  ? 14.784  5.377   5.077   1.00 29.20 ? 181 PRO A N   1 
ATOM   669  C CA  . PRO A 1 88  ? 15.938  4.968   4.210   1.00 31.09 ? 181 PRO A CA  1 
ATOM   670  C C   . PRO A 1 88  ? 15.814  3.597   3.541   1.00 30.67 ? 181 PRO A C   1 
ATOM   671  O O   . PRO A 1 88  ? 15.228  2.657   4.151   1.00 27.58 ? 181 PRO A O   1 
ATOM   672  C CB  . PRO A 1 88  ? 17.135  4.934   5.192   1.00 32.81 ? 181 PRO A CB  1 
ATOM   673  C CG  . PRO A 1 88  ? 16.782  5.845   6.309   1.00 35.55 ? 181 PRO A CG  1 
ATOM   674  C CD  . PRO A 1 88  ? 15.220  5.762   6.434   1.00 32.79 ? 181 PRO A CD  1 
ATOM   675  N N   . LYS A 1 89  ? 16.323  3.455   2.310   1.00 29.97 ? 182 LYS A N   1 
ATOM   676  C CA  . LYS A 1 89  ? 16.245  2.138   1.638   1.00 35.62 ? 182 LYS A CA  1 
ATOM   677  C C   . LYS A 1 89  ? 17.058  1.071   2.276   1.00 37.18 ? 182 LYS A C   1 
ATOM   678  O O   . LYS A 1 89  ? 16.775  -0.068  2.039   1.00 41.62 ? 182 LYS A O   1 
ATOM   679  C CB  . LYS A 1 89  ? 16.603  2.165   0.138   1.00 46.57 ? 182 LYS A CB  1 
ATOM   680  C CG  . LYS A 1 89  ? 15.470  2.604   -0.756  1.00 44.03 ? 182 LYS A CG  1 
ATOM   681  C CD  . LYS A 1 89  ? 15.803  2.402   -2.210  1.00 51.15 ? 182 LYS A CD  1 
ATOM   682  C CE  . LYS A 1 89  ? 16.929  3.309   -2.684  1.00 53.28 ? 182 LYS A CE  1 
ATOM   683  N NZ  . LYS A 1 89  ? 16.637  4.773   -2.497  1.00 56.21 ? 182 LYS A NZ  1 
ATOM   684  N N   . ASP A 1 90  ? 18.086  1.386   3.060   1.00 35.33 ? 183 ASP A N   1 
ATOM   685  C CA  . ASP A 1 90  ? 18.788  0.302   3.806   1.00 38.68 ? 183 ASP A CA  1 
ATOM   686  C C   . ASP A 1 90  ? 18.104  -0.145  5.087   1.00 40.21 ? 183 ASP A C   1 
ATOM   687  O O   . ASP A 1 90  ? 18.661  -0.934  5.835   1.00 38.62 ? 183 ASP A O   1 
ATOM   688  C CB  . ASP A 1 90  ? 20.269  0.676   4.085   1.00 41.08 ? 183 ASP A CB  1 
ATOM   689  C CG  . ASP A 1 90  ? 20.407  1.891   4.968   1.00 48.21 ? 183 ASP A CG  1 
ATOM   690  O OD1 . ASP A 1 90  ? 19.396  2.508   5.390   1.00 53.23 ? 183 ASP A OD1 1 
ATOM   691  O OD2 . ASP A 1 90  ? 21.540  2.273   5.253   1.00 58.59 ? 183 ASP A OD2 1 
ATOM   692  N N   . THR A 1 91  ? 16.881  0.324   5.370   1.00 34.63 ? 184 THR A N   1 
ATOM   693  C CA  . THR A 1 91  ? 16.125  -0.141  6.531   1.00 31.45 ? 184 THR A CA  1 
ATOM   694  C C   . THR A 1 91  ? 15.863  -1.661  6.481   1.00 36.57 ? 184 THR A C   1 
ATOM   695  O O   . THR A 1 91  ? 15.523  -2.178  5.454   1.00 36.97 ? 184 THR A O   1 
ATOM   696  C CB  . THR A 1 91  ? 14.758  0.578   6.667   1.00 27.62 ? 184 THR A CB  1 
ATOM   697  O OG1 . THR A 1 91  ? 14.927  2.020   6.819   1.00 30.44 ? 184 THR A OG1 1 
ATOM   698  C CG2 . THR A 1 91  ? 13.966  0.060   7.842   1.00 29.71 ? 184 THR A CG2 1 
ATOM   699  N N   . LYS A 1 92  ? 16.044  -2.373  7.591   1.00 40.94 ? 185 LYS A N   1 
ATOM   700  C CA  . LYS A 1 92  ? 15.829  -3.844  7.632   1.00 40.87 ? 185 LYS A CA  1 
ATOM   701  C C   . LYS A 1 92  ? 14.374  -4.145  7.967   1.00 35.96 ? 185 LYS A C   1 
ATOM   702  O O   . LYS A 1 92  ? 13.882  -3.753  9.007   1.00 42.58 ? 185 LYS A O   1 
ATOM   703  C CB  . LYS A 1 92  ? 16.788  -4.503  8.671   1.00 46.79 ? 185 LYS A CB  1 
ATOM   704  C CG  . LYS A 1 92  ? 18.263  -4.514  8.276   1.00 50.45 ? 185 LYS A CG  1 
ATOM   705  C CD  . LYS A 1 92  ? 18.538  -4.457  6.762   1.00 59.15 ? 185 LYS A CD  1 
ATOM   706  N N   . PHE A 1 93  ? 13.642  -4.693  7.024   1.00 32.77 ? 186 PHE A N   1 
ATOM   707  C CA  . PHE A 1 93  ? 12.218  -4.991  7.204   1.00 30.96 ? 186 PHE A CA  1 
ATOM   708  C C   . PHE A 1 93  ? 12.128  -6.503  7.409   1.00 39.25 ? 186 PHE A C   1 
ATOM   709  O O   . PHE A 1 93  ? 12.756  -7.242  6.689   1.00 44.82 ? 186 PHE A O   1 
ATOM   710  C CB  . PHE A 1 93  ? 11.418  -4.602  5.944   1.00 31.50 ? 186 PHE A CB  1 
ATOM   711  C CG  . PHE A 1 93  ? 11.356  -3.105  5.696   1.00 28.55 ? 186 PHE A CG  1 
ATOM   712  C CD1 . PHE A 1 93  ? 10.592  -2.288  6.512   1.00 30.70 ? 186 PHE A CD1 1 
ATOM   713  C CD2 . PHE A 1 93  ? 12.083  -2.532  4.701   1.00 29.34 ? 186 PHE A CD2 1 
ATOM   714  C CE1 . PHE A 1 93  ? 10.558  -0.932  6.352   1.00 28.82 ? 186 PHE A CE1 1 
ATOM   715  C CE2 . PHE A 1 93  ? 12.058  -1.173  4.494   1.00 28.75 ? 186 PHE A CE2 1 
ATOM   716  C CZ  . PHE A 1 93  ? 11.306  -0.351  5.302   1.00 29.48 ? 186 PHE A CZ  1 
ATOM   717  N N   . ASN A 1 94  ? 11.339  -6.961  8.356   1.00 39.04 ? 187 ASN A N   1 
ATOM   718  C CA  . ASN A 1 94  ? 11.138  -8.386  8.582   1.00 45.98 ? 187 ASN A CA  1 
ATOM   719  C C   . ASN A 1 94  ? 9.704   -8.621  9.041   1.00 41.68 ? 187 ASN A C   1 
ATOM   720  O O   . ASN A 1 94  ? 9.409   -8.357  10.154  1.00 38.82 ? 187 ASN A O   1 
ATOM   721  C CB  . ASN A 1 94  ? 12.136  -8.834  9.656   1.00 53.69 ? 187 ASN A CB  1 
ATOM   722  C CG  . ASN A 1 94  ? 13.578  -8.935  9.105   1.00 70.09 ? 187 ASN A CG  1 
ATOM   723  O OD1 . ASN A 1 94  ? 14.527  -8.366  9.661   1.00 85.44 ? 187 ASN A OD1 1 
ATOM   724  N ND2 . ASN A 1 94  ? 13.736  -9.639  7.974   1.00 76.37 ? 187 ASN A ND2 1 
ATOM   725  N N   . PRO A 1 95  ? 8.800   -9.129  8.192   1.00 44.27 ? 188 PRO A N   1 
ATOM   726  C CA  . PRO A 1 95  ? 7.436   -9.306  8.731   1.00 38.64 ? 188 PRO A CA  1 
ATOM   727  C C   . PRO A 1 95  ? 7.343   -10.159 9.954   1.00 46.95 ? 188 PRO A C   1 
ATOM   728  O O   . PRO A 1 95  ? 8.196   -11.056 10.215  1.00 52.31 ? 188 PRO A O   1 
ATOM   729  C CB  . PRO A 1 95  ? 6.672   -10.009 7.613   1.00 46.59 ? 188 PRO A CB  1 
ATOM   730  C CG  . PRO A 1 95  ? 7.708   -10.570 6.751   1.00 49.08 ? 188 PRO A CG  1 
ATOM   731  C CD  . PRO A 1 95  ? 8.928   -9.726  6.860   1.00 51.91 ? 188 PRO A CD  1 
ATOM   732  N N   . LYS A 1 96  ? 6.290   -9.892  10.697  1.00 43.42 ? 189 LYS A N   1 
ATOM   733  C CA  . LYS A 1 96  ? 5.970   -10.686 11.889  1.00 48.64 ? 189 LYS A CA  1 
ATOM   734  C C   . LYS A 1 96  ? 5.200   -11.969 11.494  1.00 55.06 ? 189 LYS A C   1 
ATOM   735  O O   . LYS A 1 96  ? 5.586   -13.060 11.941  1.00 49.94 ? 189 LYS A O   1 
ATOM   736  C CB  . LYS A 1 96  ? 5.142   -9.920  12.891  1.00 54.58 ? 189 LYS A CB  1 
ATOM   737  C CG  . LYS A 1 96  ? 5.731   -8.568  13.337  1.00 64.58 ? 189 LYS A CG  1 
ATOM   738  C CD  . LYS A 1 96  ? 7.020   -8.711  14.121  1.00 69.49 ? 189 LYS A CD  1 
ATOM   739  C CE  . LYS A 1 96  ? 8.079   -7.774  13.592  1.00 72.26 ? 189 LYS A CE  1 
ATOM   740  N NZ  . LYS A 1 96  ? 9.354   -7.954  14.334  1.00 70.29 ? 189 LYS A NZ  1 
ATOM   741  N N   A THR A 1 97  ? 4.180   -11.726 10.644  0.25 45.95 ? 190 THR A N   1 
ATOM   742  N N   B THR A 1 97  ? 4.118   -11.906 10.724  0.25 58.06 ? 190 THR A N   1 
ATOM   743  C CA  A THR A 1 97  ? 3.137   -12.643 10.193  0.25 40.17 ? 190 THR A CA  1 
ATOM   744  C CA  B THR A 1 97  ? 3.462   -13.169 10.330  0.25 59.23 ? 190 THR A CA  1 
ATOM   745  C C   A THR A 1 97  ? 3.520   -13.250 8.836   0.25 36.53 ? 190 THR A C   1 
ATOM   746  C C   B THR A 1 97  ? 3.953   -13.595 8.954   0.25 53.06 ? 190 THR A C   1 
ATOM   747  O O   A THR A 1 97  ? 2.947   -12.881 7.788   0.25 31.88 ? 190 THR A O   1 
ATOM   748  O O   B THR A 1 97  ? 3.572   -13.025 7.923   0.25 48.95 ? 190 THR A O   1 
ATOM   749  C CB  A THR A 1 97  ? 1.767   -11.895 10.057  0.25 37.35 ? 190 THR A CB  1 
ATOM   750  C CB  B THR A 1 97  ? 1.923   -13.120 10.383  0.25 61.32 ? 190 THR A CB  1 
ATOM   751  O OG1 A THR A 1 97  ? 1.858   -10.843 9.086   0.25 31.47 ? 190 THR A OG1 1 
ATOM   752  O OG1 B THR A 1 97  ? 1.502   -12.532 11.622  0.25 69.36 ? 190 THR A OG1 1 
ATOM   753  C CG2 A THR A 1 97  ? 1.304   -11.288 11.415  0.25 36.85 ? 190 THR A CG2 1 
ATOM   754  C CG2 B THR A 1 97  ? 1.360   -14.537 10.283  0.25 58.77 ? 190 THR A CG2 1 
ATOM   755  N N   A ARG A 1 98  ? 4.470   -14.193 8.877   0.25 36.04 ? 191 ARG A N   1 
ATOM   756  N N   B ARG A 1 98  ? 4.815   -14.606 8.943   0.25 46.45 ? 191 ARG A N   1 
ATOM   757  C CA  A ARG A 1 98  ? 5.033   -14.796 7.664   0.25 35.73 ? 191 ARG A CA  1 
ATOM   758  C CA  B ARG A 1 98  ? 5.261   -15.151 7.679   0.25 44.77 ? 191 ARG A CA  1 
ATOM   759  C C   A ARG A 1 98  ? 4.152   -15.903 7.033   0.25 35.64 ? 191 ARG A C   1 
ATOM   760  C C   B ARG A 1 98  ? 4.188   -16.023 7.021   0.25 40.35 ? 191 ARG A C   1 
ATOM   761  O O   A ARG A 1 98  ? 4.394   -16.343 5.891   0.25 31.78 ? 191 ARG A O   1 
ATOM   762  O O   B ARG A 1 98  ? 4.330   -16.416 5.847   0.25 35.63 ? 191 ARG A O   1 
ATOM   763  C CB  A ARG A 1 98  ? 6.469   -15.272 7.929   0.25 35.88 ? 191 ARG A CB  1 
ATOM   764  C CB  B ARG A 1 98  ? 6.576   -15.902 7.851   0.25 47.08 ? 191 ARG A CB  1 
ATOM   765  C CG  A ARG A 1 98  ? 7.472   -14.122 7.933   0.25 34.88 ? 191 ARG A CG  1 
ATOM   766  C CG  B ARG A 1 98  ? 7.672   -14.997 8.380   0.25 48.62 ? 191 ARG A CG  1 
ATOM   767  C CD  A ARG A 1 98  ? 8.732   -14.465 7.154   0.25 36.51 ? 191 ARG A CD  1 
ATOM   768  C CD  B ARG A 1 98  ? 8.903   -15.047 7.498   0.25 52.14 ? 191 ARG A CD  1 
ATOM   769  N NE  A ARG A 1 98  ? 9.318   -13.357 6.396   0.25 32.98 ? 191 ARG A NE  1 
ATOM   770  N NE  B ARG A 1 98  ? 9.698   -13.836 7.657   0.25 50.79 ? 191 ARG A NE  1 
ATOM   771  C CZ  A ARG A 1 98  ? 9.333   -13.306 5.069   0.25 35.56 ? 191 ARG A CZ  1 
ATOM   772  C CZ  B ARG A 1 98  ? 10.681  -13.709 8.536   0.25 48.79 ? 191 ARG A CZ  1 
ATOM   773  N NH1 A ARG A 1 98  ? 8.787   -14.291 4.367   0.25 34.90 ? 191 ARG A NH1 1 
ATOM   774  N NH1 B ARG A 1 98  ? 11.007  -14.727 9.330   0.25 50.19 ? 191 ARG A NH1 1 
ATOM   775  N NH2 A ARG A 1 98  ? 9.876   -12.273 4.438   0.25 36.25 ? 191 ARG A NH2 1 
ATOM   776  N NH2 B ARG A 1 98  ? 11.332  -12.565 8.618   0.25 48.25 ? 191 ARG A NH2 1 
ATOM   777  N N   . ARG A 1 99  ? 3.104   -16.303 7.751   1.00 35.52 ? 192 ARG A N   1 
ATOM   778  C CA  . ARG A 1 99  ? 2.001   -17.073 7.195   1.00 34.21 ? 192 ARG A CA  1 
ATOM   779  C C   . ARG A 1 99  ? 1.160   -16.216 6.314   1.00 33.53 ? 192 ARG A C   1 
ATOM   780  O O   . ARG A 1 99  ? 0.346   -16.759 5.591   1.00 28.86 ? 192 ARG A O   1 
ATOM   781  C CB  . ARG A 1 99  ? 1.100   -17.613 8.306   1.00 39.65 ? 192 ARG A CB  1 
ATOM   782  C CG  . ARG A 1 99  ? 1.742   -18.697 9.138   1.00 45.14 ? 192 ARG A CG  1 
ATOM   783  C CD  . ARG A 1 99  ? 0.727   -19.307 10.114  1.00 55.09 ? 192 ARG A CD  1 
ATOM   784  N NE  . ARG A 1 99  ? 1.067   -20.712 10.388  1.00 69.69 ? 192 ARG A NE  1 
ATOM   785  C CZ  . ARG A 1 99  ? 2.059   -21.117 11.175  1.00 64.36 ? 192 ARG A CZ  1 
ATOM   786  N NH1 . ARG A 1 99  ? 2.829   -20.244 11.803  1.00 76.88 ? 192 ARG A NH1 1 
ATOM   787  N NH2 . ARG A 1 99  ? 2.300   -22.412 11.327  1.00 65.54 ? 192 ARG A NH2 1 
ATOM   788  N N   . GLU A 1 100 ? 1.277   -14.858 6.411   1.00 30.09 ? 193 GLU A N   1 
ATOM   789  C CA  . GLU A 1 100 ? 0.516   -13.951 5.539   1.00 28.75 ? 193 GLU A CA  1 
ATOM   790  C C   . GLU A 1 100 ? 1.326   -13.178 4.523   1.00 25.84 ? 193 GLU A C   1 
ATOM   791  O O   . GLU A 1 100 ? 0.734   -12.759 3.488   1.00 30.70 ? 193 GLU A O   1 
ATOM   792  C CB  . GLU A 1 100 ? -0.354  -12.971 6.407   1.00 40.98 ? 193 GLU A CB  1 
ATOM   793  C CG  . GLU A 1 100 ? -1.145  -13.787 7.429   1.00 56.49 ? 193 GLU A CG  1 
ATOM   794  C CD  . GLU A 1 100 ? -1.948  -12.982 8.433   1.00 69.24 ? 193 GLU A CD  1 
ATOM   795  O OE1 . GLU A 1 100 ? -2.739  -12.152 7.967   1.00 64.66 ? 193 GLU A OE1 1 
ATOM   796  O OE2 . GLU A 1 100 ? -1.798  -13.218 9.670   1.00 86.43 ? 193 GLU A OE2 1 
ATOM   797  N N   . ILE A 1 101 ? 2.649   -13.012 4.758   1.00 24.25 ? 194 ILE A N   1 
ATOM   798  C CA  . ILE A 1 101 ? 3.468   -12.180 3.888   1.00 25.54 ? 194 ILE A CA  1 
ATOM   799  C C   . ILE A 1 101 ? 4.594   -13.018 3.233   1.00 24.56 ? 194 ILE A C   1 
ATOM   800  O O   . ILE A 1 101 ? 5.460   -13.499 3.949   1.00 26.90 ? 194 ILE A O   1 
ATOM   801  C CB  . ILE A 1 101 ? 4.060   -10.965 4.651   1.00 25.26 ? 194 ILE A CB  1 
ATOM   802  C CG1 . ILE A 1 101 ? 2.956   -10.062 5.165   1.00 27.10 ? 194 ILE A CG1 1 
ATOM   803  C CG2 . ILE A 1 101 ? 5.028   -10.138 3.770   1.00 25.70 ? 194 ILE A CG2 1 
ATOM   804  C CD1 . ILE A 1 101 ? 2.007   -9.483  4.110   1.00 26.44 ? 194 ILE A CD1 1 
ATOM   805  N N   . ARG A 1 102 ? 4.565   -13.103 1.912   1.00 25.83 ? 195 ARG A N   1 
ATOM   806  C CA  . ARG A 1 102 ? 5.596   -13.817 1.126   1.00 23.83 ? 195 ARG A CA  1 
ATOM   807  C C   . ARG A 1 102 ? 6.929   -13.064 1.036   1.00 28.93 ? 195 ARG A C   1 
ATOM   808  O O   . ARG A 1 102 ? 8.024   -13.699 1.204   1.00 25.04 ? 195 ARG A O   1 
ATOM   809  C CB  . ARG A 1 102 ? 5.072   -14.288 -0.238  1.00 24.93 ? 195 ARG A CB  1 
ATOM   810  C CG  . ARG A 1 102 ? 6.112   -15.222 -0.957  1.00 26.13 ? 195 ARG A CG  1 
ATOM   811  C CD  . ARG A 1 102 ? 5.910   -15.375 -2.439  1.00 24.87 ? 195 ARG A CD  1 
ATOM   812  N NE  . ARG A 1 102 ? 4.643   -16.054 -2.730  1.00 27.73 ? 195 ARG A NE  1 
ATOM   813  C CZ  . ARG A 1 102 ? 4.484   -17.381 -2.692  1.00 27.92 ? 195 ARG A CZ  1 
ATOM   814  N NH1 . ARG A 1 102 ? 5.514   -18.178 -2.434  1.00 25.31 ? 195 ARG A NH1 1 
ATOM   815  N NH2 . ARG A 1 102 ? 3.298   -17.900 -2.943  1.00 28.59 ? 195 ARG A NH2 1 
ATOM   816  N N   . ASN A 1 103 ? 6.878   -11.739 0.762   1.00 24.82 ? 196 ASN A N   1 
ATOM   817  C CA  . ASN A 1 103 ? 8.084   -10.940 0.445   1.00 26.09 ? 196 ASN A CA  1 
ATOM   818  C C   . ASN A 1 103 ? 7.717   -9.443  0.666   1.00 25.73 ? 196 ASN A C   1 
ATOM   819  O O   . ASN A 1 103 ? 6.522   -9.108  0.770   1.00 21.88 ? 196 ASN A O   1 
ATOM   820  C CB  . ASN A 1 103 ? 8.519   -11.125 -1.019  1.00 27.27 ? 196 ASN A CB  1 
ATOM   821  C CG  . ASN A 1 103 ? 9.996   -10.903 -1.217  1.00 29.23 ? 196 ASN A CG  1 
ATOM   822  O OD1 . ASN A 1 103 ? 10.719  -10.469 -0.298  1.00 29.28 ? 196 ASN A OD1 1 
ATOM   823  N ND2 . ASN A 1 103 ? 10.468  -11.178 -2.434  1.00 31.22 ? 196 ASN A ND2 1 
ATOM   824  N N   . ILE A 1 104 ? 8.719   -8.623  0.686   1.00 23.42 ? 197 ILE A N   1 
ATOM   825  C CA  . ILE A 1 104 ? 8.626   -7.156  0.984   1.00 24.27 ? 197 ILE A CA  1 
ATOM   826  C C   . ILE A 1 104 ? 9.684   -6.539  0.098   1.00 25.81 ? 197 ILE A C   1 
ATOM   827  O O   . ILE A 1 104 ? 10.817  -6.979  0.184   1.00 25.78 ? 197 ILE A O   1 
ATOM   828  C CB  . ILE A 1 104 ? 9.006   -6.781  2.448   1.00 27.39 ? 197 ILE A CB  1 
ATOM   829  C CG1 . ILE A 1 104 ? 8.116   -7.464  3.439   1.00 28.93 ? 197 ILE A CG1 1 
ATOM   830  C CG2 . ILE A 1 104 ? 8.912   -5.253  2.666   1.00 26.91 ? 197 ILE A CG2 1 
ATOM   831  C CD1 . ILE A 1 104 ? 8.351   -7.085  4.897   1.00 38.65 ? 197 ILE A CD1 1 
ATOM   832  N N   . GLU A 1 105 ? 9.365   -5.542  -0.729  1.00 25.46 ? 198 GLU A N   1 
ATOM   833  C CA  . GLU A 1 105 ? 10.333  -4.955  -1.703  1.00 24.12 ? 198 GLU A CA  1 
ATOM   834  C C   . GLU A 1 105 ? 10.017  -3.509  -1.990  1.00 22.92 ? 198 GLU A C   1 
ATOM   835  O O   . GLU A 1 105 ? 8.827   -3.079  -1.956  1.00 23.56 ? 198 GLU A O   1 
ATOM   836  C CB  . GLU A 1 105 ? 10.392  -5.685  -3.090  1.00 28.68 ? 198 GLU A CB  1 
ATOM   837  C CG  . GLU A 1 105 ? 11.068  -7.028  -3.130  1.00 37.07 ? 198 GLU A CG  1 
ATOM   838  C CD  . GLU A 1 105 ? 11.032  -7.729  -4.542  1.00 43.87 ? 198 GLU A CD  1 
ATOM   839  O OE1 . GLU A 1 105 ? 10.967  -7.049  -5.598  1.00 42.28 ? 198 GLU A OE1 1 
ATOM   840  O OE2 . GLU A 1 105 ? 11.084  -8.987  -4.593  1.00 56.82 ? 198 GLU A OE2 1 
ATOM   841  N N   . TRP A 1 106 ? 11.055  -2.773  -2.368  1.00 20.53 ? 199 TRP A N   1 
ATOM   842  C CA  . TRP A 1 106 ? 10.932  -1.408  -2.885  1.00 23.48 ? 199 TRP A CA  1 
ATOM   843  C C   . TRP A 1 106 ? 10.657  -1.422  -4.389  1.00 26.23 ? 199 TRP A C   1 
ATOM   844  O O   . TRP A 1 106 ? 11.309  -2.213  -5.090  1.00 26.73 ? 199 TRP A O   1 
ATOM   845  C CB  . TRP A 1 106 ? 12.260  -0.606  -2.623  1.00 25.96 ? 199 TRP A CB  1 
ATOM   846  C CG  . TRP A 1 106 ? 12.534  -0.235  -1.211  1.00 20.91 ? 199 TRP A CG  1 
ATOM   847  C CD1 . TRP A 1 106 ? 13.476  -0.837  -0.315  1.00 25.93 ? 199 TRP A CD1 1 
ATOM   848  C CD2 . TRP A 1 106 ? 11.930  0.842   -0.463  1.00 22.00 ? 199 TRP A CD2 1 
ATOM   849  N NE1 . TRP A 1 106 ? 13.433  -0.193  0.894   1.00 29.46 ? 199 TRP A NE1 1 
ATOM   850  C CE2 . TRP A 1 106 ? 12.526  0.846   0.840   1.00 25.32 ? 199 TRP A CE2 1 
ATOM   851  C CE3 . TRP A 1 106 ? 10.959  1.775   -0.753  1.00 24.10 ? 199 TRP A CE3 1 
ATOM   852  C CZ2 . TRP A 1 106 ? 12.152  1.755   1.860   1.00 27.02 ? 199 TRP A CZ2 1 
ATOM   853  C CZ3 . TRP A 1 106 ? 10.563  2.708   0.295   1.00 23.42 ? 199 TRP A CZ3 1 
ATOM   854  C CH2 . TRP A 1 106 ? 11.218  2.690   1.562   1.00 27.24 ? 199 TRP A CH2 1 
ATOM   855  N N   . PHE A 1 107 ? 9.713   -0.592  -4.873  1.00 23.55 ? 200 PHE A N   1 
ATOM   856  C CA  . PHE A 1 107 ? 9.403   -0.430  -6.271  1.00 22.24 ? 200 PHE A CA  1 
ATOM   857  C C   . PHE A 1 107 ? 9.476   1.015   -6.687  1.00 25.74 ? 200 PHE A C   1 
ATOM   858  O O   . PHE A 1 107 ? 9.114   1.893   -5.923  1.00 23.33 ? 200 PHE A O   1 
ATOM   859  C CB  . PHE A 1 107 ? 7.989   -1.009  -6.626  1.00 24.08 ? 200 PHE A CB  1 
ATOM   860  C CG  . PHE A 1 107 ? 7.898   -2.542  -6.498  1.00 23.99 ? 200 PHE A CG  1 
ATOM   861  C CD1 . PHE A 1 107 ? 7.598   -3.146  -5.255  1.00 23.71 ? 200 PHE A CD1 1 
ATOM   862  C CD2 . PHE A 1 107 ? 8.160   -3.392  -7.630  1.00 22.76 ? 200 PHE A CD2 1 
ATOM   863  C CE1 . PHE A 1 107 ? 7.541   -4.526  -5.135  1.00 27.55 ? 200 PHE A CE1 1 
ATOM   864  C CE2 . PHE A 1 107 ? 8.103   -4.794  -7.514  1.00 22.90 ? 200 PHE A CE2 1 
ATOM   865  C CZ  . PHE A 1 107 ? 7.759   -5.362  -6.242  1.00 25.25 ? 200 PHE A CZ  1 
ATOM   866  N N   . SER A 1 108 ? 9.902   1.244   -7.948  1.00 22.06 ? 201 SER A N   1 
ATOM   867  C CA  . SER A 1 108 ? 9.935   2.577   -8.541  1.00 24.01 ? 201 SER A CA  1 
ATOM   868  C C   . SER A 1 108 ? 8.538   3.024   -8.831  1.00 25.10 ? 201 SER A C   1 
ATOM   869  O O   . SER A 1 108 ? 7.815   2.337   -9.545  1.00 24.53 ? 201 SER A O   1 
ATOM   870  C CB  . SER A 1 108 ? 10.803  2.578   -9.828  1.00 28.33 ? 201 SER A CB  1 
ATOM   871  O OG  . SER A 1 108 ? 10.504  3.696   -10.600 1.00 31.39 ? 201 SER A OG  1 
ATOM   872  N N   . ILE A 1 109 ? 8.162   4.207   -8.324  1.00 22.68 ? 202 ILE A N   1 
ATOM   873  C CA  . ILE A 1 109 ? 6.826   4.714   -8.501  1.00 23.80 ? 202 ILE A CA  1 
ATOM   874  C C   . ILE A 1 109 ? 6.549   5.022   -9.990  1.00 29.21 ? 202 ILE A C   1 
ATOM   875  O O   . ILE A 1 109 ? 5.434   4.785   -10.505 1.00 27.59 ? 202 ILE A O   1 
ATOM   876  C CB  . ILE A 1 109 ? 6.549   6.015   -7.686  1.00 29.21 ? 202 ILE A CB  1 
ATOM   877  C CG1 . ILE A 1 109 ? 6.448   5.776   -6.195  1.00 35.04 ? 202 ILE A CG1 1 
ATOM   878  C CG2 . ILE A 1 109 ? 5.217   6.603   -8.085  1.00 34.79 ? 202 ILE A CG2 1 
ATOM   879  C CD1 . ILE A 1 109 ? 6.625   7.063   -5.357  1.00 38.66 ? 202 ILE A CD1 1 
ATOM   880  N N   . GLU A 1 110 ? 7.549   5.548   -10.713 1.00 25.71 ? 203 GLU A N   1 
ATOM   881  C CA  . GLU A 1 110 ? 7.283   5.877   -12.133 1.00 32.08 ? 203 GLU A CA  1 
ATOM   882  C C   . GLU A 1 110 ? 7.050   4.639   -13.046 1.00 30.19 ? 203 GLU A C   1 
ATOM   883  O O   . GLU A 1 110 ? 6.410   4.755   -14.073 1.00 31.51 ? 203 GLU A O   1 
ATOM   884  C CB  . GLU A 1 110 ? 8.425   6.808   -12.698 1.00 37.40 ? 203 GLU A CB  1 
ATOM   885  C CG  . GLU A 1 110 ? 9.748   6.111   -12.883 1.00 47.22 ? 203 GLU A CG  1 
ATOM   886  C CD  . GLU A 1 110 ? 10.779  6.915   -13.724 1.00 55.20 ? 203 GLU A CD  1 
ATOM   887  O OE1 . GLU A 1 110 ? 10.708  8.149   -13.717 1.00 50.78 ? 203 GLU A OE1 1 
ATOM   888  O OE2 . GLU A 1 110 ? 11.634  6.277   -14.411 1.00 63.92 ? 203 GLU A OE2 1 
ATOM   889  N N   . LYS A 1 111 ? 7.555   3.477   -12.619 1.00 30.00 ? 204 LYS A N   1 
ATOM   890  C CA  . LYS A 1 111 ? 7.388   2.185   -13.314 1.00 27.10 ? 204 LYS A CA  1 
ATOM   891  C C   . LYS A 1 111 ? 6.111   1.399   -12.953 1.00 30.39 ? 204 LYS A C   1 
ATOM   892  O O   . LYS A 1 111 ? 5.735   0.502   -13.698 1.00 28.50 ? 204 LYS A O   1 
ATOM   893  C CB  . LYS A 1 111 ? 8.597   1.300   -13.039 1.00 33.06 ? 204 LYS A CB  1 
ATOM   894  C CG  . LYS A 1 111 ? 9.829   1.903   -13.716 1.00 37.23 ? 204 LYS A CG  1 
ATOM   895  C CD  . LYS A 1 111 ? 10.994  0.949   -13.631 1.00 43.47 ? 204 LYS A CD  1 
ATOM   896  C CE  . LYS A 1 111 ? 12.061  1.542   -14.566 1.00 51.51 ? 204 LYS A CE  1 
ATOM   897  N NZ  . LYS A 1 111 ? 13.327  0.953   -14.139 1.00 60.55 ? 204 LYS A NZ  1 
ATOM   898  N N   . LEU A 1 112 ? 5.430   1.741   -11.857 1.00 26.57 ? 205 LEU A N   1 
ATOM   899  C CA  . LEU A 1 112 ? 4.240   1.039   -11.453 1.00 24.19 ? 205 LEU A CA  1 
ATOM   900  C C   . LEU A 1 112 ? 3.063   1.487   -12.334 1.00 26.16 ? 205 LEU A C   1 
ATOM   901  O O   . LEU A 1 112 ? 3.026   2.629   -12.814 1.00 28.79 ? 205 LEU A O   1 
ATOM   902  C CB  . LEU A 1 112 ? 3.903   1.309   -9.944  1.00 23.34 ? 205 LEU A CB  1 
ATOM   903  C CG  . LEU A 1 112 ? 4.821   0.718   -8.890  1.00 23.15 ? 205 LEU A CG  1 
ATOM   904  C CD1 . LEU A 1 112 ? 4.520   1.336   -7.520  1.00 24.31 ? 205 LEU A CD1 1 
ATOM   905  C CD2 . LEU A 1 112 ? 4.639   -0.806  -8.863  1.00 25.30 ? 205 LEU A CD2 1 
ATOM   906  N N   . PRO A 1 113 ? 2.192   0.537   -12.651 1.00 25.86 ? 206 PRO A N   1 
ATOM   907  C CA  . PRO A 1 113 ? 1.015   0.858   -13.452 1.00 29.91 ? 206 PRO A CA  1 
ATOM   908  C C   . PRO A 1 113 ? -0.014  1.647   -12.650 1.00 32.18 ? 206 PRO A C   1 
ATOM   909  O O   . PRO A 1 113 ? -0.163  1.396   -11.412 1.00 28.44 ? 206 PRO A O   1 
ATOM   910  C CB  . PRO A 1 113 ? 0.460   -0.538  -13.835 1.00 29.36 ? 206 PRO A CB  1 
ATOM   911  C CG  . PRO A 1 113 ? 0.920   -1.426  -12.710 1.00 31.24 ? 206 PRO A CG  1 
ATOM   912  C CD  . PRO A 1 113 ? 2.281   -0.894  -12.273 1.00 27.38 ? 206 PRO A CD  1 
ATOM   913  N N   . CYS A 1 114 ? -0.754  2.510   -13.331 1.00 31.20 ? 207 CYS A N   1 
ATOM   914  C CA  . CYS A 1 114 ? -1.904  3.132   -12.704 1.00 35.45 ? 207 CYS A CA  1 
ATOM   915  C C   . CYS A 1 114 ? -3.267  2.645   -13.300 1.00 35.93 ? 207 CYS A C   1 
ATOM   916  O O   . CYS A 1 114 ? -4.305  3.149   -12.895 1.00 37.37 ? 207 CYS A O   1 
ATOM   917  C CB  . CYS A 1 114 ? -1.782  4.617   -12.717 1.00 37.53 ? 207 CYS A CB  1 
ATOM   918  S SG  . CYS A 1 114 ? -1.754  5.331   -14.385 1.00 49.30 ? 207 CYS A SG  1 
ATOM   919  N N   . HIS A 1 115 ? -3.247  1.573   -14.099 1.00 34.88 ? 208 HIS A N   1 
ATOM   920  C CA  . HIS A 1 115 ? -4.530  0.869   -14.524 1.00 38.55 ? 208 HIS A CA  1 
ATOM   921  C C   . HIS A 1 115 ? -4.101  -0.447  -15.066 1.00 40.01 ? 208 HIS A C   1 
ATOM   922  O O   . HIS A 1 115 ? -2.889  -0.608  -15.358 1.00 36.58 ? 208 HIS A O   1 
ATOM   923  C CB  . HIS A 1 115 ? -5.184  1.751   -15.607 1.00 40.20 ? 208 HIS A CB  1 
ATOM   924  C CG  . HIS A 1 115 ? -4.328  1.918   -16.828 1.00 43.60 ? 208 HIS A CG  1 
ATOM   925  N ND1 . HIS A 1 115 ? -4.158  0.903   -17.750 1.00 45.09 ? 208 HIS A ND1 1 
ATOM   926  C CD2 . HIS A 1 115 ? -3.493  2.914   -17.213 1.00 52.17 ? 208 HIS A CD2 1 
ATOM   927  C CE1 . HIS A 1 115 ? -3.306  1.292   -18.685 1.00 48.55 ? 208 HIS A CE1 1 
ATOM   928  N NE2 . HIS A 1 115 ? -2.874  2.500   -18.374 1.00 49.00 ? 208 HIS A NE2 1 
ATOM   929  N N   A ARG A 1 116 ? -4.991  -1.445  -15.178 0.32 38.68 ? 209 ARG A N   1 
ATOM   930  N N   B ARG A 1 116 ? -5.031  -1.388  -15.236 0.22 41.48 ? 209 ARG A N   1 
ATOM   931  C CA  A ARG A 1 116 ? -4.627  -2.668  -15.927 0.32 38.44 ? 209 ARG A CA  1 
ATOM   932  C CA  B ARG A 1 116 ? -4.694  -2.618  -15.945 0.22 42.69 ? 209 ARG A CA  1 
ATOM   933  C C   A ARG A 1 116 ? -4.917  -2.471  -17.425 0.32 40.42 ? 209 ARG A C   1 
ATOM   934  C C   B ARG A 1 116 ? -5.047  -2.546  -17.435 0.22 43.38 ? 209 ARG A C   1 
ATOM   935  O O   A ARG A 1 116 ? -5.532  -1.500  -17.807 0.32 40.68 ? 209 ARG A O   1 
ATOM   936  O O   B ARG A 1 116 ? -5.908  -1.784  -17.823 0.22 46.51 ? 209 ARG A O   1 
ATOM   937  C CB  A ARG A 1 116 ? -5.301  -3.907  -15.373 0.32 36.96 ? 209 ARG A CB  1 
ATOM   938  C CB  B ARG A 1 116 ? -5.322  -3.842  -15.293 0.22 43.40 ? 209 ARG A CB  1 
ATOM   939  C CG  A ARG A 1 116 ? -4.856  -4.239  -13.949 0.32 35.48 ? 209 ARG A CG  1 
ATOM   940  C CG  B ARG A 1 116 ? -4.769  -5.160  -15.817 0.22 43.41 ? 209 ARG A CG  1 
ATOM   941  C CD  A ARG A 1 116 ? -6.008  -4.684  -13.106 0.32 36.57 ? 209 ARG A CD  1 
ATOM   942  C CD  B ARG A 1 116 ? -3.256  -5.118  -16.027 0.22 45.55 ? 209 ARG A CD  1 
ATOM   943  N NE  A ARG A 1 116 ? -6.239  -6.097  -13.237 0.32 35.45 ? 209 ARG A NE  1 
ATOM   944  N NE  B ARG A 1 116 ? -2.641  -6.314  -16.598 0.22 43.86 ? 209 ARG A NE  1 
ATOM   945  C CZ  A ARG A 1 116 ? -7.411  -6.716  -13.089 0.32 40.35 ? 209 ARG A CZ  1 
ATOM   946  C CZ  B ARG A 1 116 ? -1.438  -6.357  -17.190 0.22 47.00 ? 209 ARG A CZ  1 
ATOM   947  N NH1 A ARG A 1 116 ? -8.550  -6.061  -12.837 0.32 44.24 ? 209 ARG A NH1 1 
ATOM   948  N NH1 B ARG A 1 116 ? -0.974  -7.516  -17.657 0.22 46.80 ? 209 ARG A NH1 1 
ATOM   949  N NH2 A ARG A 1 116 ? -7.452  -8.030  -13.225 0.32 37.08 ? 209 ARG A NH2 1 
ATOM   950  N NH2 B ARG A 1 116 ? -0.684  -5.266  -17.333 0.22 45.66 ? 209 ARG A NH2 1 
ATOM   951  N N   . ASN A 1 117 ? -4.363  -3.344  -18.258 1.00 45.44 ? 210 ASN A N   1 
ATOM   952  C CA  . ASN A 1 117 ? -4.508  -3.308  -19.687 1.00 46.21 ? 210 ASN A CA  1 
ATOM   953  C C   . ASN A 1 117 ? -5.710  -4.127  -20.040 1.00 45.75 ? 210 ASN A C   1 
ATOM   954  O O   . ASN A 1 117 ? -6.003  -5.156  -19.382 1.00 41.65 ? 210 ASN A O   1 
ATOM   955  C CB  . ASN A 1 117 ? -3.261  -3.938  -20.330 1.00 51.33 ? 210 ASN A CB  1 
ATOM   956  C CG  . ASN A 1 117 ? -1.979  -3.197  -19.964 1.00 49.21 ? 210 ASN A CG  1 
ATOM   957  O OD1 . ASN A 1 117 ? -1.995  -1.976  -19.783 1.00 46.58 ? 210 ASN A OD1 1 
ATOM   958  N ND2 . ASN A 1 117 ? -0.892  -3.932  -19.844 1.00 52.63 ? 210 ASN A ND2 1 
ATOM   959  N N   . ASP A 1 118 ? -6.374  -3.690  -21.120 1.00 49.09 ? 211 ASP A N   1 
ATOM   960  C CA  . ASP A 1 118 ? -7.552  -4.382  -21.625 1.00 48.04 ? 211 ASP A CA  1 
ATOM   961  C C   . ASP A 1 118 ? -7.061  -5.555  -22.497 1.00 50.07 ? 211 ASP A C   1 
ATOM   962  O O   . ASP A 1 118 ? -5.863  -5.929  -22.437 1.00 42.94 ? 211 ASP A O   1 
ATOM   963  C CB  . ASP A 1 118 ? -8.551  -3.399  -22.277 1.00 48.72 ? 211 ASP A CB  1 
ATOM   964  C CG  . ASP A 1 118 ? -8.056  -2.792  -23.567 1.00 56.31 ? 211 ASP A CG  1 
ATOM   965  O OD1 . ASP A 1 118 ? -7.171  -3.366  -24.239 1.00 43.82 ? 211 ASP A OD1 1 
ATOM   966  O OD2 . ASP A 1 118 ? -8.606  -1.726  -23.913 1.00 70.88 ? 211 ASP A OD2 1 
ATOM   967  N N   . MET A 1 119 ? -8.007  -6.184  -23.211 1.00 46.73 ? 212 MET A N   1 
ATOM   968  C CA  . MET A 1 119 ? -7.745  -7.304  -24.146 1.00 49.49 ? 212 MET A CA  1 
ATOM   969  C C   . MET A 1 119 ? -8.433  -7.030  -25.515 1.00 51.13 ? 212 MET A C   1 
ATOM   970  O O   . MET A 1 119 ? -8.849  -7.964  -26.245 1.00 57.36 ? 212 MET A O   1 
ATOM   971  C CB  . MET A 1 119 ? -8.219  -8.591  -23.476 1.00 45.19 ? 212 MET A CB  1 
ATOM   972  C CG  . MET A 1 119 ? -7.412  -8.773  -22.197 1.00 54.65 ? 212 MET A CG  1 
ATOM   973  S SD  . MET A 1 119 ? -7.629  -10.271 -21.309 1.00 57.83 ? 212 MET A SD  1 
ATOM   974  C CE  . MET A 1 119 ? -9.379  -10.165 -20.940 1.00 65.22 ? 212 MET A CE  1 
ATOM   975  N N   . THR A 1 120 ? -8.503  -5.735  -25.860 1.00 44.18 ? 213 THR A N   1 
ATOM   976  C CA  . THR A 1 120 ? -9.030  -5.251  -27.125 1.00 51.98 ? 213 THR A CA  1 
ATOM   977  C C   . THR A 1 120 ? -8.214  -5.756  -28.328 1.00 59.17 ? 213 THR A C   1 
ATOM   978  O O   . THR A 1 120 ? -8.815  -5.880  -29.374 1.00 56.79 ? 213 THR A O   1 
ATOM   979  C CB  . THR A 1 120 ? -9.132  -3.714  -27.147 1.00 59.33 ? 213 THR A CB  1 
ATOM   980  O OG1 . THR A 1 120 ? -7.856  -3.143  -26.806 1.00 76.55 ? 213 THR A OG1 1 
ATOM   981  C CG2 . THR A 1 120 ? -10.157 -3.217  -26.148 1.00 58.12 ? 213 THR A CG2 1 
ATOM   982  N N   . PRO A 1 121 ? -6.864  -6.038  -28.187 1.00 67.65 ? 214 PRO A N   1 
ATOM   983  C CA  . PRO A 1 121 ? -6.207  -6.787  -29.280 1.00 68.36 ? 214 PRO A CA  1 
ATOM   984  C C   . PRO A 1 121 ? -6.835  -8.174  -29.538 1.00 68.29 ? 214 PRO A C   1 
ATOM   985  O O   . PRO A 1 121 ? -6.896  -8.578  -30.693 1.00 69.02 ? 214 PRO A O   1 
ATOM   986  C CB  . PRO A 1 121 ? -4.721  -6.911  -28.828 1.00 66.82 ? 214 PRO A CB  1 
ATOM   987  C CG  . PRO A 1 121 ? -4.682  -6.458  -27.407 1.00 74.62 ? 214 PRO A CG  1 
ATOM   988  C CD  . PRO A 1 121 ? -5.839  -5.509  -27.246 1.00 72.07 ? 214 PRO A CD  1 
ATOM   989  N N   . LYS A 1 122 ? -7.332  -8.873  -28.511 1.00 58.21 ? 215 LYS A N   1 
ATOM   990  C CA  . LYS A 1 122 ? -8.033  -10.161 -28.719 1.00 56.00 ? 215 LYS A CA  1 
ATOM   991  C C   . LYS A 1 122 ? -9.608  -10.068 -28.943 1.00 56.23 ? 215 LYS A C   1 
ATOM   992  O O   . LYS A 1 122 ? -10.300 -11.110 -28.953 1.00 58.16 ? 215 LYS A O   1 
ATOM   993  C CB  . LYS A 1 122 ? -7.668  -11.111 -27.557 1.00 57.91 ? 215 LYS A CB  1 
ATOM   994  C CG  . LYS A 1 122 ? -7.648  -12.593 -27.909 1.00 61.08 ? 215 LYS A CG  1 
ATOM   995  N N   . SER A 1 123 ? -10.185 -8.861  -29.131 1.00 48.94 ? 216 SER A N   1 
ATOM   996  C CA  . SER A 1 123 ? -11.673 -8.693  -29.208 1.00 44.45 ? 216 SER A CA  1 
ATOM   997  C C   . SER A 1 123 ? -12.483 -9.334  -28.039 1.00 39.96 ? 216 SER A C   1 
ATOM   998  O O   . SER A 1 123 ? -13.632 -9.780  -28.198 1.00 37.18 ? 216 SER A O   1 
ATOM   999  C CB  . SER A 1 123 ? -12.143 -9.234  -30.575 1.00 41.76 ? 216 SER A CB  1 
ATOM   1000 O OG  . SER A 1 123 ? -12.146 -8.173  -31.496 1.00 46.20 ? 216 SER A OG  1 
ATOM   1001 N N   . LYS A 1 124 ? -11.872 -9.306  -26.838 1.00 33.11 ? 217 LYS A N   1 
ATOM   1002 C CA  . LYS A 1 124 ? -12.316 -9.931  -25.641 1.00 32.28 ? 217 LYS A CA  1 
ATOM   1003 C C   . LYS A 1 124 ? -12.480 -8.861  -24.484 1.00 34.69 ? 217 LYS A C   1 
ATOM   1004 O O   . LYS A 1 124 ? -11.580 -8.017  -24.278 1.00 32.56 ? 217 LYS A O   1 
ATOM   1005 C CB  . LYS A 1 124 ? -11.204 -10.925 -25.304 1.00 37.27 ? 217 LYS A CB  1 
ATOM   1006 C CG  . LYS A 1 124 ? -11.372 -11.782 -24.081 1.00 40.12 ? 217 LYS A CG  1 
ATOM   1007 C CD  . LYS A 1 124 ? -10.299 -12.919 -24.141 1.00 45.23 ? 217 LYS A CD  1 
ATOM   1008 N N   . LEU A 1 125 ? -13.609 -8.927  -23.768 1.00 29.51 ? 218 LEU A N   1 
ATOM   1009 C CA  . LEU A 1 125 ? -13.890 -8.059  -22.609 1.00 30.53 ? 218 LEU A CA  1 
ATOM   1010 C C   . LEU A 1 125 ? -13.082 -8.376  -21.360 1.00 31.54 ? 218 LEU A C   1 
ATOM   1011 O O   . LEU A 1 125 ? -12.823 -9.542  -21.040 1.00 30.28 ? 218 LEU A O   1 
ATOM   1012 C CB  . LEU A 1 125 ? -15.360 -8.224  -22.161 1.00 31.11 ? 218 LEU A CB  1 
ATOM   1013 C CG  . LEU A 1 125 ? -16.347 -7.825  -23.296 1.00 35.61 ? 218 LEU A CG  1 
ATOM   1014 C CD1 . LEU A 1 125 ? -17.718 -7.688  -22.748 1.00 40.81 ? 218 LEU A CD1 1 
ATOM   1015 C CD2 . LEU A 1 125 ? -15.942 -6.596  -24.091 1.00 37.54 ? 218 LEU A CD2 1 
ATOM   1016 N N   . GLY A 1 126 ? -12.856 -7.329  -20.583 1.00 29.75 ? 219 GLY A N   1 
ATOM   1017 C CA  . GLY A 1 126 ? -12.240 -7.499  -19.265 1.00 30.70 ? 219 GLY A CA  1 
ATOM   1018 C C   . GLY A 1 126 ? -10.784 -7.004  -19.294 1.00 30.12 ? 219 GLY A C   1 
ATOM   1019 O O   . GLY A 1 126 ? -10.369 -6.215  -20.141 1.00 31.75 ? 219 GLY A O   1 
ATOM   1020 N N   . LEU A 1 127 ? -10.047 -7.434  -18.279 1.00 31.99 ? 220 LEU A N   1 
ATOM   1021 C CA  . LEU A 1 127 ? -8.714  -6.952  -18.046 1.00 33.38 ? 220 LEU A CA  1 
ATOM   1022 C C   . LEU A 1 127 ? -7.707  -8.107  -17.916 1.00 30.20 ? 220 LEU A C   1 
ATOM   1023 O O   . LEU A 1 127 ? -8.043  -9.111  -17.384 1.00 32.88 ? 220 LEU A O   1 
ATOM   1024 C CB  . LEU A 1 127 ? -8.724  -6.141  -16.752 1.00 36.35 ? 220 LEU A CB  1 
ATOM   1025 C CG  . LEU A 1 127 ? -9.477  -4.793  -16.790 1.00 36.22 ? 220 LEU A CG  1 
ATOM   1026 C CD1 . LEU A 1 127 ? -9.618  -4.327  -15.346 1.00 43.64 ? 220 LEU A CD1 1 
ATOM   1027 C CD2 . LEU A 1 127 ? -8.786  -3.731  -17.651 1.00 39.13 ? 220 LEU A CD2 1 
ATOM   1028 N N   . ALA A 1 128 ? -6.489  -7.902  -18.371 1.00 31.00 ? 221 ALA A N   1 
ATOM   1029 C CA  . ALA A 1 128 ? -5.435  -8.920  -18.212 1.00 36.29 ? 221 ALA A CA  1 
ATOM   1030 C C   . ALA A 1 128 ? -4.936  -8.936  -16.740 1.00 37.63 ? 221 ALA A C   1 
ATOM   1031 O O   . ALA A 1 128 ? -5.001  -7.921  -16.028 1.00 34.64 ? 221 ALA A O   1 
ATOM   1032 C CB  . ALA A 1 128 ? -4.296  -8.626  -19.181 1.00 39.67 ? 221 ALA A CB  1 
ATOM   1033 N N   . PRO A 1 129 ? -4.489  -10.090 -16.264 1.00 37.48 ? 222 PRO A N   1 
ATOM   1034 C CA  . PRO A 1 129 ? -3.966  -10.209 -14.895 1.00 35.54 ? 222 PRO A CA  1 
ATOM   1035 C C   . PRO A 1 129 ? -2.824  -9.258  -14.689 1.00 30.12 ? 222 PRO A C   1 
ATOM   1036 O O   . PRO A 1 129 ? -2.091  -8.943  -15.663 1.00 28.95 ? 222 PRO A O   1 
ATOM   1037 C CB  . PRO A 1 129 ? -3.517  -11.666 -14.810 1.00 39.76 ? 222 PRO A CB  1 
ATOM   1038 C CG  . PRO A 1 129 ? -4.048  -12.382 -16.011 1.00 43.13 ? 222 PRO A CG  1 
ATOM   1039 C CD  . PRO A 1 129 ? -4.361  -11.355 -17.033 1.00 41.14 ? 222 PRO A CD  1 
ATOM   1040 N N   . ASN A 1 130 ? -2.743  -8.660  -13.482 1.00 30.85 ? 223 ASN A N   1 
ATOM   1041 C CA  . ASN A 1 130 ? -1.610  -7.808  -13.117 1.00 28.08 ? 223 ASN A CA  1 
ATOM   1042 C C   . ASN A 1 130 ? -1.246  -8.028  -11.670 1.00 27.21 ? 223 ASN A C   1 
ATOM   1043 O O   . ASN A 1 130 ? -2.102  -7.985  -10.832 1.00 27.93 ? 223 ASN A O   1 
ATOM   1044 C CB  . ASN A 1 130 ? -1.937  -6.351  -13.303 1.00 33.58 ? 223 ASN A CB  1 
ATOM   1045 C CG  . ASN A 1 130 ? -0.701  -5.461  -13.345 1.00 34.15 ? 223 ASN A CG  1 
ATOM   1046 O OD1 . ASN A 1 130 ? -0.068  -5.222  -12.324 1.00 28.99 ? 223 ASN A OD1 1 
ATOM   1047 N ND2 . ASN A 1 130 ? -0.343  -4.976  -14.517 1.00 35.65 ? 223 ASN A ND2 1 
ATOM   1048 N N   . LYS A 1 131 ? 0.030   -8.296  -11.410 1.00 24.96 ? 224 LYS A N   1 
ATOM   1049 C CA  . LYS A 1 131 ? 0.492   -8.618  -10.066 1.00 26.69 ? 224 LYS A CA  1 
ATOM   1050 C C   . LYS A 1 131 ? 0.397   -7.448  -9.065  1.00 26.24 ? 224 LYS A C   1 
ATOM   1051 O O   . LYS A 1 131 ? 0.486   -7.683  -7.865  1.00 25.57 ? 224 LYS A O   1 
ATOM   1052 C CB  . LYS A 1 131 ? 1.943   -9.190  -10.019 1.00 25.96 ? 224 LYS A CB  1 
ATOM   1053 C CG  . LYS A 1 131 ? 3.062   -8.283  -10.499 1.00 27.13 ? 224 LYS A CG  1 
ATOM   1054 C CD  . LYS A 1 131 ? 4.358   -9.045  -10.302 1.00 29.37 ? 224 LYS A CD  1 
ATOM   1055 C CE  . LYS A 1 131 ? 5.601   -8.250  -10.670 1.00 32.77 ? 224 LYS A CE  1 
ATOM   1056 N NZ  . LYS A 1 131 ? 6.825   -9.138  -10.487 1.00 32.37 ? 224 LYS A NZ  1 
ATOM   1057 N N   . PHE A 1 132 ? 0.237   -6.232  -9.581  1.00 22.23 ? 225 PHE A N   1 
ATOM   1058 C CA  . PHE A 1 132 ? 0.051   -4.999  -8.748  1.00 23.98 ? 225 PHE A CA  1 
ATOM   1059 C C   . PHE A 1 132 ? -1.428  -4.588  -8.501  1.00 25.48 ? 225 PHE A C   1 
ATOM   1060 O O   . PHE A 1 132 ? -1.678  -3.507  -8.008  1.00 25.15 ? 225 PHE A O   1 
ATOM   1061 C CB  . PHE A 1 132 ? 0.815   -3.858  -9.422  1.00 22.85 ? 225 PHE A CB  1 
ATOM   1062 C CG  . PHE A 1 132 ? 2.313   -4.118  -9.521  1.00 23.75 ? 225 PHE A CG  1 
ATOM   1063 C CD1 . PHE A 1 132 ? 3.083   -4.166  -8.374  1.00 22.23 ? 225 PHE A CD1 1 
ATOM   1064 C CD2 . PHE A 1 132 ? 2.931   -4.402  -10.754 1.00 25.41 ? 225 PHE A CD2 1 
ATOM   1065 C CE1 . PHE A 1 132 ? 4.485   -4.425  -8.413  1.00 22.34 ? 225 PHE A CE1 1 
ATOM   1066 C CE2 . PHE A 1 132 ? 4.332   -4.587  -10.831 1.00 25.94 ? 225 PHE A CE2 1 
ATOM   1067 C CZ  . PHE A 1 132 ? 5.087   -4.641  -9.654  1.00 25.51 ? 225 PHE A CZ  1 
ATOM   1068 N N   A PHE A 1 133 ? -2.369  -5.472  -8.835  0.32 26.50 ? 226 PHE A N   1 
ATOM   1069 N N   B PHE A 1 133 ? -2.371  -5.481  -8.828  0.22 25.73 ? 226 PHE A N   1 
ATOM   1070 C CA  A PHE A 1 133 ? -3.792  -5.147  -8.766  0.32 26.54 ? 226 PHE A CA  1 
ATOM   1071 C CA  B PHE A 1 133 ? -3.819  -5.216  -8.735  0.22 25.64 ? 226 PHE A CA  1 
ATOM   1072 C C   A PHE A 1 133 ? -4.229  -4.441  -7.462  0.32 25.69 ? 226 PHE A C   1 
ATOM   1073 C C   B PHE A 1 133 ? -4.217  -4.444  -7.468  0.22 25.14 ? 226 PHE A C   1 
ATOM   1074 O O   A PHE A 1 133 ? -4.984  -3.479  -7.518  0.32 23.40 ? 226 PHE A O   1 
ATOM   1075 O O   B PHE A 1 133 ? -4.937  -3.453  -7.550  0.22 23.75 ? 226 PHE A O   1 
ATOM   1076 C CB  A PHE A 1 133 ? -4.672  -6.391  -9.076  0.32 28.43 ? 226 PHE A CB  1 
ATOM   1077 C CB  B PHE A 1 133 ? -4.602  -6.555  -8.813  0.22 26.30 ? 226 PHE A CB  1 
ATOM   1078 C CG  A PHE A 1 133 ? -4.598  -7.513  -8.061  0.32 31.39 ? 226 PHE A CG  1 
ATOM   1079 C CG  B PHE A 1 133 ? -6.099  -6.414  -8.645  0.22 27.53 ? 226 PHE A CG  1 
ATOM   1080 C CD1 A PHE A 1 133 ? -3.579  -8.486  -8.110  0.32 32.80 ? 226 PHE A CD1 1 
ATOM   1081 C CD1 B PHE A 1 133 ? -6.885  -5.892  -9.669  0.22 30.63 ? 226 PHE A CD1 1 
ATOM   1082 C CD2 A PHE A 1 133 ? -5.610  -7.674  -7.109  0.32 33.67 ? 226 PHE A CD2 1 
ATOM   1083 C CD2 B PHE A 1 133 ? -6.733  -6.828  -7.472  0.22 28.88 ? 226 PHE A CD2 1 
ATOM   1084 C CE1 A PHE A 1 133 ? -3.564  -9.544  -7.211  0.32 33.73 ? 226 PHE A CE1 1 
ATOM   1085 C CE1 B PHE A 1 133 ? -8.264  -5.764  -9.526  0.22 29.00 ? 226 PHE A CE1 1 
ATOM   1086 C CE2 A PHE A 1 133 ? -5.589  -8.742  -6.208  0.32 33.95 ? 226 PHE A CE2 1 
ATOM   1087 C CE2 B PHE A 1 133 ? -8.114  -6.707  -7.323  0.22 29.99 ? 226 PHE A CE2 1 
ATOM   1088 C CZ  A PHE A 1 133 ? -4.566  -9.662  -6.249  0.32 32.51 ? 226 PHE A CZ  1 
ATOM   1089 C CZ  B PHE A 1 133 ? -8.876  -6.160  -8.349  0.22 29.64 ? 226 PHE A CZ  1 
ATOM   1090 N N   . MET A 1 134 ? -3.744  -4.898  -6.306  1.00 23.91 ? 227 MET A N   1 
ATOM   1091 C CA  . MET A 1 134 ? -4.104  -4.246  -5.005  1.00 24.51 ? 227 MET A CA  1 
ATOM   1092 C C   . MET A 1 134 ? -3.562  -2.810  -4.819  1.00 25.23 ? 227 MET A C   1 
ATOM   1093 O O   . MET A 1 134 ? -4.223  -1.976  -4.167  1.00 25.22 ? 227 MET A O   1 
ATOM   1094 C CB  . MET A 1 134 ? -3.707  -5.152  -3.850  1.00 30.10 ? 227 MET A CB  1 
ATOM   1095 C CG  . MET A 1 134 ? -4.519  -6.443  -3.797  1.00 32.14 ? 227 MET A CG  1 
ATOM   1096 S SD  . MET A 1 134 ? -4.036  -7.450  -2.339  1.00 35.77 ? 227 MET A SD  1 
ATOM   1097 C CE  . MET A 1 134 ? -2.348  -7.972  -2.726  1.00 36.11 ? 227 MET A CE  1 
ATOM   1098 N N   . ALA A 1 135 ? -2.364  -2.516  -5.380  1.00 22.25 ? 228 ALA A N   1 
ATOM   1099 C CA  . ALA A 1 135 ? -1.734  -1.213  -5.345  1.00 21.23 ? 228 ALA A CA  1 
ATOM   1100 C C   . ALA A 1 135 ? -2.290  -0.201  -6.335  1.00 21.16 ? 228 ALA A C   1 
ATOM   1101 O O   . ALA A 1 135 ? -2.292  1.040   -6.088  1.00 20.53 ? 228 ALA A O   1 
ATOM   1102 C CB  . ALA A 1 135 ? -0.265  -1.372  -5.572  1.00 21.89 ? 228 ALA A CB  1 
ATOM   1103 N N   . ILE A 1 136 ? -2.677  -0.708  -7.517  1.00 21.47 ? 229 ILE A N   1 
ATOM   1104 C CA  . ILE A 1 136 ? -3.039  0.156   -8.626  1.00 22.24 ? 229 ILE A CA  1 
ATOM   1105 C C   . ILE A 1 136 ? -3.999  1.308   -8.331  1.00 23.48 ? 229 ILE A C   1 
ATOM   1106 O O   . ILE A 1 136 ? -3.794  2.446   -8.765  1.00 22.06 ? 229 ILE A O   1 
ATOM   1107 C CB  . ILE A 1 136 ? -3.585  -0.727  -9.822  1.00 25.02 ? 229 ILE A CB  1 
ATOM   1108 C CG1 . ILE A 1 136 ? -2.374  -1.238  -10.602 1.00 26.15 ? 229 ILE A CG1 1 
ATOM   1109 C CG2 . ILE A 1 136 ? -4.541  0.033   -10.728 1.00 29.56 ? 229 ILE A CG2 1 
ATOM   1110 C CD1 . ILE A 1 136 ? -2.615  -2.488  -11.450 1.00 26.54 ? 229 ILE A CD1 1 
ATOM   1111 N N   . PRO A 1 137 ? -5.103  1.057   -7.585  1.00 26.92 ? 230 PRO A N   1 
ATOM   1112 C CA  . PRO A 1 137 ? -6.015  2.214   -7.376  1.00 25.63 ? 230 PRO A CA  1 
ATOM   1113 C C   . PRO A 1 137 ? -5.415  3.444   -6.671  1.00 25.53 ? 230 PRO A C   1 
ATOM   1114 O O   . PRO A 1 137 ? -5.877  4.593   -6.810  1.00 24.35 ? 230 PRO A O   1 
ATOM   1115 C CB  . PRO A 1 137 ? -7.158  1.602   -6.491  1.00 27.36 ? 230 PRO A CB  1 
ATOM   1116 C CG  . PRO A 1 137 ? -7.097  0.143   -6.676  1.00 29.96 ? 230 PRO A CG  1 
ATOM   1117 C CD  . PRO A 1 137 ? -5.654  -0.216  -7.068  1.00 29.94 ? 230 PRO A CD  1 
ATOM   1118 N N   . PHE A 1 138 ? -4.415  3.227   -5.839  1.00 22.51 ? 231 PHE A N   1 
ATOM   1119 C CA  . PHE A 1 138 ? -3.671  4.329   -5.147  1.00 24.66 ? 231 PHE A CA  1 
ATOM   1120 C C   . PHE A 1 138 ? -2.615  5.106   -5.930  1.00 25.21 ? 231 PHE A C   1 
ATOM   1121 O O   . PHE A 1 138 ? -2.200  6.143   -5.472  1.00 23.27 ? 231 PHE A O   1 
ATOM   1122 C CB  . PHE A 1 138 ? -3.030  3.795   -3.843  1.00 22.47 ? 231 PHE A CB  1 
ATOM   1123 C CG  . PHE A 1 138 ? -4.036  3.235   -2.855  1.00 24.51 ? 231 PHE A CG  1 
ATOM   1124 C CD1 . PHE A 1 138 ? -4.656  4.040   -1.922  1.00 28.79 ? 231 PHE A CD1 1 
ATOM   1125 C CD2 . PHE A 1 138 ? -4.415  1.890   -2.906  1.00 26.37 ? 231 PHE A CD2 1 
ATOM   1126 C CE1 . PHE A 1 138 ? -5.642  3.533   -1.056  1.00 26.91 ? 231 PHE A CE1 1 
ATOM   1127 C CE2 . PHE A 1 138 ? -5.366  1.381   -2.001  1.00 33.19 ? 231 PHE A CE2 1 
ATOM   1128 C CZ  . PHE A 1 138 ? -5.960  2.212   -1.076  1.00 26.86 ? 231 PHE A CZ  1 
ATOM   1129 N N   . ILE A 1 139 ? -2.139  4.588   -7.064  1.00 23.31 ? 232 ILE A N   1 
ATOM   1130 C CA  . ILE A 1 139 ? -0.983  5.153   -7.783  1.00 25.02 ? 232 ILE A CA  1 
ATOM   1131 C C   . ILE A 1 139 ? -1.180  6.548   -8.353  1.00 27.62 ? 232 ILE A C   1 
ATOM   1132 O O   . ILE A 1 139 ? -0.431  7.474   -8.070  1.00 24.62 ? 232 ILE A O   1 
ATOM   1133 C CB  . ILE A 1 139 ? -0.441  4.186   -8.844  1.00 25.28 ? 232 ILE A CB  1 
ATOM   1134 C CG1 . ILE A 1 139 ? 0.002   2.836   -8.190  1.00 24.18 ? 232 ILE A CG1 1 
ATOM   1135 C CG2 . ILE A 1 139 ? 0.770   4.780   -9.543  1.00 27.51 ? 232 ILE A CG2 1 
ATOM   1136 C CD1 . ILE A 1 139 ? 0.956   2.992   -7.061  1.00 26.77 ? 232 ILE A CD1 1 
ATOM   1137 N N   . ARG A 1 140 ? -2.265  6.753   -9.092  1.00 28.55 ? 233 ARG A N   1 
ATOM   1138 C CA  . ARG A 1 140 ? -2.548  8.095   -9.581  1.00 27.03 ? 233 ARG A CA  1 
ATOM   1139 C C   . ARG A 1 140 ? -2.835  9.094   -8.448  1.00 25.22 ? 233 ARG A C   1 
ATOM   1140 O O   . ARG A 1 140 ? -2.290  10.199  -8.449  1.00 28.69 ? 233 ARG A O   1 
ATOM   1141 C CB  . ARG A 1 140 ? -3.643  8.067   -10.665 1.00 29.57 ? 233 ARG A CB  1 
ATOM   1142 C CG  . ARG A 1 140 ? -4.100  9.441   -11.089 1.00 40.06 ? 233 ARG A CG  1 
ATOM   1143 C CD  . ARG A 1 140 ? -2.976  10.245  -11.718 1.00 53.57 ? 233 ARG A CD  1 
ATOM   1144 N NE  . ARG A 1 140 ? -2.079  9.439   -12.596 1.00 71.04 ? 233 ARG A NE  1 
ATOM   1145 C CZ  . ARG A 1 140 ? -0.857  9.814   -13.030 1.00 73.07 ? 233 ARG A CZ  1 
ATOM   1146 N NH1 . ARG A 1 140 ? -0.319  11.015  -12.716 1.00 69.43 ? 233 ARG A NH1 1 
ATOM   1147 N NH2 . ARG A 1 140 ? -0.167  8.981   -13.809 1.00 67.61 ? 233 ARG A NH2 1 
ATOM   1148 N N   . PRO A 1 141 ? -3.685  8.764   -7.473  1.00 25.74 ? 234 PRO A N   1 
ATOM   1149 C CA  . PRO A 1 141 ? -3.820  9.682   -6.360  1.00 24.29 ? 234 PRO A CA  1 
ATOM   1150 C C   . PRO A 1 141 ? -2.532  9.965   -5.580  1.00 26.12 ? 234 PRO A C   1 
ATOM   1151 O O   . PRO A 1 141 ? -2.332  11.123  -5.161  1.00 24.96 ? 234 PRO A O   1 
ATOM   1152 C CB  . PRO A 1 141 ? -4.883  8.984   -5.433  1.00 26.44 ? 234 PRO A CB  1 
ATOM   1153 C CG  . PRO A 1 141 ? -5.567  8.100   -6.289  1.00 25.66 ? 234 PRO A CG  1 
ATOM   1154 C CD  . PRO A 1 141 ? -4.688  7.671   -7.382  1.00 27.34 ? 234 PRO A CD  1 
ATOM   1155 N N   . LEU A 1 142 ? -1.635  8.983   -5.463  1.00 25.02 ? 235 LEU A N   1 
ATOM   1156 C CA  . LEU A 1 142 ? -0.307  9.256   -4.870  1.00 23.27 ? 235 LEU A CA  1 
ATOM   1157 C C   . LEU A 1 142 ? 0.574   10.281  -5.656  1.00 26.45 ? 235 LEU A C   1 
ATOM   1158 O O   . LEU A 1 142 ? 1.166   11.183  -5.102  1.00 25.15 ? 235 LEU A O   1 
ATOM   1159 C CB  . LEU A 1 142 ? 0.456   7.952   -4.616  1.00 23.05 ? 235 LEU A CB  1 
ATOM   1160 C CG  . LEU A 1 142 ? 1.889   8.075   -4.061  1.00 24.25 ? 235 LEU A CG  1 
ATOM   1161 C CD1 . LEU A 1 142 ? 1.854   8.734   -2.677  1.00 25.15 ? 235 LEU A CD1 1 
ATOM   1162 C CD2 . LEU A 1 142 ? 2.551   6.660   -4.008  1.00 24.80 ? 235 LEU A CD2 1 
ATOM   1163 N N   . ARG A 1 143 ? 0.671   10.087  -6.955  1.00 27.50 ? 236 ARG A N   1 
ATOM   1164 C CA  . ARG A 1 143 ? 1.460   10.939  -7.816  1.00 30.22 ? 236 ARG A CA  1 
ATOM   1165 C C   . ARG A 1 143 ? 0.918   12.411  -7.747  1.00 29.02 ? 236 ARG A C   1 
ATOM   1166 O O   . ARG A 1 143 ? 1.703   13.372  -7.675  1.00 29.58 ? 236 ARG A O   1 
ATOM   1167 C CB  . ARG A 1 143 ? 1.431   10.370  -9.244  1.00 27.01 ? 236 ARG A CB  1 
ATOM   1168 C CG  . ARG A 1 143 ? 2.201   9.060   -9.443  1.00 28.09 ? 236 ARG A CG  1 
ATOM   1169 C CD  . ARG A 1 143 ? 2.140   8.674   -10.937 1.00 33.99 ? 236 ARG A CD  1 
ATOM   1170 N NE  . ARG A 1 143 ? 2.893   7.474   -11.207 1.00 31.23 ? 236 ARG A NE  1 
ATOM   1171 C CZ  . ARG A 1 143 ? 2.649   6.547   -12.145 1.00 33.13 ? 236 ARG A CZ  1 
ATOM   1172 N NH1 . ARG A 1 143 ? 1.613   6.625   -12.952 1.00 35.49 ? 236 ARG A NH1 1 
ATOM   1173 N NH2 . ARG A 1 143 ? 3.426   5.479   -12.227 1.00 32.95 ? 236 ARG A NH2 1 
ATOM   1174 N N   . ASP A 1 144 ? -0.404  12.563  -7.704  1.00 29.27 ? 237 ASP A N   1 
ATOM   1175 C CA  . ASP A 1 144 ? -1.055  13.889  -7.589  1.00 33.30 ? 237 ASP A CA  1 
ATOM   1176 C C   . ASP A 1 144 ? -0.791  14.539  -6.231  1.00 40.60 ? 237 ASP A C   1 
ATOM   1177 O O   . ASP A 1 144 ? -0.468  15.714  -6.162  1.00 43.82 ? 237 ASP A O   1 
ATOM   1178 C CB  . ASP A 1 144 ? -2.571  13.825  -7.850  1.00 33.17 ? 237 ASP A CB  1 
ATOM   1179 C CG  . ASP A 1 144 ? -2.949  13.463  -9.324  1.00 38.74 ? 237 ASP A CG  1 
ATOM   1180 O OD1 . ASP A 1 144 ? -2.077  13.442  -10.243 1.00 41.16 ? 237 ASP A OD1 1 
ATOM   1181 O OD2 . ASP A 1 144 ? -4.148  13.073  -9.521  1.00 48.35 ? 237 ASP A OD2 1 
ATOM   1182 N N   . TRP A 1 145 ? -0.842  13.745  -5.154  1.00 31.99 ? 238 TRP A N   1 
ATOM   1183 C CA  . TRP A 1 145 ? -0.493  14.199  -3.852  1.00 31.37 ? 238 TRP A CA  1 
ATOM   1184 C C   . TRP A 1 145 ? 0.988   14.641  -3.735  1.00 30.70 ? 238 TRP A C   1 
ATOM   1185 O O   . TRP A 1 145 ? 1.273   15.718  -3.159  1.00 32.56 ? 238 TRP A O   1 
ATOM   1186 C CB  . TRP A 1 145 ? -0.839  13.099  -2.831  1.00 33.88 ? 238 TRP A CB  1 
ATOM   1187 C CG  . TRP A 1 145 ? -0.805  13.496  -1.333  1.00 31.43 ? 238 TRP A CG  1 
ATOM   1188 C CD1 . TRP A 1 145 ? -1.903  13.805  -0.550  1.00 37.05 ? 238 TRP A CD1 1 
ATOM   1189 C CD2 . TRP A 1 145 ? 0.345   13.635  -0.482  1.00 28.35 ? 238 TRP A CD2 1 
ATOM   1190 N NE1 . TRP A 1 145 ? -1.512  14.068  0.759   1.00 39.55 ? 238 TRP A NE1 1 
ATOM   1191 C CE2 . TRP A 1 145 ? -0.138  14.009  0.818   1.00 34.49 ? 238 TRP A CE2 1 
ATOM   1192 C CE3 . TRP A 1 145 ? 1.733   13.463  -0.661  1.00 28.27 ? 238 TRP A CE3 1 
ATOM   1193 C CZ2 . TRP A 1 145 ? 0.716   14.184  1.897   1.00 35.53 ? 238 TRP A CZ2 1 
ATOM   1194 C CZ3 . TRP A 1 145 ? 2.589   13.640  0.418   1.00 29.99 ? 238 TRP A CZ3 1 
ATOM   1195 C CH2 . TRP A 1 145 ? 2.083   14.051  1.672   1.00 34.55 ? 238 TRP A CH2 1 
ATOM   1196 N N   . LEU A 1 146 ? 1.913   13.860  -4.270  1.00 27.11 ? 239 LEU A N   1 
ATOM   1197 C CA  . LEU A 1 146 ? 3.368   14.213  -4.217  1.00 30.39 ? 239 LEU A CA  1 
ATOM   1198 C C   . LEU A 1 146 ? 3.652   15.517  -5.083  1.00 34.79 ? 239 LEU A C   1 
ATOM   1199 O O   . LEU A 1 146 ? 4.403   16.372  -4.678  1.00 33.20 ? 239 LEU A O   1 
ATOM   1200 C CB  . LEU A 1 146 ? 4.199   13.098  -4.732  1.00 27.34 ? 239 LEU A CB  1 
ATOM   1201 C CG  . LEU A 1 146 ? 4.195   11.805  -3.883  1.00 28.34 ? 239 LEU A CG  1 
ATOM   1202 C CD1 . LEU A 1 146 ? 4.905   10.656  -4.605  1.00 27.31 ? 239 LEU A CD1 1 
ATOM   1203 C CD2 . LEU A 1 146 ? 4.817   12.075  -2.517  1.00 29.78 ? 239 LEU A CD2 1 
ATOM   1204 N N   . SER A 1 147 ? 3.011   15.639  -6.224  1.00 34.27 ? 240 SER A N   1 
ATOM   1205 C CA  . SER A 1 147 ? 3.111   16.860  -7.066  1.00 37.81 ? 240 SER A CA  1 
ATOM   1206 C C   . SER A 1 147 ? 2.724   18.094  -6.293  1.00 42.70 ? 240 SER A C   1 
ATOM   1207 O O   . SER A 1 147 ? 3.455   19.049  -6.295  1.00 44.28 ? 240 SER A O   1 
ATOM   1208 C CB  . SER A 1 147 ? 2.176   16.787  -8.264  1.00 40.76 ? 240 SER A CB  1 
ATOM   1209 O OG  . SER A 1 147 ? 2.678   15.882  -9.172  1.00 57.07 ? 240 SER A OG  1 
ATOM   1210 N N   . ARG A 1 148 ? 1.569   18.078  -5.645  1.00 43.56 ? 241 ARG A N   1 
ATOM   1211 C CA  . ARG A 1 148 ? 1.154   19.214  -4.848  1.00 47.37 ? 241 ARG A CA  1 
ATOM   1212 C C   . ARG A 1 148 ? 2.074   19.570  -3.604  1.00 53.07 ? 241 ARG A C   1 
ATOM   1213 O O   . ARG A 1 148 ? 2.480   20.742  -3.440  1.00 53.33 ? 241 ARG A O   1 
ATOM   1214 C CB  . ARG A 1 148 ? -0.323  19.081  -4.448  1.00 46.62 ? 241 ARG A CB  1 
ATOM   1215 C CG  . ARG A 1 148 ? -1.318  19.106  -5.583  1.00 52.81 ? 241 ARG A CG  1 
ATOM   1216 N N   . ARG A 1 149 ? 2.376   18.576  -2.767  0.50 48.84 ? 242 ARG A N   1 
ATOM   1217 C CA  . ARG A 1 149 ? 3.197   18.772  -1.558  0.50 48.22 ? 242 ARG A CA  1 
ATOM   1218 C C   . ARG A 1 149 ? 4.672   19.085  -1.837  0.50 51.42 ? 242 ARG A C   1 
ATOM   1219 O O   . ARG A 1 149 ? 5.300   19.817  -1.066  0.50 53.59 ? 242 ARG A O   1 
ATOM   1220 C CB  . ARG A 1 149 ? 3.081   17.545  -0.648  0.50 49.11 ? 242 ARG A CB  1 
ATOM   1221 C CG  . ARG A 1 149 ? 4.204   17.349  0.373   0.50 48.46 ? 242 ARG A CG  1 
ATOM   1222 C CD  . ARG A 1 149 ? 3.994   18.130  1.658   0.50 46.22 ? 242 ARG A CD  1 
ATOM   1223 N NE  . ARG A 1 149 ? 2.599   18.153  2.073   0.50 43.08 ? 242 ARG A NE  1 
ATOM   1224 C CZ  . ARG A 1 149 ? 2.125   17.567  3.163   0.50 41.82 ? 242 ARG A CZ  1 
ATOM   1225 N NH1 . ARG A 1 149 ? 0.835   17.653  3.439   0.50 43.69 ? 242 ARG A NH1 1 
ATOM   1226 N NH2 . ARG A 1 149 ? 2.927   16.898  3.971   0.50 38.74 ? 242 ARG A NH2 1 
ATOM   1227 N N   . PHE A 1 150 ? 5.214   18.561  -2.936  1.00 51.81 ? 243 PHE A N   1 
ATOM   1228 C CA  . PHE A 1 150 ? 6.646   18.652  -3.233  1.00 47.28 ? 243 PHE A CA  1 
ATOM   1229 C C   . PHE A 1 150 ? 7.039   19.267  -4.567  1.00 59.64 ? 243 PHE A C   1 
ATOM   1230 O O   . PHE A 1 150 ? 8.164   19.729  -4.677  1.00 61.96 ? 243 PHE A O   1 
ATOM   1231 C CB  . PHE A 1 150 ? 7.284   17.256  -3.145  1.00 46.00 ? 243 PHE A CB  1 
ATOM   1232 C CG  . PHE A 1 150 ? 7.293   16.642  -1.760  1.00 43.92 ? 243 PHE A CG  1 
ATOM   1233 C CD1 . PHE A 1 150 ? 8.143   17.136  -0.753  1.00 46.24 ? 243 PHE A CD1 1 
ATOM   1234 C CD2 . PHE A 1 150 ? 6.515   15.526  -1.461  1.00 39.83 ? 243 PHE A CD2 1 
ATOM   1235 C CE1 . PHE A 1 150 ? 8.176   16.553  0.489   1.00 39.18 ? 243 PHE A CE1 1 
ATOM   1236 C CE2 . PHE A 1 150 ? 6.552   14.925  -0.211  1.00 37.84 ? 243 PHE A CE2 1 
ATOM   1237 C CZ  . PHE A 1 150 ? 7.371   15.457  0.786   1.00 40.75 ? 243 PHE A CZ  1 
ATOM   1238 N N   . GLY A 1 151 ? 6.167   19.258  -5.578  1.00 66.26 ? 244 GLY A N   1 
ATOM   1239 C CA  . GLY A 1 151 ? 6.478   19.829  -6.883  1.00 62.04 ? 244 GLY A CA  1 
ATOM   1240 C C   . GLY A 1 151 ? 7.606   19.124  -7.623  1.00 67.32 ? 244 GLY A C   1 
ATOM   1241 O O   . GLY A 1 151 ? 8.059   19.590  -8.678  1.00 77.89 ? 244 GLY A O   1 
HETATM 1242 C C1  . EDO B 2 .   ? 2.556   -0.309  16.584  1.00 67.45 ? 301 EDO A C1  1 
HETATM 1243 O O1  . EDO B 2 .   ? 3.334   -1.487  16.829  1.00 66.72 ? 301 EDO A O1  1 
HETATM 1244 C C2  . EDO B 2 .   ? 2.912   0.853   17.548  1.00 69.19 ? 301 EDO A C2  1 
HETATM 1245 O O2  . EDO B 2 .   ? 1.778   1.677   17.980  1.00 66.46 ? 301 EDO A O2  1 
HETATM 1246 C C1  . EDO C 2 .   ? -0.630  -12.211 -11.851 1.00 56.37 ? 302 EDO A C1  1 
HETATM 1247 O O1  . EDO C 2 .   ? -1.758  -11.545 -11.234 1.00 57.16 ? 302 EDO A O1  1 
HETATM 1248 C C2  . EDO C 2 .   ? -0.400  -11.737 -13.281 1.00 59.01 ? 302 EDO A C2  1 
HETATM 1249 O O2  . EDO C 2 .   ? 0.868   -11.100 -13.515 1.00 67.19 ? 302 EDO A O2  1 
HETATM 1250 S S   . DMS D 3 .   ? 14.460  0.271   -5.967  1.00 58.38 ? 303 DMS A S   1 
HETATM 1251 O O   . DMS D 3 .   ? 13.272  -0.134  -6.728  1.00 63.14 ? 303 DMS A O   1 
HETATM 1252 C C1  . DMS D 3 .   ? 15.489  -1.083  -5.780  1.00 54.01 ? 303 DMS A C1  1 
HETATM 1253 C C2  . DMS D 3 .   ? 15.342  1.369   -6.953  1.00 60.10 ? 303 DMS A C2  1 
HETATM 1254 C C   . ACT E 4 .   ? -0.596  -18.471 -6.271  1.00 55.48 ? 304 ACT A C   1 
HETATM 1255 O O   . ACT E 4 .   ? 0.016   -17.424 -6.353  1.00 58.87 ? 304 ACT A O   1 
HETATM 1256 O OXT . ACT E 4 .   ? -1.478  -18.578 -5.398  1.00 53.47 ? 304 ACT A OXT 1 
HETATM 1257 C CH3 . ACT E 4 .   ? -0.242  -19.575 -7.239  1.00 57.32 ? 304 ACT A CH3 1 
HETATM 1258 C C   . ACT F 4 .   ? -5.441  -9.871  -10.891 1.00 53.60 ? 305 ACT A C   1 
HETATM 1259 O O   . ACT F 4 .   ? -5.143  -8.922  -11.611 1.00 51.85 ? 305 ACT A O   1 
HETATM 1260 O OXT . ACT F 4 .   ? -4.552  -10.737 -10.675 1.00 66.99 ? 305 ACT A OXT 1 
HETATM 1261 C CH3 . ACT F 4 .   ? -6.857  -9.986  -10.351 1.00 53.78 ? 305 ACT A CH3 1 
HETATM 1262 C C10 . JGP G 5 .   ? -1.781  -6.251  2.424   0.54 26.95 ? 306 JGP A C10 1 
HETATM 1263 C C13 . JGP G 5 .   ? -1.791  -9.230  2.009   0.54 27.61 ? 306 JGP A C13 1 
HETATM 1264 C C15 . JGP G 5 .   ? -2.994  -7.918  3.850   0.54 26.39 ? 306 JGP A C15 1 
HETATM 1265 C C17 . JGP G 5 .   ? -10.048 -7.307  2.796   0.54 36.58 ? 306 JGP A C17 1 
HETATM 1266 C C01 . JGP G 5 .   ? -5.829  -6.598  4.292   0.54 31.40 ? 306 JGP A C01 1 
HETATM 1267 C C02 . JGP G 5 .   ? -7.121  -6.820  4.786   0.54 32.57 ? 306 JGP A C02 1 
HETATM 1268 C C03 . JGP G 5 .   ? -8.112  -7.002  3.868   0.54 33.35 ? 306 JGP A C03 1 
HETATM 1269 C C04 . JGP G 5 .   ? -7.856  -6.983  2.509   0.54 34.15 ? 306 JGP A C04 1 
HETATM 1270 C C05 . JGP G 5 .   ? -6.605  -6.760  2.007   0.54 30.74 ? 306 JGP A C05 1 
HETATM 1271 C C06 . JGP G 5 .   ? -5.558  -6.581  2.931   0.54 29.70 ? 306 JGP A C06 1 
HETATM 1272 C C07 . JGP G 5 .   ? -4.196  -6.284  2.345   0.54 29.60 ? 306 JGP A C07 1 
HETATM 1273 O O08 . JGP G 5 .   ? -4.147  -5.532  1.370   0.54 27.63 ? 306 JGP A O08 1 
HETATM 1274 N N09 . JGP G 5 .   ? -3.063  -6.806  2.885   0.54 26.81 ? 306 JGP A N09 1 
HETATM 1275 C C11 . JGP G 5 .   ? -1.295  -6.887  1.135   0.54 28.12 ? 306 JGP A C11 1 
HETATM 1276 C C12 . JGP G 5 .   ? -0.804  -8.307  1.336   0.54 26.57 ? 306 JGP A C12 1 
HETATM 1277 C C14 . JGP G 5 .   ? -1.963  -8.977  3.502   0.54 28.52 ? 306 JGP A C14 1 
HETATM 1278 O O16 . JGP G 5 .   ? -9.018  -7.210  1.806   0.54 35.33 ? 306 JGP A O16 1 
HETATM 1279 O O18 . JGP G 5 .   ? -9.446  -7.251  4.092   0.54 36.48 ? 306 JGP A O18 1 
HETATM 1280 O O   . HOH H 6 .   ? -3.887  -6.779  -23.263 1.00 74.32 ? 401 HOH A O   1 
HETATM 1281 O O   . HOH H 6 .   ? 15.224  -1.752  2.945   1.00 42.61 ? 402 HOH A O   1 
HETATM 1282 O O   . HOH H 6 .   ? 6.238   -16.514 4.222   1.00 38.51 ? 403 HOH A O   1 
HETATM 1283 O O   . HOH H 6 .   ? -6.731  8.226   14.472  1.00 47.67 ? 404 HOH A O   1 
HETATM 1284 O O   . HOH H 6 .   ? 1.825   -8.805  -13.768 1.00 36.00 ? 405 HOH A O   1 
HETATM 1285 O O   . HOH H 6 .   ? -0.035  4.182   17.844  1.00 48.49 ? 406 HOH A O   1 
HETATM 1286 O O   . HOH H 6 .   ? 8.123   10.631  -6.974  1.00 40.21 ? 407 HOH A O   1 
HETATM 1287 O O   . HOH H 6 .   ? -5.832  11.486  -8.501  1.00 56.19 ? 408 HOH A O   1 
HETATM 1288 O O   . HOH H 6 .   ? 11.970  12.910  -6.127  1.00 49.46 ? 409 HOH A O   1 
HETATM 1289 O O   . HOH H 6 .   ? -2.710  -4.039  -0.110  1.00 32.05 ? 410 HOH A O   1 
HETATM 1290 O O   . HOH H 6 .   ? 4.461   8.624   18.951  1.00 65.51 ? 411 HOH A O   1 
HETATM 1291 O O   . HOH H 6 .   ? -5.876  11.018  10.917  1.00 43.97 ? 412 HOH A O   1 
HETATM 1292 O O   . HOH H 6 .   ? -1.430  -8.002  9.607   1.00 48.66 ? 413 HOH A O   1 
HETATM 1293 O O   . HOH H 6 .   ? -17.559 -3.279  -8.320  1.00 44.13 ? 414 HOH A O   1 
HETATM 1294 O O   . HOH H 6 .   ? -7.312  -0.906  -14.090 1.00 47.86 ? 415 HOH A O   1 
HETATM 1295 O O   . HOH H 6 .   ? 2.071   -15.170 -3.297  1.00 27.84 ? 416 HOH A O   1 
HETATM 1296 O O   . HOH H 6 .   ? -8.202  5.380   -7.798  1.00 31.39 ? 417 HOH A O   1 
HETATM 1297 O O   . HOH H 6 .   ? -6.661  -2.422  -3.241  1.00 47.05 ? 418 HOH A O   1 
HETATM 1298 O O   . HOH H 6 .   ? -15.416 -10.875 -29.827 1.00 28.96 ? 419 HOH A O   1 
HETATM 1299 O O   . HOH H 6 .   ? -6.429  -3.405  18.558  1.00 57.45 ? 420 HOH A O   1 
HETATM 1300 O O   . HOH H 6 .   ? 0.430   13.753  -11.076 1.00 57.47 ? 421 HOH A O   1 
HETATM 1301 O O   . HOH H 6 .   ? -5.792  12.727  0.289   1.00 50.34 ? 422 HOH A O   1 
HETATM 1302 O O   . HOH H 6 .   ? -3.826  -0.995  18.539  1.00 48.72 ? 423 HOH A O   1 
HETATM 1303 O O   . HOH H 6 .   ? 8.597   -12.608 -4.235  1.00 33.76 ? 424 HOH A O   1 
HETATM 1304 O O   . HOH H 6 .   ? -6.839  2.710   19.670  1.00 44.12 ? 425 HOH A O   1 
HETATM 1305 O O   . HOH H 6 .   ? 15.348  3.242   9.181   1.00 49.50 ? 426 HOH A O   1 
HETATM 1306 O O   . HOH H 6 .   ? -4.312  4.790   -9.999  1.00 27.19 ? 427 HOH A O   1 
HETATM 1307 O O   . HOH H 6 .   ? -12.616 2.954   11.761  1.00 39.94 ? 428 HOH A O   1 
HETATM 1308 O O   . HOH H 6 .   ? 4.020   0.484   12.060  1.00 28.55 ? 429 HOH A O   1 
HETATM 1309 O O   . HOH H 6 .   ? 3.541   12.935  5.614   1.00 38.35 ? 430 HOH A O   1 
HETATM 1310 O O   . HOH H 6 .   ? 6.608   11.567  16.992  1.00 28.50 ? 431 HOH A O   1 
HETATM 1311 O O   . HOH H 6 .   ? 13.460  4.202   -8.645  1.00 46.98 ? 432 HOH A O   1 
HETATM 1312 O O   . HOH H 6 .   ? 9.423   7.430   20.770  1.00 53.75 ? 433 HOH A O   1 
HETATM 1313 O O   . HOH H 6 .   ? 4.190   1.230   2.089   1.00 22.16 ? 434 HOH A O   1 
HETATM 1314 O O   . HOH H 6 .   ? -11.890 -6.281  17.375  1.00 53.46 ? 435 HOH A O   1 
HETATM 1315 O O   . HOH H 6 .   ? 11.504  -4.450  -6.707  1.00 49.57 ? 436 HOH A O   1 
HETATM 1316 O O   . HOH H 6 .   ? -1.896  -7.061  -6.116  1.00 28.14 ? 437 HOH A O   1 
HETATM 1317 O O   . HOH H 6 .   ? 10.498  2.905   13.978  1.00 36.37 ? 438 HOH A O   1 
HETATM 1318 O O   . HOH H 6 .   ? -0.645  -10.086 8.146   1.00 54.28 ? 439 HOH A O   1 
HETATM 1319 O O   . HOH H 6 .   ? -0.683  0.409   17.294  1.00 39.75 ? 440 HOH A O   1 
HETATM 1320 O O   . HOH H 6 .   ? -0.980  -1.294  -17.284 1.00 57.43 ? 441 HOH A O   1 
HETATM 1321 O O   . HOH H 6 .   ? -0.848  -10.287 -17.904 1.00 55.17 ? 442 HOH A O   1 
HETATM 1322 O O   . HOH H 6 .   ? -8.700  -2.984  2.013   0.54 25.42 ? 443 HOH A O   1 
HETATM 1323 O O   . HOH H 6 .   ? -10.754 -5.727  -22.876 1.00 37.78 ? 444 HOH A O   1 
HETATM 1324 O O   . HOH H 6 .   ? -6.752  -2.907  -9.620  1.00 49.34 ? 445 HOH A O   1 
HETATM 1325 O O   . HOH H 6 .   ? 4.319   12.984  -8.626  1.00 35.02 ? 446 HOH A O   1 
HETATM 1326 O O   . HOH H 6 .   ? 3.101   10.616  14.954  1.00 52.07 ? 447 HOH A O   1 
HETATM 1327 O O   . HOH H 6 .   ? 7.684   5.019   15.500  1.00 32.41 ? 448 HOH A O   1 
HETATM 1328 O O   . HOH H 6 .   ? -0.130  -18.222 -2.950  1.00 28.00 ? 449 HOH A O   1 
HETATM 1329 O O   . HOH H 6 .   ? -4.532  12.699  -4.364  1.00 36.21 ? 450 HOH A O   1 
HETATM 1330 O O   . HOH H 6 .   ? -6.868  2.861   -11.743 1.00 69.70 ? 451 HOH A O   1 
HETATM 1331 O O   . HOH H 6 .   ? 10.770  0.144   13.639  1.00 36.53 ? 452 HOH A O   1 
HETATM 1332 O O   . HOH H 6 .   ? 5.097   11.257  7.740   1.00 22.52 ? 453 HOH A O   1 
HETATM 1333 O O   . HOH H 6 .   ? 0.074   5.080   15.537  1.00 45.71 ? 454 HOH A O   1 
HETATM 1334 O O   . HOH H 6 .   ? 9.935   6.811   -9.572  1.00 27.94 ? 455 HOH A O   1 
HETATM 1335 O O   . HOH H 6 .   ? -15.604 0.569   5.396   1.00 45.13 ? 456 HOH A O   1 
HETATM 1336 O O   . HOH H 6 .   ? 17.124  -1.135  9.963   1.00 49.90 ? 457 HOH A O   1 
HETATM 1337 O O   . HOH H 6 .   ? -2.731  -1.688  -1.712  1.00 26.05 ? 458 HOH A O   1 
HETATM 1338 O O   . HOH H 6 .   ? 1.056   10.267  7.693   1.00 22.83 ? 459 HOH A O   1 
HETATM 1339 O O   . HOH H 6 .   ? -7.914  10.929  0.256   1.00 47.20 ? 460 HOH A O   1 
HETATM 1340 O O   . HOH H 6 .   ? -3.831  14.393  2.748   1.00 46.41 ? 461 HOH A O   1 
HETATM 1341 O O   . HOH H 6 .   ? 6.972   -0.657  -16.092 1.00 52.74 ? 462 HOH A O   1 
HETATM 1342 O O   . HOH H 6 .   ? -17.784 1.945   -3.219  1.00 42.16 ? 463 HOH A O   1 
HETATM 1343 O O   . HOH H 6 .   ? 10.801  -0.966  -9.708  1.00 23.24 ? 464 HOH A O   1 
HETATM 1344 O O   . HOH H 6 .   ? -14.145 -4.112  13.672  1.00 54.83 ? 465 HOH A O   1 
HETATM 1345 O O   . HOH H 6 .   ? 0.686   7.453   15.936  1.00 43.98 ? 466 HOH A O   1 
HETATM 1346 O O   . HOH H 6 .   ? -12.982 6.472   -3.623  1.00 37.52 ? 467 HOH A O   1 
HETATM 1347 O O   . HOH H 6 .   ? -6.953  -7.632  8.039   1.00 37.11 ? 468 HOH A O   1 
HETATM 1348 O O   . HOH H 6 .   ? -9.957  -9.588  -13.853 1.00 57.98 ? 469 HOH A O   1 
HETATM 1349 O O   . HOH H 6 .   ? -11.551 -8.798  -16.050 1.00 45.79 ? 470 HOH A O   1 
HETATM 1350 O O   . HOH H 6 .   ? -0.093  14.512  13.331  1.00 35.67 ? 471 HOH A O   1 
HETATM 1351 O O   . HOH H 6 .   ? 16.246  4.691   -6.819  1.00 58.42 ? 472 HOH A O   1 
HETATM 1352 O O   . HOH H 6 .   ? 9.704   -10.368 -6.928  1.00 64.17 ? 473 HOH A O   1 
HETATM 1353 O O   . HOH H 6 .   ? 13.822  -4.031  -2.185  1.00 33.31 ? 474 HOH A O   1 
HETATM 1354 O O   . HOH H 6 .   ? -11.404 4.880   18.662  1.00 61.63 ? 475 HOH A O   1 
HETATM 1355 O O   . HOH H 6 .   ? -5.108  -0.977  -22.088 1.00 55.03 ? 476 HOH A O   1 
HETATM 1356 O O   . HOH H 6 .   ? 2.546   -12.082 -7.700  1.00 42.85 ? 477 HOH A O   1 
HETATM 1357 O O   . HOH H 6 .   ? 19.695  -0.245  8.749   1.00 71.91 ? 478 HOH A O   1 
HETATM 1358 O O   . HOH H 6 .   ? -1.582  17.413  -8.596  1.00 59.42 ? 479 HOH A O   1 
HETATM 1359 O O   . HOH H 6 .   ? -4.230  -2.525  -23.320 1.00 71.90 ? 480 HOH A O   1 
HETATM 1360 O O   . HOH H 6 .   ? -1.475  3.025   -21.218 1.00 70.61 ? 481 HOH A O   1 
HETATM 1361 O O   . HOH H 6 .   ? -6.166  14.037  3.567   1.00 60.43 ? 482 HOH A O   1 
HETATM 1362 O O   . HOH H 6 .   ? -20.539 8.741   -3.054  1.00 36.24 ? 483 HOH A O   1 
HETATM 1363 O O   . HOH H 6 .   ? -7.931  9.839   -2.990  1.00 63.43 ? 484 HOH A O   1 
HETATM 1364 O O   . HOH H 6 .   ? -7.894  -7.659  -1.764  0.54 44.17 ? 485 HOH A O   1 
HETATM 1365 O O   . HOH H 6 .   ? -6.441  12.739  -6.457  1.00 54.27 ? 486 HOH A O   1 
HETATM 1366 O O   . HOH H 6 .   ? 12.961  -0.938  12.270  1.00 55.55 ? 487 HOH A O   1 
HETATM 1367 O O   . HOH H 6 .   ? 7.722   -2.878  -11.954 1.00 47.86 ? 488 HOH A O   1 
HETATM 1368 O O   . HOH H 6 .   ? 10.528  -0.917  16.370  1.00 43.28 ? 489 HOH A O   1 
HETATM 1369 O O   . HOH H 6 .   ? -6.073  11.988  -2.685  1.00 50.50 ? 490 HOH A O   1 
# 
